data_2JD3
# 
_entry.id   2JD3 
# 
_audit_conform.dict_name       mmcif_pdbx.dic 
_audit_conform.dict_version    5.391 
_audit_conform.dict_location   http://mmcif.pdb.org/dictionaries/ascii/mmcif_pdbx.dic 
# 
loop_
_database_2.database_id 
_database_2.database_code 
_database_2.pdbx_database_accession 
_database_2.pdbx_DOI 
PDB   2JD3         pdb_00002jd3 10.2210/pdb2jd3/pdb 
PDBE  EBI-30993    ?            ?                   
WWPDB D_1290030993 ?            ?                   
# 
loop_
_pdbx_audit_revision_history.ordinal 
_pdbx_audit_revision_history.data_content_type 
_pdbx_audit_revision_history.major_revision 
_pdbx_audit_revision_history.minor_revision 
_pdbx_audit_revision_history.revision_date 
1 'Structure model' 1 0 2007-10-09 
2 'Structure model' 1 1 2011-05-08 
3 'Structure model' 1 2 2011-07-13 
4 'Structure model' 1 3 2024-05-08 
# 
_pdbx_audit_revision_details.ordinal             1 
_pdbx_audit_revision_details.revision_ordinal    1 
_pdbx_audit_revision_details.data_content_type   'Structure model' 
_pdbx_audit_revision_details.provider            repository 
_pdbx_audit_revision_details.type                'Initial release' 
_pdbx_audit_revision_details.description         ? 
_pdbx_audit_revision_details.details             ? 
# 
loop_
_pdbx_audit_revision_group.ordinal 
_pdbx_audit_revision_group.revision_ordinal 
_pdbx_audit_revision_group.data_content_type 
_pdbx_audit_revision_group.group 
1 2 'Structure model' 'Version format compliance' 
2 3 'Structure model' 'Version format compliance' 
3 4 'Structure model' 'Data collection'           
4 4 'Structure model' 'Database references'       
5 4 'Structure model' Other                       
# 
loop_
_pdbx_audit_revision_category.ordinal 
_pdbx_audit_revision_category.revision_ordinal 
_pdbx_audit_revision_category.data_content_type 
_pdbx_audit_revision_category.category 
1 4 'Structure model' chem_comp_atom       
2 4 'Structure model' chem_comp_bond       
3 4 'Structure model' database_2           
4 4 'Structure model' pdbx_database_status 
# 
loop_
_pdbx_audit_revision_item.ordinal 
_pdbx_audit_revision_item.revision_ordinal 
_pdbx_audit_revision_item.data_content_type 
_pdbx_audit_revision_item.item 
1 4 'Structure model' '_database_2.pdbx_DOI'                 
2 4 'Structure model' '_database_2.pdbx_database_accession'  
3 4 'Structure model' '_pdbx_database_status.status_code_sf' 
# 
_pdbx_database_status.status_code                     REL 
_pdbx_database_status.entry_id                        2JD3 
_pdbx_database_status.deposit_site                    PDBE 
_pdbx_database_status.process_site                    PDBE 
_pdbx_database_status.SG_entry                        . 
_pdbx_database_status.recvd_initial_deposition_date   2007-01-04 
_pdbx_database_status.pdb_format_compatible           Y 
_pdbx_database_status.status_code_sf                  REL 
_pdbx_database_status.status_code_mr                  ? 
_pdbx_database_status.status_code_cs                  ? 
_pdbx_database_status.methods_development_category    ? 
_pdbx_database_status.status_code_nmr_data            ? 
# 
loop_
_audit_author.name 
_audit_author.pdbx_ordinal 
'Moller-Jensen, J.' 1 
'Lowe, J.'          2 
# 
_citation.id                        primary 
_citation.title                     'Structural Analysis of the Parr/Parc Plasmid Partition Complex.' 
_citation.journal_abbrev            'Embo J.' 
_citation.journal_volume            26 
_citation.page_first                4413 
_citation.page_last                 ? 
_citation.year                      2007 
_citation.journal_id_ASTM           EMJODG 
_citation.country                   UK 
_citation.journal_id_ISSN           0261-4189 
_citation.journal_id_CSD            0897 
_citation.book_publisher            ? 
_citation.pdbx_database_id_PubMed   17898804 
_citation.pdbx_database_id_DOI      10.1038/SJ.EMBOJ.7601864 
# 
loop_
_citation_author.citation_id 
_citation_author.name 
_citation_author.ordinal 
_citation_author.identifier_ORCID 
primary 'Moller-Jensen, J.' 1 ? 
primary 'Ringgaard, S.'     2 ? 
primary 'Mercogliano, C.P.' 3 ? 
primary 'Gerdes, K.'        4 ? 
primary 'Lowe, J.'          5 ? 
# 
loop_
_entity.id 
_entity.type 
_entity.src_method 
_entity.pdbx_description 
_entity.formula_weight 
_entity.pdbx_number_of_molecules 
_entity.pdbx_ec 
_entity.pdbx_mutation 
_entity.pdbx_fragment 
_entity.details 
1 polymer man 'STBB PROTEIN' 14668.773 2  ? ? ? ? 
2 water   nat water          18.015    26 ? ? ? ? 
# 
_entity_name_com.entity_id   1 
_entity_name_com.name        'PARR, STABILITY PROTEIN' 
# 
_entity_poly.entity_id                      1 
_entity_poly.type                           'polypeptide(L)' 
_entity_poly.nstd_linkage                   no 
_entity_poly.nstd_monomer                   no 
_entity_poly.pdbx_seq_one_letter_code       
;MDDERKRKKYTLYLHPEKAADFQTLEAIESVPRSERGELFRNAFISGMALHQLDPRLPVLLTAILSEEFSADQVVTLLSQ
TTGWKPSQADIRAVLTELGASQSVEKMPPSATDSVQEAMNDVRLKMKKLF
;
_entity_poly.pdbx_seq_one_letter_code_can   
;MDDERKRKKYTLYLHPEKAADFQTLEAIESVPRSERGELFRNAFISGMALHQLDPRLPVLLTAILSEEFSADQVVTLLSQ
TTGWKPSQADIRAVLTELGASQSVEKMPPSATDSVQEAMNDVRLKMKKLF
;
_entity_poly.pdbx_strand_id                 A,B 
_entity_poly.pdbx_target_identifier         ? 
# 
_pdbx_entity_nonpoly.entity_id   2 
_pdbx_entity_nonpoly.name        water 
_pdbx_entity_nonpoly.comp_id     HOH 
# 
loop_
_entity_poly_seq.entity_id 
_entity_poly_seq.num 
_entity_poly_seq.mon_id 
_entity_poly_seq.hetero 
1 1   MET n 
1 2   ASP n 
1 3   ASP n 
1 4   GLU n 
1 5   ARG n 
1 6   LYS n 
1 7   ARG n 
1 8   LYS n 
1 9   LYS n 
1 10  TYR n 
1 11  THR n 
1 12  LEU n 
1 13  TYR n 
1 14  LEU n 
1 15  HIS n 
1 16  PRO n 
1 17  GLU n 
1 18  LYS n 
1 19  ALA n 
1 20  ALA n 
1 21  ASP n 
1 22  PHE n 
1 23  GLN n 
1 24  THR n 
1 25  LEU n 
1 26  GLU n 
1 27  ALA n 
1 28  ILE n 
1 29  GLU n 
1 30  SER n 
1 31  VAL n 
1 32  PRO n 
1 33  ARG n 
1 34  SER n 
1 35  GLU n 
1 36  ARG n 
1 37  GLY n 
1 38  GLU n 
1 39  LEU n 
1 40  PHE n 
1 41  ARG n 
1 42  ASN n 
1 43  ALA n 
1 44  PHE n 
1 45  ILE n 
1 46  SER n 
1 47  GLY n 
1 48  MET n 
1 49  ALA n 
1 50  LEU n 
1 51  HIS n 
1 52  GLN n 
1 53  LEU n 
1 54  ASP n 
1 55  PRO n 
1 56  ARG n 
1 57  LEU n 
1 58  PRO n 
1 59  VAL n 
1 60  LEU n 
1 61  LEU n 
1 62  THR n 
1 63  ALA n 
1 64  ILE n 
1 65  LEU n 
1 66  SER n 
1 67  GLU n 
1 68  GLU n 
1 69  PHE n 
1 70  SER n 
1 71  ALA n 
1 72  ASP n 
1 73  GLN n 
1 74  VAL n 
1 75  VAL n 
1 76  THR n 
1 77  LEU n 
1 78  LEU n 
1 79  SER n 
1 80  GLN n 
1 81  THR n 
1 82  THR n 
1 83  GLY n 
1 84  TRP n 
1 85  LYS n 
1 86  PRO n 
1 87  SER n 
1 88  GLN n 
1 89  ALA n 
1 90  ASP n 
1 91  ILE n 
1 92  ARG n 
1 93  ALA n 
1 94  VAL n 
1 95  LEU n 
1 96  THR n 
1 97  GLU n 
1 98  LEU n 
1 99  GLY n 
1 100 ALA n 
1 101 SER n 
1 102 GLN n 
1 103 SER n 
1 104 VAL n 
1 105 GLU n 
1 106 LYS n 
1 107 MET n 
1 108 PRO n 
1 109 PRO n 
1 110 SER n 
1 111 ALA n 
1 112 THR n 
1 113 ASP n 
1 114 SER n 
1 115 VAL n 
1 116 GLN n 
1 117 GLU n 
1 118 ALA n 
1 119 MET n 
1 120 ASN n 
1 121 ASP n 
1 122 VAL n 
1 123 ARG n 
1 124 LEU n 
1 125 LYS n 
1 126 MET n 
1 127 LYS n 
1 128 LYS n 
1 129 LEU n 
1 130 PHE n 
# 
_entity_src_gen.entity_id                          1 
_entity_src_gen.pdbx_src_id                        1 
_entity_src_gen.pdbx_alt_source_flag               sample 
_entity_src_gen.pdbx_seq_type                      ? 
_entity_src_gen.pdbx_beg_seq_num                   ? 
_entity_src_gen.pdbx_end_seq_num                   ? 
_entity_src_gen.gene_src_common_name               ? 
_entity_src_gen.gene_src_genus                     ? 
_entity_src_gen.pdbx_gene_src_gene                 ? 
_entity_src_gen.gene_src_species                   ? 
_entity_src_gen.gene_src_strain                    ? 
_entity_src_gen.gene_src_tissue                    ? 
_entity_src_gen.gene_src_tissue_fraction           ? 
_entity_src_gen.gene_src_details                   ? 
_entity_src_gen.pdbx_gene_src_fragment             ? 
_entity_src_gen.pdbx_gene_src_scientific_name      'ESCHERICHIA COLI' 
_entity_src_gen.pdbx_gene_src_ncbi_taxonomy_id     562 
_entity_src_gen.pdbx_gene_src_variant              ? 
_entity_src_gen.pdbx_gene_src_cell_line            ? 
_entity_src_gen.pdbx_gene_src_atcc                 ? 
_entity_src_gen.pdbx_gene_src_organ                ? 
_entity_src_gen.pdbx_gene_src_organelle            ? 
_entity_src_gen.pdbx_gene_src_cell                 ? 
_entity_src_gen.pdbx_gene_src_cellular_location    ? 
_entity_src_gen.host_org_common_name               ? 
_entity_src_gen.pdbx_host_org_scientific_name      'ESCHERICHIA COLI' 
_entity_src_gen.pdbx_host_org_ncbi_taxonomy_id     562 
_entity_src_gen.host_org_genus                     ? 
_entity_src_gen.pdbx_host_org_gene                 ? 
_entity_src_gen.pdbx_host_org_organ                ? 
_entity_src_gen.host_org_species                   ? 
_entity_src_gen.pdbx_host_org_tissue               ? 
_entity_src_gen.pdbx_host_org_tissue_fraction      ? 
_entity_src_gen.pdbx_host_org_strain               ? 
_entity_src_gen.pdbx_host_org_variant              ? 
_entity_src_gen.pdbx_host_org_cell_line            ? 
_entity_src_gen.pdbx_host_org_atcc                 ? 
_entity_src_gen.pdbx_host_org_culture_collection   ? 
_entity_src_gen.pdbx_host_org_cell                 ? 
_entity_src_gen.pdbx_host_org_organelle            ? 
_entity_src_gen.pdbx_host_org_cellular_location    ? 
_entity_src_gen.pdbx_host_org_vector_type          ? 
_entity_src_gen.pdbx_host_org_vector               ? 
_entity_src_gen.host_org_details                   ? 
_entity_src_gen.expression_system_id               ? 
_entity_src_gen.plasmid_name                       ? 
_entity_src_gen.plasmid_details                    ? 
_entity_src_gen.pdbx_description                   'PLASMID PB171 (ORF 67)' 
# 
loop_
_chem_comp.id 
_chem_comp.type 
_chem_comp.mon_nstd_flag 
_chem_comp.name 
_chem_comp.pdbx_synonyms 
_chem_comp.formula 
_chem_comp.formula_weight 
ALA 'L-peptide linking' y ALANINE         ? 'C3 H7 N O2'     89.093  
ARG 'L-peptide linking' y ARGININE        ? 'C6 H15 N4 O2 1' 175.209 
ASN 'L-peptide linking' y ASPARAGINE      ? 'C4 H8 N2 O3'    132.118 
ASP 'L-peptide linking' y 'ASPARTIC ACID' ? 'C4 H7 N O4'     133.103 
GLN 'L-peptide linking' y GLUTAMINE       ? 'C5 H10 N2 O3'   146.144 
GLU 'L-peptide linking' y 'GLUTAMIC ACID' ? 'C5 H9 N O4'     147.129 
GLY 'peptide linking'   y GLYCINE         ? 'C2 H5 N O2'     75.067  
HIS 'L-peptide linking' y HISTIDINE       ? 'C6 H10 N3 O2 1' 156.162 
HOH non-polymer         . WATER           ? 'H2 O'           18.015  
ILE 'L-peptide linking' y ISOLEUCINE      ? 'C6 H13 N O2'    131.173 
LEU 'L-peptide linking' y LEUCINE         ? 'C6 H13 N O2'    131.173 
LYS 'L-peptide linking' y LYSINE          ? 'C6 H15 N2 O2 1' 147.195 
MET 'L-peptide linking' y METHIONINE      ? 'C5 H11 N O2 S'  149.211 
PHE 'L-peptide linking' y PHENYLALANINE   ? 'C9 H11 N O2'    165.189 
PRO 'L-peptide linking' y PROLINE         ? 'C5 H9 N O2'     115.130 
SER 'L-peptide linking' y SERINE          ? 'C3 H7 N O3'     105.093 
THR 'L-peptide linking' y THREONINE       ? 'C4 H9 N O3'     119.119 
TRP 'L-peptide linking' y TRYPTOPHAN      ? 'C11 H12 N2 O2'  204.225 
TYR 'L-peptide linking' y TYROSINE        ? 'C9 H11 N O3'    181.189 
VAL 'L-peptide linking' y VALINE          ? 'C5 H11 N O2'    117.146 
# 
loop_
_pdbx_poly_seq_scheme.asym_id 
_pdbx_poly_seq_scheme.entity_id 
_pdbx_poly_seq_scheme.seq_id 
_pdbx_poly_seq_scheme.mon_id 
_pdbx_poly_seq_scheme.ndb_seq_num 
_pdbx_poly_seq_scheme.pdb_seq_num 
_pdbx_poly_seq_scheme.auth_seq_num 
_pdbx_poly_seq_scheme.pdb_mon_id 
_pdbx_poly_seq_scheme.auth_mon_id 
_pdbx_poly_seq_scheme.pdb_strand_id 
_pdbx_poly_seq_scheme.pdb_ins_code 
_pdbx_poly_seq_scheme.hetero 
A 1 1   MET 1   1   ?  ?   ?   A . n 
A 1 2   ASP 2   2   ?  ?   ?   A . n 
A 1 3   ASP 3   3   ?  ?   ?   A . n 
A 1 4   GLU 4   4   ?  ?   ?   A . n 
A 1 5   ARG 5   5   ?  ?   ?   A . n 
A 1 6   LYS 6   6   6  LYS LYS A . n 
A 1 7   ARG 7   7   7  ARG ARG A . n 
A 1 8   LYS 8   8   8  LYS LYS A . n 
A 1 9   LYS 9   9   9  LYS LYS A . n 
A 1 10  TYR 10  10  10 TYR TYR A . n 
A 1 11  THR 11  11  11 THR THR A . n 
A 1 12  LEU 12  12  12 LEU LEU A . n 
A 1 13  TYR 13  13  13 TYR TYR A . n 
A 1 14  LEU 14  14  14 LEU LEU A . n 
A 1 15  HIS 15  15  15 HIS HIS A . n 
A 1 16  PRO 16  16  16 PRO PRO A . n 
A 1 17  GLU 17  17  17 GLU GLU A . n 
A 1 18  LYS 18  18  18 LYS LYS A . n 
A 1 19  ALA 19  19  19 ALA ALA A . n 
A 1 20  ALA 20  20  20 ALA ALA A . n 
A 1 21  ASP 21  21  21 ASP ASP A . n 
A 1 22  PHE 22  22  22 PHE PHE A . n 
A 1 23  GLN 23  23  23 GLN GLN A . n 
A 1 24  THR 24  24  24 THR THR A . n 
A 1 25  LEU 25  25  25 LEU LEU A . n 
A 1 26  GLU 26  26  26 GLU GLU A . n 
A 1 27  ALA 27  27  27 ALA ALA A . n 
A 1 28  ILE 28  28  28 ILE ILE A . n 
A 1 29  GLU 29  29  29 GLU GLU A . n 
A 1 30  SER 30  30  30 SER SER A . n 
A 1 31  VAL 31  31  31 VAL VAL A . n 
A 1 32  PRO 32  32  32 PRO PRO A . n 
A 1 33  ARG 33  33  33 ARG ARG A . n 
A 1 34  SER 34  34  34 SER SER A . n 
A 1 35  GLU 35  35  35 GLU GLU A . n 
A 1 36  ARG 36  36  36 ARG ARG A . n 
A 1 37  GLY 37  37  37 GLY GLY A . n 
A 1 38  GLU 38  38  38 GLU GLU A . n 
A 1 39  LEU 39  39  39 LEU LEU A . n 
A 1 40  PHE 40  40  40 PHE PHE A . n 
A 1 41  ARG 41  41  41 ARG ARG A . n 
A 1 42  ASN 42  42  42 ASN ASN A . n 
A 1 43  ALA 43  43  43 ALA ALA A . n 
A 1 44  PHE 44  44  44 PHE PHE A . n 
A 1 45  ILE 45  45  45 ILE ILE A . n 
A 1 46  SER 46  46  46 SER SER A . n 
A 1 47  GLY 47  47  47 GLY GLY A . n 
A 1 48  MET 48  48  48 MET MET A . n 
A 1 49  ALA 49  49  49 ALA ALA A . n 
A 1 50  LEU 50  50  50 LEU LEU A . n 
A 1 51  HIS 51  51  51 HIS HIS A . n 
A 1 52  GLN 52  52  52 GLN GLN A . n 
A 1 53  LEU 53  53  53 LEU LEU A . n 
A 1 54  ASP 54  54  54 ASP ASP A . n 
A 1 55  PRO 55  55  55 PRO PRO A . n 
A 1 56  ARG 56  56  56 ARG ARG A . n 
A 1 57  LEU 57  57  57 LEU LEU A . n 
A 1 58  PRO 58  58  58 PRO PRO A . n 
A 1 59  VAL 59  59  59 VAL VAL A . n 
A 1 60  LEU 60  60  60 LEU LEU A . n 
A 1 61  LEU 61  61  61 LEU LEU A . n 
A 1 62  THR 62  62  62 THR THR A . n 
A 1 63  ALA 63  63  63 ALA ALA A . n 
A 1 64  ILE 64  64  64 ILE ILE A . n 
A 1 65  LEU 65  65  65 LEU LEU A . n 
A 1 66  SER 66  66  66 SER SER A . n 
A 1 67  GLU 67  67  67 GLU GLU A . n 
A 1 68  GLU 68  68  68 GLU GLU A . n 
A 1 69  PHE 69  69  69 PHE PHE A . n 
A 1 70  SER 70  70  70 SER SER A . n 
A 1 71  ALA 71  71  71 ALA ALA A . n 
A 1 72  ASP 72  72  72 ASP ASP A . n 
A 1 73  GLN 73  73  73 GLN GLN A . n 
A 1 74  VAL 74  74  74 VAL VAL A . n 
A 1 75  VAL 75  75  75 VAL VAL A . n 
A 1 76  THR 76  76  76 THR THR A . n 
A 1 77  LEU 77  77  77 LEU LEU A . n 
A 1 78  LEU 78  78  78 LEU LEU A . n 
A 1 79  SER 79  79  79 SER SER A . n 
A 1 80  GLN 80  80  80 GLN GLN A . n 
A 1 81  THR 81  81  81 THR THR A . n 
A 1 82  THR 82  82  82 THR THR A . n 
A 1 83  GLY 83  83  83 GLY GLY A . n 
A 1 84  TRP 84  84  84 TRP TRP A . n 
A 1 85  LYS 85  85  85 LYS LYS A . n 
A 1 86  PRO 86  86  86 PRO PRO A . n 
A 1 87  SER 87  87  87 SER SER A . n 
A 1 88  GLN 88  88  88 GLN GLN A . n 
A 1 89  ALA 89  89  89 ALA ALA A . n 
A 1 90  ASP 90  90  90 ASP ASP A . n 
A 1 91  ILE 91  91  91 ILE ILE A . n 
A 1 92  ARG 92  92  92 ARG ARG A . n 
A 1 93  ALA 93  93  93 ALA ALA A . n 
A 1 94  VAL 94  94  94 VAL VAL A . n 
A 1 95  LEU 95  95  95 LEU LEU A . n 
A 1 96  THR 96  96  96 THR THR A . n 
A 1 97  GLU 97  97  ?  ?   ?   A . n 
A 1 98  LEU 98  98  ?  ?   ?   A . n 
A 1 99  GLY 99  99  ?  ?   ?   A . n 
A 1 100 ALA 100 100 ?  ?   ?   A . n 
A 1 101 SER 101 101 ?  ?   ?   A . n 
A 1 102 GLN 102 102 ?  ?   ?   A . n 
A 1 103 SER 103 103 ?  ?   ?   A . n 
A 1 104 VAL 104 104 ?  ?   ?   A . n 
A 1 105 GLU 105 105 ?  ?   ?   A . n 
A 1 106 LYS 106 106 ?  ?   ?   A . n 
A 1 107 MET 107 107 ?  ?   ?   A . n 
A 1 108 PRO 108 108 ?  ?   ?   A . n 
A 1 109 PRO 109 109 ?  ?   ?   A . n 
A 1 110 SER 110 110 ?  ?   ?   A . n 
A 1 111 ALA 111 111 ?  ?   ?   A . n 
A 1 112 THR 112 112 ?  ?   ?   A . n 
A 1 113 ASP 113 113 ?  ?   ?   A . n 
A 1 114 SER 114 114 ?  ?   ?   A . n 
A 1 115 VAL 115 115 ?  ?   ?   A . n 
A 1 116 GLN 116 116 ?  ?   ?   A . n 
A 1 117 GLU 117 117 ?  ?   ?   A . n 
A 1 118 ALA 118 118 ?  ?   ?   A . n 
A 1 119 MET 119 119 ?  ?   ?   A . n 
A 1 120 ASN 120 120 ?  ?   ?   A . n 
A 1 121 ASP 121 121 ?  ?   ?   A . n 
A 1 122 VAL 122 122 ?  ?   ?   A . n 
A 1 123 ARG 123 123 ?  ?   ?   A . n 
A 1 124 LEU 124 124 ?  ?   ?   A . n 
A 1 125 LYS 125 125 ?  ?   ?   A . n 
A 1 126 MET 126 126 ?  ?   ?   A . n 
A 1 127 LYS 127 127 ?  ?   ?   A . n 
A 1 128 LYS 128 128 ?  ?   ?   A . n 
A 1 129 LEU 129 129 ?  ?   ?   A . n 
A 1 130 PHE 130 130 ?  ?   ?   A . n 
B 1 1   MET 1   1   ?  ?   ?   B . n 
B 1 2   ASP 2   2   ?  ?   ?   B . n 
B 1 3   ASP 3   3   ?  ?   ?   B . n 
B 1 4   GLU 4   4   ?  ?   ?   B . n 
B 1 5   ARG 5   5   ?  ?   ?   B . n 
B 1 6   LYS 6   6   6  LYS LYS B . n 
B 1 7   ARG 7   7   7  ARG ARG B . n 
B 1 8   LYS 8   8   8  LYS LYS B . n 
B 1 9   LYS 9   9   9  LYS LYS B . n 
B 1 10  TYR 10  10  10 TYR TYR B . n 
B 1 11  THR 11  11  11 THR THR B . n 
B 1 12  LEU 12  12  12 LEU LEU B . n 
B 1 13  TYR 13  13  13 TYR TYR B . n 
B 1 14  LEU 14  14  14 LEU LEU B . n 
B 1 15  HIS 15  15  15 HIS HIS B . n 
B 1 16  PRO 16  16  16 PRO PRO B . n 
B 1 17  GLU 17  17  17 GLU GLU B . n 
B 1 18  LYS 18  18  18 LYS LYS B . n 
B 1 19  ALA 19  19  19 ALA ALA B . n 
B 1 20  ALA 20  20  20 ALA ALA B . n 
B 1 21  ASP 21  21  21 ASP ASP B . n 
B 1 22  PHE 22  22  22 PHE PHE B . n 
B 1 23  GLN 23  23  23 GLN GLN B . n 
B 1 24  THR 24  24  24 THR THR B . n 
B 1 25  LEU 25  25  25 LEU LEU B . n 
B 1 26  GLU 26  26  26 GLU GLU B . n 
B 1 27  ALA 27  27  27 ALA ALA B . n 
B 1 28  ILE 28  28  28 ILE ILE B . n 
B 1 29  GLU 29  29  29 GLU GLU B . n 
B 1 30  SER 30  30  30 SER SER B . n 
B 1 31  VAL 31  31  31 VAL VAL B . n 
B 1 32  PRO 32  32  32 PRO PRO B . n 
B 1 33  ARG 33  33  33 ARG ARG B . n 
B 1 34  SER 34  34  34 SER SER B . n 
B 1 35  GLU 35  35  35 GLU GLU B . n 
B 1 36  ARG 36  36  36 ARG ARG B . n 
B 1 37  GLY 37  37  37 GLY GLY B . n 
B 1 38  GLU 38  38  38 GLU GLU B . n 
B 1 39  LEU 39  39  39 LEU LEU B . n 
B 1 40  PHE 40  40  40 PHE PHE B . n 
B 1 41  ARG 41  41  41 ARG ARG B . n 
B 1 42  ASN 42  42  42 ASN ASN B . n 
B 1 43  ALA 43  43  43 ALA ALA B . n 
B 1 44  PHE 44  44  44 PHE PHE B . n 
B 1 45  ILE 45  45  45 ILE ILE B . n 
B 1 46  SER 46  46  46 SER SER B . n 
B 1 47  GLY 47  47  47 GLY GLY B . n 
B 1 48  MET 48  48  48 MET MET B . n 
B 1 49  ALA 49  49  49 ALA ALA B . n 
B 1 50  LEU 50  50  50 LEU LEU B . n 
B 1 51  HIS 51  51  51 HIS HIS B . n 
B 1 52  GLN 52  52  52 GLN GLN B . n 
B 1 53  LEU 53  53  53 LEU LEU B . n 
B 1 54  ASP 54  54  54 ASP ASP B . n 
B 1 55  PRO 55  55  55 PRO PRO B . n 
B 1 56  ARG 56  56  56 ARG ARG B . n 
B 1 57  LEU 57  57  57 LEU LEU B . n 
B 1 58  PRO 58  58  58 PRO PRO B . n 
B 1 59  VAL 59  59  59 VAL VAL B . n 
B 1 60  LEU 60  60  60 LEU LEU B . n 
B 1 61  LEU 61  61  61 LEU LEU B . n 
B 1 62  THR 62  62  62 THR THR B . n 
B 1 63  ALA 63  63  63 ALA ALA B . n 
B 1 64  ILE 64  64  64 ILE ILE B . n 
B 1 65  LEU 65  65  65 LEU LEU B . n 
B 1 66  SER 66  66  66 SER SER B . n 
B 1 67  GLU 67  67  67 GLU GLU B . n 
B 1 68  GLU 68  68  68 GLU GLU B . n 
B 1 69  PHE 69  69  69 PHE PHE B . n 
B 1 70  SER 70  70  70 SER SER B . n 
B 1 71  ALA 71  71  71 ALA ALA B . n 
B 1 72  ASP 72  72  72 ASP ASP B . n 
B 1 73  GLN 73  73  73 GLN GLN B . n 
B 1 74  VAL 74  74  74 VAL VAL B . n 
B 1 75  VAL 75  75  75 VAL VAL B . n 
B 1 76  THR 76  76  76 THR THR B . n 
B 1 77  LEU 77  77  77 LEU LEU B . n 
B 1 78  LEU 78  78  78 LEU LEU B . n 
B 1 79  SER 79  79  79 SER SER B . n 
B 1 80  GLN 80  80  80 GLN GLN B . n 
B 1 81  THR 81  81  81 THR THR B . n 
B 1 82  THR 82  82  82 THR THR B . n 
B 1 83  GLY 83  83  83 GLY GLY B . n 
B 1 84  TRP 84  84  84 TRP TRP B . n 
B 1 85  LYS 85  85  85 LYS LYS B . n 
B 1 86  PRO 86  86  86 PRO PRO B . n 
B 1 87  SER 87  87  87 SER SER B . n 
B 1 88  GLN 88  88  88 GLN GLN B . n 
B 1 89  ALA 89  89  89 ALA ALA B . n 
B 1 90  ASP 90  90  90 ASP ASP B . n 
B 1 91  ILE 91  91  91 ILE ILE B . n 
B 1 92  ARG 92  92  92 ARG ARG B . n 
B 1 93  ALA 93  93  93 ALA ALA B . n 
B 1 94  VAL 94  94  94 VAL VAL B . n 
B 1 95  LEU 95  95  95 LEU LEU B . n 
B 1 96  THR 96  96  96 THR THR B . n 
B 1 97  GLU 97  97  ?  ?   ?   B . n 
B 1 98  LEU 98  98  ?  ?   ?   B . n 
B 1 99  GLY 99  99  ?  ?   ?   B . n 
B 1 100 ALA 100 100 ?  ?   ?   B . n 
B 1 101 SER 101 101 ?  ?   ?   B . n 
B 1 102 GLN 102 102 ?  ?   ?   B . n 
B 1 103 SER 103 103 ?  ?   ?   B . n 
B 1 104 VAL 104 104 ?  ?   ?   B . n 
B 1 105 GLU 105 105 ?  ?   ?   B . n 
B 1 106 LYS 106 106 ?  ?   ?   B . n 
B 1 107 MET 107 107 ?  ?   ?   B . n 
B 1 108 PRO 108 108 ?  ?   ?   B . n 
B 1 109 PRO 109 109 ?  ?   ?   B . n 
B 1 110 SER 110 110 ?  ?   ?   B . n 
B 1 111 ALA 111 111 ?  ?   ?   B . n 
B 1 112 THR 112 112 ?  ?   ?   B . n 
B 1 113 ASP 113 113 ?  ?   ?   B . n 
B 1 114 SER 114 114 ?  ?   ?   B . n 
B 1 115 VAL 115 115 ?  ?   ?   B . n 
B 1 116 GLN 116 116 ?  ?   ?   B . n 
B 1 117 GLU 117 117 ?  ?   ?   B . n 
B 1 118 ALA 118 118 ?  ?   ?   B . n 
B 1 119 MET 119 119 ?  ?   ?   B . n 
B 1 120 ASN 120 120 ?  ?   ?   B . n 
B 1 121 ASP 121 121 ?  ?   ?   B . n 
B 1 122 VAL 122 122 ?  ?   ?   B . n 
B 1 123 ARG 123 123 ?  ?   ?   B . n 
B 1 124 LEU 124 124 ?  ?   ?   B . n 
B 1 125 LYS 125 125 ?  ?   ?   B . n 
B 1 126 MET 126 126 ?  ?   ?   B . n 
B 1 127 LYS 127 127 ?  ?   ?   B . n 
B 1 128 LYS 128 128 ?  ?   ?   B . n 
B 1 129 LEU 129 129 ?  ?   ?   B . n 
B 1 130 PHE 130 130 ?  ?   ?   B . n 
# 
loop_
_pdbx_nonpoly_scheme.asym_id 
_pdbx_nonpoly_scheme.entity_id 
_pdbx_nonpoly_scheme.mon_id 
_pdbx_nonpoly_scheme.ndb_seq_num 
_pdbx_nonpoly_scheme.pdb_seq_num 
_pdbx_nonpoly_scheme.auth_seq_num 
_pdbx_nonpoly_scheme.pdb_mon_id 
_pdbx_nonpoly_scheme.auth_mon_id 
_pdbx_nonpoly_scheme.pdb_strand_id 
_pdbx_nonpoly_scheme.pdb_ins_code 
C 2 HOH 1  2001 2001 HOH HOH A . 
C 2 HOH 2  2002 2002 HOH HOH A . 
C 2 HOH 3  2003 2003 HOH HOH A . 
C 2 HOH 4  2004 2004 HOH HOH A . 
C 2 HOH 5  2005 2005 HOH HOH A . 
C 2 HOH 6  2006 2006 HOH HOH A . 
C 2 HOH 7  2007 2007 HOH HOH A . 
C 2 HOH 8  2008 2008 HOH HOH A . 
C 2 HOH 9  2009 2009 HOH HOH A . 
C 2 HOH 10 2010 2010 HOH HOH A . 
C 2 HOH 11 2011 2011 HOH HOH A . 
C 2 HOH 12 2012 2012 HOH HOH A . 
C 2 HOH 13 2013 2013 HOH HOH A . 
C 2 HOH 14 2014 2014 HOH HOH A . 
D 2 HOH 1  2001 2001 HOH HOH B . 
D 2 HOH 2  2002 2002 HOH HOH B . 
D 2 HOH 3  2003 2003 HOH HOH B . 
D 2 HOH 4  2004 2004 HOH HOH B . 
D 2 HOH 5  2005 2005 HOH HOH B . 
D 2 HOH 6  2006 2006 HOH HOH B . 
D 2 HOH 7  2007 2007 HOH HOH B . 
D 2 HOH 8  2008 2008 HOH HOH B . 
D 2 HOH 9  2009 2009 HOH HOH B . 
D 2 HOH 10 2010 2010 HOH HOH B . 
D 2 HOH 11 2011 2011 HOH HOH B . 
D 2 HOH 12 2012 2012 HOH HOH B . 
# 
loop_
_pdbx_unobs_or_zero_occ_atoms.id 
_pdbx_unobs_or_zero_occ_atoms.PDB_model_num 
_pdbx_unobs_or_zero_occ_atoms.polymer_flag 
_pdbx_unobs_or_zero_occ_atoms.occupancy_flag 
_pdbx_unobs_or_zero_occ_atoms.auth_asym_id 
_pdbx_unobs_or_zero_occ_atoms.auth_comp_id 
_pdbx_unobs_or_zero_occ_atoms.auth_seq_id 
_pdbx_unobs_or_zero_occ_atoms.PDB_ins_code 
_pdbx_unobs_or_zero_occ_atoms.auth_atom_id 
_pdbx_unobs_or_zero_occ_atoms.label_alt_id 
_pdbx_unobs_or_zero_occ_atoms.label_asym_id 
_pdbx_unobs_or_zero_occ_atoms.label_comp_id 
_pdbx_unobs_or_zero_occ_atoms.label_seq_id 
_pdbx_unobs_or_zero_occ_atoms.label_atom_id 
1  1 Y 1 A THR 96 ? CA  ? A THR 96 CA  
2  1 Y 1 A THR 96 ? C   ? A THR 96 C   
3  1 Y 1 A THR 96 ? O   ? A THR 96 O   
4  1 Y 1 A THR 96 ? CB  ? A THR 96 CB  
5  1 Y 1 A THR 96 ? OG1 ? A THR 96 OG1 
6  1 Y 1 A THR 96 ? CG2 ? A THR 96 CG2 
7  1 Y 1 B THR 96 ? CA  ? B THR 96 CA  
8  1 Y 1 B THR 96 ? C   ? B THR 96 C   
9  1 Y 1 B THR 96 ? O   ? B THR 96 O   
10 1 Y 1 B THR 96 ? CB  ? B THR 96 CB  
11 1 Y 1 B THR 96 ? OG1 ? B THR 96 OG1 
12 1 Y 1 B THR 96 ? CG2 ? B THR 96 CG2 
# 
loop_
_software.name 
_software.classification 
_software.version 
_software.citation_id 
_software.pdbx_ordinal 
MOSFLM 'data reduction' .   ? 1 
SCALA  'data scaling'   .   ? 2 
SOLVE  phasing          .   ? 3 
SHARP  phasing          .   ? 4 
CNS    refinement       1.1 ? 5 
# 
_cell.entry_id           2JD3 
_cell.length_a           96.768 
_cell.length_b           96.768 
_cell.length_c           124.945 
_cell.angle_alpha        90.00 
_cell.angle_beta         90.00 
_cell.angle_gamma        120.00 
_cell.Z_PDB              24 
_cell.pdbx_unique_axis   ? 
# 
_symmetry.entry_id                         2JD3 
_symmetry.space_group_name_H-M             'P 61 2 2' 
_symmetry.pdbx_full_space_group_name_H-M   ? 
_symmetry.cell_setting                     ? 
_symmetry.Int_Tables_number                178 
# 
_exptl.entry_id          2JD3 
_exptl.method            'X-RAY DIFFRACTION' 
_exptl.crystals_number   ? 
# 
_exptl_crystal.id                    1 
_exptl_crystal.density_meas          ? 
_exptl_crystal.density_Matthews      2.91 
_exptl_crystal.density_percent_sol   58 
_exptl_crystal.description           NONE 
# 
_diffrn.id                     1 
_diffrn.ambient_temp           100 
_diffrn.ambient_temp_details   ? 
_diffrn.crystal_id             1 
# 
_diffrn_detector.diffrn_id              1 
_diffrn_detector.detector               CCD 
_diffrn_detector.type                   'ADSC CCD' 
_diffrn_detector.pdbx_collection_date   2005-09-01 
_diffrn_detector.details                ? 
# 
_diffrn_radiation.diffrn_id                        1 
_diffrn_radiation.wavelength_id                    1 
_diffrn_radiation.pdbx_monochromatic_or_laue_m_l   M 
_diffrn_radiation.monochromator                    ? 
_diffrn_radiation.pdbx_diffrn_protocol             'SINGLE WAVELENGTH' 
_diffrn_radiation.pdbx_scattering_type             x-ray 
# 
_diffrn_radiation_wavelength.id           1 
_diffrn_radiation_wavelength.wavelength   0.931 
_diffrn_radiation_wavelength.wt           1.0 
# 
_diffrn_source.diffrn_id                   1 
_diffrn_source.source                      SYNCHROTRON 
_diffrn_source.type                        'ESRF BEAMLINE ID14-3' 
_diffrn_source.pdbx_synchrotron_site       ESRF 
_diffrn_source.pdbx_synchrotron_beamline   ID14-3 
_diffrn_source.pdbx_wavelength             0.931 
_diffrn_source.pdbx_wavelength_list        ? 
# 
_reflns.pdbx_diffrn_id               1 
_reflns.pdbx_ordinal                 1 
_reflns.entry_id                     2JD3 
_reflns.observed_criterion_sigma_I   0.0 
_reflns.observed_criterion_sigma_F   ? 
_reflns.d_resolution_low             50.00 
_reflns.d_resolution_high            2.80 
_reflns.number_obs                   9015 
_reflns.number_all                   ? 
_reflns.percent_possible_obs         99.9 
_reflns.pdbx_Rmerge_I_obs            0.08 
_reflns.pdbx_Rsym_value              ? 
_reflns.pdbx_netI_over_sigmaI        23.30 
_reflns.B_iso_Wilson_estimate        80.11 
_reflns.pdbx_redundancy              11.6 
# 
_reflns_shell.pdbx_diffrn_id         1 
_reflns_shell.pdbx_ordinal           1 
_reflns_shell.d_res_high             2.80 
_reflns_shell.d_res_low              2.95 
_reflns_shell.percent_possible_all   99.9 
_reflns_shell.Rmerge_I_obs           0.46 
_reflns_shell.pdbx_Rsym_value        ? 
_reflns_shell.meanI_over_sigI_obs    5.30 
_reflns_shell.pdbx_redundancy        12.0 
# 
_refine.pdbx_refine_id                           'X-RAY DIFFRACTION' 
_refine.entry_id                                 2JD3 
_refine.pdbx_diffrn_id                           1 
_refine.pdbx_TLS_residual_ADP_flag               ? 
_refine.ls_number_reflns_obs                     8997 
_refine.ls_number_reflns_all                     ? 
_refine.pdbx_ls_sigma_I                          ? 
_refine.pdbx_ls_sigma_F                          0.0 
_refine.pdbx_data_cutoff_high_absF               10000 
_refine.pdbx_data_cutoff_low_absF                ? 
_refine.pdbx_data_cutoff_high_rms_absF           ? 
_refine.ls_d_res_low                             50.0 
_refine.ls_d_res_high                            2.8 
_refine.ls_percent_reflns_obs                    99.8 
_refine.ls_R_factor_obs                          0.2394 
_refine.ls_R_factor_all                          ? 
_refine.ls_R_factor_R_work                       0.2394 
_refine.ls_R_factor_R_free                       0.2767 
_refine.ls_R_factor_R_free_error                 ? 
_refine.ls_R_factor_R_free_error_details         ? 
_refine.ls_percent_reflns_R_free                 5.2 
_refine.ls_number_reflns_R_free                  469 
_refine.ls_number_parameters                     ? 
_refine.ls_number_restraints                     ? 
_refine.occupancy_min                            ? 
_refine.occupancy_max                            ? 
_refine.correlation_coeff_Fo_to_Fc               ? 
_refine.correlation_coeff_Fo_to_Fc_free          ? 
_refine.B_iso_mean                               54.9 
_refine.aniso_B[1][1]                            -0.332 
_refine.aniso_B[2][2]                            -0.332 
_refine.aniso_B[3][3]                            0.664 
_refine.aniso_B[1][2]                            -10.149 
_refine.aniso_B[1][3]                            0.000 
_refine.aniso_B[2][3]                            0.000 
_refine.solvent_model_details                    ? 
_refine.solvent_model_param_ksol                 0.321467 
_refine.solvent_model_param_bsol                 31.7018 
_refine.pdbx_solvent_vdw_probe_radii             ? 
_refine.pdbx_solvent_ion_probe_radii             ? 
_refine.pdbx_solvent_shrinkage_radii             ? 
_refine.pdbx_ls_cross_valid_method               THROUGHOUT 
_refine.details                                  ? 
_refine.pdbx_starting_model                      NONE 
_refine.pdbx_method_to_determine_struct          MIR 
_refine.pdbx_isotropic_thermal_model             ? 
_refine.pdbx_stereochemistry_target_values       ML 
_refine.pdbx_stereochem_target_val_spec_case     ? 
_refine.pdbx_R_Free_selection_details            RANDOM 
_refine.pdbx_overall_ESU_R                       ? 
_refine.pdbx_overall_ESU_R_Free                  ? 
_refine.overall_SU_ML                            ? 
_refine.pdbx_overall_phase_error                 ? 
_refine.overall_SU_B                             ? 
_refine.overall_SU_R_Cruickshank_DPI             ? 
_refine.pdbx_overall_SU_R_free_Cruickshank_DPI   ? 
_refine.pdbx_overall_SU_R_Blow_DPI               ? 
_refine.pdbx_overall_SU_R_free_Blow_DPI          ? 
# 
_refine_hist.pdbx_refine_id                   'X-RAY DIFFRACTION' 
_refine_hist.cycle_id                         LAST 
_refine_hist.pdbx_number_atoms_protein        1434 
_refine_hist.pdbx_number_atoms_nucleic_acid   0 
_refine_hist.pdbx_number_atoms_ligand         0 
_refine_hist.number_atoms_solvent             26 
_refine_hist.number_atoms_total               1460 
_refine_hist.d_res_high                       2.8 
_refine_hist.d_res_low                        50.0 
# 
loop_
_refine_ls_restr.type 
_refine_ls_restr.dev_ideal 
_refine_ls_restr.dev_ideal_target 
_refine_ls_restr.weight 
_refine_ls_restr.number 
_refine_ls_restr.pdbx_refine_id 
_refine_ls_restr.pdbx_restraint_function 
c_bond_d                0.007 ? ? ? 'X-RAY DIFFRACTION' ? 
c_bond_d_na             ?     ? ? ? 'X-RAY DIFFRACTION' ? 
c_bond_d_prot           ?     ? ? ? 'X-RAY DIFFRACTION' ? 
c_angle_d               ?     ? ? ? 'X-RAY DIFFRACTION' ? 
c_angle_d_na            ?     ? ? ? 'X-RAY DIFFRACTION' ? 
c_angle_d_prot          ?     ? ? ? 'X-RAY DIFFRACTION' ? 
c_angle_deg             1.347 ? ? ? 'X-RAY DIFFRACTION' ? 
c_angle_deg_na          ?     ? ? ? 'X-RAY DIFFRACTION' ? 
c_angle_deg_prot        ?     ? ? ? 'X-RAY DIFFRACTION' ? 
c_dihedral_angle_d      ?     ? ? ? 'X-RAY DIFFRACTION' ? 
c_dihedral_angle_d_na   ?     ? ? ? 'X-RAY DIFFRACTION' ? 
c_dihedral_angle_d_prot ?     ? ? ? 'X-RAY DIFFRACTION' ? 
c_improper_angle_d      ?     ? ? ? 'X-RAY DIFFRACTION' ? 
c_improper_angle_d_na   ?     ? ? ? 'X-RAY DIFFRACTION' ? 
c_improper_angle_d_prot ?     ? ? ? 'X-RAY DIFFRACTION' ? 
c_mcbond_it             ?     ? ? ? 'X-RAY DIFFRACTION' ? 
c_mcangle_it            ?     ? ? ? 'X-RAY DIFFRACTION' ? 
c_scbond_it             ?     ? ? ? 'X-RAY DIFFRACTION' ? 
c_scangle_it            ?     ? ? ? 'X-RAY DIFFRACTION' ? 
# 
_refine_ls_shell.pdbx_refine_id                   'X-RAY DIFFRACTION' 
_refine_ls_shell.pdbx_total_number_of_bins_used   9 
_refine_ls_shell.d_res_high                       2.8 
_refine_ls_shell.d_res_low                        2.91 
_refine_ls_shell.number_reflns_R_work             ? 
_refine_ls_shell.R_factor_R_work                  0.3787 
_refine_ls_shell.percent_reflns_obs               99.9 
_refine_ls_shell.R_factor_R_free                  0.4538 
_refine_ls_shell.R_factor_R_free_error            ? 
_refine_ls_shell.percent_reflns_R_free            5 
_refine_ls_shell.number_reflns_R_free             ? 
_refine_ls_shell.number_reflns_all                ? 
_refine_ls_shell.R_factor_all                     ? 
# 
loop_
_pdbx_xplor_file.pdbx_refine_id 
_pdbx_xplor_file.serial_no 
_pdbx_xplor_file.param_file 
_pdbx_xplor_file.topol_file 
'X-RAY DIFFRACTION' 1 PROTEIN_REP.PARAM ? 
'X-RAY DIFFRACTION' 2 WATER_REP.PARAM   ? 
'X-RAY DIFFRACTION' 3 ION.PARAM         ? 
# 
_struct.entry_id                  2JD3 
_struct.title                     'ParR from plasmid pB171' 
_struct.pdbx_model_details        ? 
_struct.pdbx_CASP_flag            ? 
_struct.pdbx_model_type_details   ? 
# 
_struct_keywords.entry_id        2JD3 
_struct_keywords.pdbx_keywords   'DNA BINDING PROTEIN' 
_struct_keywords.text            'PLASMID SEGREGATION, ACTIN-LIKE FILAMENTS, RHH2, PARM, PLASMID, DNA BINDING, DNA BINDING PROTEIN' 
# 
loop_
_struct_asym.id 
_struct_asym.pdbx_blank_PDB_chainid_flag 
_struct_asym.pdbx_modified 
_struct_asym.entity_id 
_struct_asym.details 
A N N 1 ? 
B N N 1 ? 
C N N 2 ? 
D N N 2 ? 
# 
_struct_ref.id                         1 
_struct_ref.db_name                    UNP 
_struct_ref.db_code                    Q9S101_ECOLI 
_struct_ref.entity_id                  1 
_struct_ref.pdbx_seq_one_letter_code   ? 
_struct_ref.pdbx_align_begin           ? 
_struct_ref.pdbx_db_accession          Q9S101 
_struct_ref.pdbx_db_isoform            ? 
# 
loop_
_struct_ref_seq.align_id 
_struct_ref_seq.ref_id 
_struct_ref_seq.pdbx_PDB_id_code 
_struct_ref_seq.pdbx_strand_id 
_struct_ref_seq.seq_align_beg 
_struct_ref_seq.pdbx_seq_align_beg_ins_code 
_struct_ref_seq.seq_align_end 
_struct_ref_seq.pdbx_seq_align_end_ins_code 
_struct_ref_seq.pdbx_db_accession 
_struct_ref_seq.db_align_beg 
_struct_ref_seq.pdbx_db_align_beg_ins_code 
_struct_ref_seq.db_align_end 
_struct_ref_seq.pdbx_db_align_end_ins_code 
_struct_ref_seq.pdbx_auth_seq_align_beg 
_struct_ref_seq.pdbx_auth_seq_align_end 
1 1 2JD3 A 1 ? 130 ? Q9S101 1 ? 130 ? 1 130 
2 1 2JD3 B 1 ? 130 ? Q9S101 1 ? 130 ? 1 130 
# 
_pdbx_struct_assembly.id                   1 
_pdbx_struct_assembly.details              software_defined_assembly 
_pdbx_struct_assembly.method_details       PQS 
_pdbx_struct_assembly.oligomeric_details   dimeric 
_pdbx_struct_assembly.oligomeric_count     2 
# 
loop_
_pdbx_struct_assembly_prop.biol_id 
_pdbx_struct_assembly_prop.type 
_pdbx_struct_assembly_prop.value 
_pdbx_struct_assembly_prop.details 
1 'ABSA (A^2)' 6750  ? 
1 MORE         -63.3 ? 
1 'SSA (A^2)'  12210 ? 
# 
_pdbx_struct_assembly_gen.assembly_id       1 
_pdbx_struct_assembly_gen.oper_expression   1 
_pdbx_struct_assembly_gen.asym_id_list      A,B,C,D 
# 
_pdbx_struct_oper_list.id                   1 
_pdbx_struct_oper_list.type                 'identity operation' 
_pdbx_struct_oper_list.name                 1_555 
_pdbx_struct_oper_list.symmetry_operation   x,y,z 
_pdbx_struct_oper_list.matrix[1][1]         1.0000000000 
_pdbx_struct_oper_list.matrix[1][2]         0.0000000000 
_pdbx_struct_oper_list.matrix[1][3]         0.0000000000 
_pdbx_struct_oper_list.vector[1]            0.0000000000 
_pdbx_struct_oper_list.matrix[2][1]         0.0000000000 
_pdbx_struct_oper_list.matrix[2][2]         1.0000000000 
_pdbx_struct_oper_list.matrix[2][3]         0.0000000000 
_pdbx_struct_oper_list.vector[2]            0.0000000000 
_pdbx_struct_oper_list.matrix[3][1]         0.0000000000 
_pdbx_struct_oper_list.matrix[3][2]         0.0000000000 
_pdbx_struct_oper_list.matrix[3][3]         1.0000000000 
_pdbx_struct_oper_list.vector[3]            0.0000000000 
# 
_struct_biol.id   1 
# 
loop_
_struct_conf.conf_type_id 
_struct_conf.id 
_struct_conf.pdbx_PDB_helix_id 
_struct_conf.beg_label_comp_id 
_struct_conf.beg_label_asym_id 
_struct_conf.beg_label_seq_id 
_struct_conf.pdbx_beg_PDB_ins_code 
_struct_conf.end_label_comp_id 
_struct_conf.end_label_asym_id 
_struct_conf.end_label_seq_id 
_struct_conf.pdbx_end_PDB_ins_code 
_struct_conf.beg_auth_comp_id 
_struct_conf.beg_auth_asym_id 
_struct_conf.beg_auth_seq_id 
_struct_conf.end_auth_comp_id 
_struct_conf.end_auth_asym_id 
_struct_conf.end_auth_seq_id 
_struct_conf.pdbx_PDB_helix_class 
_struct_conf.details 
_struct_conf.pdbx_PDB_helix_length 
HELX_P HELX_P1 1 LYS A 18 ? SER A 30 ? LYS A 18 SER A 30 1 ? 13 
HELX_P HELX_P2 2 PRO A 32 ? ASP A 54 ? PRO A 32 ASP A 54 1 ? 23 
HELX_P HELX_P3 3 PRO A 55 ? LEU A 65 ? PRO A 55 LEU A 65 1 ? 11 
HELX_P HELX_P4 4 SER A 70 ? GLY A 83 ? SER A 70 GLY A 83 1 ? 14 
HELX_P HELX_P5 5 GLN A 88 ? VAL A 94 ? GLN A 88 VAL A 94 1 ? 7  
HELX_P HELX_P6 6 LYS B 18 ? SER B 30 ? LYS B 18 SER B 30 1 ? 13 
HELX_P HELX_P7 7 PRO B 32 ? ASP B 54 ? PRO B 32 ASP B 54 1 ? 23 
HELX_P HELX_P8 8 PRO B 55 ? LEU B 65 ? PRO B 55 LEU B 65 1 ? 11 
HELX_P HELX_P9 9 SER B 70 ? GLY B 83 ? SER B 70 GLY B 83 1 ? 14 
# 
_struct_conf_type.id          HELX_P 
_struct_conf_type.criteria    ? 
_struct_conf_type.reference   ? 
# 
_struct_sheet.id               AA 
_struct_sheet.type             ? 
_struct_sheet.number_strands   2 
_struct_sheet.details          ? 
# 
_struct_sheet_order.sheet_id     AA 
_struct_sheet_order.range_id_1   1 
_struct_sheet_order.range_id_2   2 
_struct_sheet_order.offset       ? 
_struct_sheet_order.sense        anti-parallel 
# 
loop_
_struct_sheet_range.sheet_id 
_struct_sheet_range.id 
_struct_sheet_range.beg_label_comp_id 
_struct_sheet_range.beg_label_asym_id 
_struct_sheet_range.beg_label_seq_id 
_struct_sheet_range.pdbx_beg_PDB_ins_code 
_struct_sheet_range.end_label_comp_id 
_struct_sheet_range.end_label_asym_id 
_struct_sheet_range.end_label_seq_id 
_struct_sheet_range.pdbx_end_PDB_ins_code 
_struct_sheet_range.beg_auth_comp_id 
_struct_sheet_range.beg_auth_asym_id 
_struct_sheet_range.beg_auth_seq_id 
_struct_sheet_range.end_auth_comp_id 
_struct_sheet_range.end_auth_asym_id 
_struct_sheet_range.end_auth_seq_id 
AA 1 LYS A 8 ? LEU A 14 ? LYS A 8 LEU A 14 
AA 2 LYS B 8 ? LEU B 14 ? LYS B 8 LEU B 14 
# 
_pdbx_struct_sheet_hbond.sheet_id                AA 
_pdbx_struct_sheet_hbond.range_id_1              1 
_pdbx_struct_sheet_hbond.range_id_2              2 
_pdbx_struct_sheet_hbond.range_1_label_atom_id   N 
_pdbx_struct_sheet_hbond.range_1_label_comp_id   LEU 
_pdbx_struct_sheet_hbond.range_1_label_asym_id   A 
_pdbx_struct_sheet_hbond.range_1_label_seq_id    14 
_pdbx_struct_sheet_hbond.range_1_PDB_ins_code    ? 
_pdbx_struct_sheet_hbond.range_1_auth_atom_id    N 
_pdbx_struct_sheet_hbond.range_1_auth_comp_id    LEU 
_pdbx_struct_sheet_hbond.range_1_auth_asym_id    A 
_pdbx_struct_sheet_hbond.range_1_auth_seq_id     14 
_pdbx_struct_sheet_hbond.range_2_label_atom_id   O 
_pdbx_struct_sheet_hbond.range_2_label_comp_id   LYS 
_pdbx_struct_sheet_hbond.range_2_label_asym_id   B 
_pdbx_struct_sheet_hbond.range_2_label_seq_id    8 
_pdbx_struct_sheet_hbond.range_2_PDB_ins_code    ? 
_pdbx_struct_sheet_hbond.range_2_auth_atom_id    O 
_pdbx_struct_sheet_hbond.range_2_auth_comp_id    LYS 
_pdbx_struct_sheet_hbond.range_2_auth_asym_id    B 
_pdbx_struct_sheet_hbond.range_2_auth_seq_id     8 
# 
loop_
_pdbx_validate_torsion.id 
_pdbx_validate_torsion.PDB_model_num 
_pdbx_validate_torsion.auth_comp_id 
_pdbx_validate_torsion.auth_asym_id 
_pdbx_validate_torsion.auth_seq_id 
_pdbx_validate_torsion.PDB_ins_code 
_pdbx_validate_torsion.label_alt_id 
_pdbx_validate_torsion.phi 
_pdbx_validate_torsion.psi 
1  1 ARG A 7  ? ? 7.69    88.25   
2  1 SER A 30 ? ? -80.11  32.29   
3  1 ASP A 54 ? ? -177.90 124.83  
4  1 LEU A 65 ? ? -38.65  120.25  
5  1 SER A 87 ? ? -116.44 -128.99 
6  1 ALA A 89 ? ? -64.97  5.96    
7  1 LEU A 95 ? ? -111.37 -81.77  
8  1 ARG B 7  ? ? 172.72  124.02  
9  1 PRO B 16 ? ? -48.86  -5.63   
10 1 ASP B 54 ? ? -175.52 117.66  
11 1 ALA B 93 ? ? -70.61  47.72   
12 1 VAL B 94 ? ? -98.42  51.06   
13 1 LEU B 95 ? ? 73.56   31.54   
# 
loop_
_pdbx_unobs_or_zero_occ_residues.id 
_pdbx_unobs_or_zero_occ_residues.PDB_model_num 
_pdbx_unobs_or_zero_occ_residues.polymer_flag 
_pdbx_unobs_or_zero_occ_residues.occupancy_flag 
_pdbx_unobs_or_zero_occ_residues.auth_asym_id 
_pdbx_unobs_or_zero_occ_residues.auth_comp_id 
_pdbx_unobs_or_zero_occ_residues.auth_seq_id 
_pdbx_unobs_or_zero_occ_residues.PDB_ins_code 
_pdbx_unobs_or_zero_occ_residues.label_asym_id 
_pdbx_unobs_or_zero_occ_residues.label_comp_id 
_pdbx_unobs_or_zero_occ_residues.label_seq_id 
1  1 Y 1 A MET 1   ? A MET 1   
2  1 Y 1 A ASP 2   ? A ASP 2   
3  1 Y 1 A ASP 3   ? A ASP 3   
4  1 Y 1 A GLU 4   ? A GLU 4   
5  1 Y 1 A ARG 5   ? A ARG 5   
6  1 Y 1 A GLU 97  ? A GLU 97  
7  1 Y 1 A LEU 98  ? A LEU 98  
8  1 Y 1 A GLY 99  ? A GLY 99  
9  1 Y 1 A ALA 100 ? A ALA 100 
10 1 Y 1 A SER 101 ? A SER 101 
11 1 Y 1 A GLN 102 ? A GLN 102 
12 1 Y 1 A SER 103 ? A SER 103 
13 1 Y 1 A VAL 104 ? A VAL 104 
14 1 Y 1 A GLU 105 ? A GLU 105 
15 1 Y 1 A LYS 106 ? A LYS 106 
16 1 Y 1 A MET 107 ? A MET 107 
17 1 Y 1 A PRO 108 ? A PRO 108 
18 1 Y 1 A PRO 109 ? A PRO 109 
19 1 Y 1 A SER 110 ? A SER 110 
20 1 Y 1 A ALA 111 ? A ALA 111 
21 1 Y 1 A THR 112 ? A THR 112 
22 1 Y 1 A ASP 113 ? A ASP 113 
23 1 Y 1 A SER 114 ? A SER 114 
24 1 Y 1 A VAL 115 ? A VAL 115 
25 1 Y 1 A GLN 116 ? A GLN 116 
26 1 Y 1 A GLU 117 ? A GLU 117 
27 1 Y 1 A ALA 118 ? A ALA 118 
28 1 Y 1 A MET 119 ? A MET 119 
29 1 Y 1 A ASN 120 ? A ASN 120 
30 1 Y 1 A ASP 121 ? A ASP 121 
31 1 Y 1 A VAL 122 ? A VAL 122 
32 1 Y 1 A ARG 123 ? A ARG 123 
33 1 Y 1 A LEU 124 ? A LEU 124 
34 1 Y 1 A LYS 125 ? A LYS 125 
35 1 Y 1 A MET 126 ? A MET 126 
36 1 Y 1 A LYS 127 ? A LYS 127 
37 1 Y 1 A LYS 128 ? A LYS 128 
38 1 Y 1 A LEU 129 ? A LEU 129 
39 1 Y 1 A PHE 130 ? A PHE 130 
40 1 Y 1 B MET 1   ? B MET 1   
41 1 Y 1 B ASP 2   ? B ASP 2   
42 1 Y 1 B ASP 3   ? B ASP 3   
43 1 Y 1 B GLU 4   ? B GLU 4   
44 1 Y 1 B ARG 5   ? B ARG 5   
45 1 Y 1 B GLU 97  ? B GLU 97  
46 1 Y 1 B LEU 98  ? B LEU 98  
47 1 Y 1 B GLY 99  ? B GLY 99  
48 1 Y 1 B ALA 100 ? B ALA 100 
49 1 Y 1 B SER 101 ? B SER 101 
50 1 Y 1 B GLN 102 ? B GLN 102 
51 1 Y 1 B SER 103 ? B SER 103 
52 1 Y 1 B VAL 104 ? B VAL 104 
53 1 Y 1 B GLU 105 ? B GLU 105 
54 1 Y 1 B LYS 106 ? B LYS 106 
55 1 Y 1 B MET 107 ? B MET 107 
56 1 Y 1 B PRO 108 ? B PRO 108 
57 1 Y 1 B PRO 109 ? B PRO 109 
58 1 Y 1 B SER 110 ? B SER 110 
59 1 Y 1 B ALA 111 ? B ALA 111 
60 1 Y 1 B THR 112 ? B THR 112 
61 1 Y 1 B ASP 113 ? B ASP 113 
62 1 Y 1 B SER 114 ? B SER 114 
63 1 Y 1 B VAL 115 ? B VAL 115 
64 1 Y 1 B GLN 116 ? B GLN 116 
65 1 Y 1 B GLU 117 ? B GLU 117 
66 1 Y 1 B ALA 118 ? B ALA 118 
67 1 Y 1 B MET 119 ? B MET 119 
68 1 Y 1 B ASN 120 ? B ASN 120 
69 1 Y 1 B ASP 121 ? B ASP 121 
70 1 Y 1 B VAL 122 ? B VAL 122 
71 1 Y 1 B ARG 123 ? B ARG 123 
72 1 Y 1 B LEU 124 ? B LEU 124 
73 1 Y 1 B LYS 125 ? B LYS 125 
74 1 Y 1 B MET 126 ? B MET 126 
75 1 Y 1 B LYS 127 ? B LYS 127 
76 1 Y 1 B LYS 128 ? B LYS 128 
77 1 Y 1 B LEU 129 ? B LEU 129 
78 1 Y 1 B PHE 130 ? B PHE 130 
# 
loop_
_chem_comp_atom.comp_id 
_chem_comp_atom.atom_id 
_chem_comp_atom.type_symbol 
_chem_comp_atom.pdbx_aromatic_flag 
_chem_comp_atom.pdbx_stereo_config 
_chem_comp_atom.pdbx_ordinal 
ALA N    N N N 1   
ALA CA   C N S 2   
ALA C    C N N 3   
ALA O    O N N 4   
ALA CB   C N N 5   
ALA OXT  O N N 6   
ALA H    H N N 7   
ALA H2   H N N 8   
ALA HA   H N N 9   
ALA HB1  H N N 10  
ALA HB2  H N N 11  
ALA HB3  H N N 12  
ALA HXT  H N N 13  
ARG N    N N N 14  
ARG CA   C N S 15  
ARG C    C N N 16  
ARG O    O N N 17  
ARG CB   C N N 18  
ARG CG   C N N 19  
ARG CD   C N N 20  
ARG NE   N N N 21  
ARG CZ   C N N 22  
ARG NH1  N N N 23  
ARG NH2  N N N 24  
ARG OXT  O N N 25  
ARG H    H N N 26  
ARG H2   H N N 27  
ARG HA   H N N 28  
ARG HB2  H N N 29  
ARG HB3  H N N 30  
ARG HG2  H N N 31  
ARG HG3  H N N 32  
ARG HD2  H N N 33  
ARG HD3  H N N 34  
ARG HE   H N N 35  
ARG HH11 H N N 36  
ARG HH12 H N N 37  
ARG HH21 H N N 38  
ARG HH22 H N N 39  
ARG HXT  H N N 40  
ASN N    N N N 41  
ASN CA   C N S 42  
ASN C    C N N 43  
ASN O    O N N 44  
ASN CB   C N N 45  
ASN CG   C N N 46  
ASN OD1  O N N 47  
ASN ND2  N N N 48  
ASN OXT  O N N 49  
ASN H    H N N 50  
ASN H2   H N N 51  
ASN HA   H N N 52  
ASN HB2  H N N 53  
ASN HB3  H N N 54  
ASN HD21 H N N 55  
ASN HD22 H N N 56  
ASN HXT  H N N 57  
ASP N    N N N 58  
ASP CA   C N S 59  
ASP C    C N N 60  
ASP O    O N N 61  
ASP CB   C N N 62  
ASP CG   C N N 63  
ASP OD1  O N N 64  
ASP OD2  O N N 65  
ASP OXT  O N N 66  
ASP H    H N N 67  
ASP H2   H N N 68  
ASP HA   H N N 69  
ASP HB2  H N N 70  
ASP HB3  H N N 71  
ASP HD2  H N N 72  
ASP HXT  H N N 73  
GLN N    N N N 74  
GLN CA   C N S 75  
GLN C    C N N 76  
GLN O    O N N 77  
GLN CB   C N N 78  
GLN CG   C N N 79  
GLN CD   C N N 80  
GLN OE1  O N N 81  
GLN NE2  N N N 82  
GLN OXT  O N N 83  
GLN H    H N N 84  
GLN H2   H N N 85  
GLN HA   H N N 86  
GLN HB2  H N N 87  
GLN HB3  H N N 88  
GLN HG2  H N N 89  
GLN HG3  H N N 90  
GLN HE21 H N N 91  
GLN HE22 H N N 92  
GLN HXT  H N N 93  
GLU N    N N N 94  
GLU CA   C N S 95  
GLU C    C N N 96  
GLU O    O N N 97  
GLU CB   C N N 98  
GLU CG   C N N 99  
GLU CD   C N N 100 
GLU OE1  O N N 101 
GLU OE2  O N N 102 
GLU OXT  O N N 103 
GLU H    H N N 104 
GLU H2   H N N 105 
GLU HA   H N N 106 
GLU HB2  H N N 107 
GLU HB3  H N N 108 
GLU HG2  H N N 109 
GLU HG3  H N N 110 
GLU HE2  H N N 111 
GLU HXT  H N N 112 
GLY N    N N N 113 
GLY CA   C N N 114 
GLY C    C N N 115 
GLY O    O N N 116 
GLY OXT  O N N 117 
GLY H    H N N 118 
GLY H2   H N N 119 
GLY HA2  H N N 120 
GLY HA3  H N N 121 
GLY HXT  H N N 122 
HIS N    N N N 123 
HIS CA   C N S 124 
HIS C    C N N 125 
HIS O    O N N 126 
HIS CB   C N N 127 
HIS CG   C Y N 128 
HIS ND1  N Y N 129 
HIS CD2  C Y N 130 
HIS CE1  C Y N 131 
HIS NE2  N Y N 132 
HIS OXT  O N N 133 
HIS H    H N N 134 
HIS H2   H N N 135 
HIS HA   H N N 136 
HIS HB2  H N N 137 
HIS HB3  H N N 138 
HIS HD1  H N N 139 
HIS HD2  H N N 140 
HIS HE1  H N N 141 
HIS HE2  H N N 142 
HIS HXT  H N N 143 
HOH O    O N N 144 
HOH H1   H N N 145 
HOH H2   H N N 146 
ILE N    N N N 147 
ILE CA   C N S 148 
ILE C    C N N 149 
ILE O    O N N 150 
ILE CB   C N S 151 
ILE CG1  C N N 152 
ILE CG2  C N N 153 
ILE CD1  C N N 154 
ILE OXT  O N N 155 
ILE H    H N N 156 
ILE H2   H N N 157 
ILE HA   H N N 158 
ILE HB   H N N 159 
ILE HG12 H N N 160 
ILE HG13 H N N 161 
ILE HG21 H N N 162 
ILE HG22 H N N 163 
ILE HG23 H N N 164 
ILE HD11 H N N 165 
ILE HD12 H N N 166 
ILE HD13 H N N 167 
ILE HXT  H N N 168 
LEU N    N N N 169 
LEU CA   C N S 170 
LEU C    C N N 171 
LEU O    O N N 172 
LEU CB   C N N 173 
LEU CG   C N N 174 
LEU CD1  C N N 175 
LEU CD2  C N N 176 
LEU OXT  O N N 177 
LEU H    H N N 178 
LEU H2   H N N 179 
LEU HA   H N N 180 
LEU HB2  H N N 181 
LEU HB3  H N N 182 
LEU HG   H N N 183 
LEU HD11 H N N 184 
LEU HD12 H N N 185 
LEU HD13 H N N 186 
LEU HD21 H N N 187 
LEU HD22 H N N 188 
LEU HD23 H N N 189 
LEU HXT  H N N 190 
LYS N    N N N 191 
LYS CA   C N S 192 
LYS C    C N N 193 
LYS O    O N N 194 
LYS CB   C N N 195 
LYS CG   C N N 196 
LYS CD   C N N 197 
LYS CE   C N N 198 
LYS NZ   N N N 199 
LYS OXT  O N N 200 
LYS H    H N N 201 
LYS H2   H N N 202 
LYS HA   H N N 203 
LYS HB2  H N N 204 
LYS HB3  H N N 205 
LYS HG2  H N N 206 
LYS HG3  H N N 207 
LYS HD2  H N N 208 
LYS HD3  H N N 209 
LYS HE2  H N N 210 
LYS HE3  H N N 211 
LYS HZ1  H N N 212 
LYS HZ2  H N N 213 
LYS HZ3  H N N 214 
LYS HXT  H N N 215 
MET N    N N N 216 
MET CA   C N S 217 
MET C    C N N 218 
MET O    O N N 219 
MET CB   C N N 220 
MET CG   C N N 221 
MET SD   S N N 222 
MET CE   C N N 223 
MET OXT  O N N 224 
MET H    H N N 225 
MET H2   H N N 226 
MET HA   H N N 227 
MET HB2  H N N 228 
MET HB3  H N N 229 
MET HG2  H N N 230 
MET HG3  H N N 231 
MET HE1  H N N 232 
MET HE2  H N N 233 
MET HE3  H N N 234 
MET HXT  H N N 235 
PHE N    N N N 236 
PHE CA   C N S 237 
PHE C    C N N 238 
PHE O    O N N 239 
PHE CB   C N N 240 
PHE CG   C Y N 241 
PHE CD1  C Y N 242 
PHE CD2  C Y N 243 
PHE CE1  C Y N 244 
PHE CE2  C Y N 245 
PHE CZ   C Y N 246 
PHE OXT  O N N 247 
PHE H    H N N 248 
PHE H2   H N N 249 
PHE HA   H N N 250 
PHE HB2  H N N 251 
PHE HB3  H N N 252 
PHE HD1  H N N 253 
PHE HD2  H N N 254 
PHE HE1  H N N 255 
PHE HE2  H N N 256 
PHE HZ   H N N 257 
PHE HXT  H N N 258 
PRO N    N N N 259 
PRO CA   C N S 260 
PRO C    C N N 261 
PRO O    O N N 262 
PRO CB   C N N 263 
PRO CG   C N N 264 
PRO CD   C N N 265 
PRO OXT  O N N 266 
PRO H    H N N 267 
PRO HA   H N N 268 
PRO HB2  H N N 269 
PRO HB3  H N N 270 
PRO HG2  H N N 271 
PRO HG3  H N N 272 
PRO HD2  H N N 273 
PRO HD3  H N N 274 
PRO HXT  H N N 275 
SER N    N N N 276 
SER CA   C N S 277 
SER C    C N N 278 
SER O    O N N 279 
SER CB   C N N 280 
SER OG   O N N 281 
SER OXT  O N N 282 
SER H    H N N 283 
SER H2   H N N 284 
SER HA   H N N 285 
SER HB2  H N N 286 
SER HB3  H N N 287 
SER HG   H N N 288 
SER HXT  H N N 289 
THR N    N N N 290 
THR CA   C N S 291 
THR C    C N N 292 
THR O    O N N 293 
THR CB   C N R 294 
THR OG1  O N N 295 
THR CG2  C N N 296 
THR OXT  O N N 297 
THR H    H N N 298 
THR H2   H N N 299 
THR HA   H N N 300 
THR HB   H N N 301 
THR HG1  H N N 302 
THR HG21 H N N 303 
THR HG22 H N N 304 
THR HG23 H N N 305 
THR HXT  H N N 306 
TRP N    N N N 307 
TRP CA   C N S 308 
TRP C    C N N 309 
TRP O    O N N 310 
TRP CB   C N N 311 
TRP CG   C Y N 312 
TRP CD1  C Y N 313 
TRP CD2  C Y N 314 
TRP NE1  N Y N 315 
TRP CE2  C Y N 316 
TRP CE3  C Y N 317 
TRP CZ2  C Y N 318 
TRP CZ3  C Y N 319 
TRP CH2  C Y N 320 
TRP OXT  O N N 321 
TRP H    H N N 322 
TRP H2   H N N 323 
TRP HA   H N N 324 
TRP HB2  H N N 325 
TRP HB3  H N N 326 
TRP HD1  H N N 327 
TRP HE1  H N N 328 
TRP HE3  H N N 329 
TRP HZ2  H N N 330 
TRP HZ3  H N N 331 
TRP HH2  H N N 332 
TRP HXT  H N N 333 
TYR N    N N N 334 
TYR CA   C N S 335 
TYR C    C N N 336 
TYR O    O N N 337 
TYR CB   C N N 338 
TYR CG   C Y N 339 
TYR CD1  C Y N 340 
TYR CD2  C Y N 341 
TYR CE1  C Y N 342 
TYR CE2  C Y N 343 
TYR CZ   C Y N 344 
TYR OH   O N N 345 
TYR OXT  O N N 346 
TYR H    H N N 347 
TYR H2   H N N 348 
TYR HA   H N N 349 
TYR HB2  H N N 350 
TYR HB3  H N N 351 
TYR HD1  H N N 352 
TYR HD2  H N N 353 
TYR HE1  H N N 354 
TYR HE2  H N N 355 
TYR HH   H N N 356 
TYR HXT  H N N 357 
VAL N    N N N 358 
VAL CA   C N S 359 
VAL C    C N N 360 
VAL O    O N N 361 
VAL CB   C N N 362 
VAL CG1  C N N 363 
VAL CG2  C N N 364 
VAL OXT  O N N 365 
VAL H    H N N 366 
VAL H2   H N N 367 
VAL HA   H N N 368 
VAL HB   H N N 369 
VAL HG11 H N N 370 
VAL HG12 H N N 371 
VAL HG13 H N N 372 
VAL HG21 H N N 373 
VAL HG22 H N N 374 
VAL HG23 H N N 375 
VAL HXT  H N N 376 
# 
loop_
_chem_comp_bond.comp_id 
_chem_comp_bond.atom_id_1 
_chem_comp_bond.atom_id_2 
_chem_comp_bond.value_order 
_chem_comp_bond.pdbx_aromatic_flag 
_chem_comp_bond.pdbx_stereo_config 
_chem_comp_bond.pdbx_ordinal 
ALA N   CA   sing N N 1   
ALA N   H    sing N N 2   
ALA N   H2   sing N N 3   
ALA CA  C    sing N N 4   
ALA CA  CB   sing N N 5   
ALA CA  HA   sing N N 6   
ALA C   O    doub N N 7   
ALA C   OXT  sing N N 8   
ALA CB  HB1  sing N N 9   
ALA CB  HB2  sing N N 10  
ALA CB  HB3  sing N N 11  
ALA OXT HXT  sing N N 12  
ARG N   CA   sing N N 13  
ARG N   H    sing N N 14  
ARG N   H2   sing N N 15  
ARG CA  C    sing N N 16  
ARG CA  CB   sing N N 17  
ARG CA  HA   sing N N 18  
ARG C   O    doub N N 19  
ARG C   OXT  sing N N 20  
ARG CB  CG   sing N N 21  
ARG CB  HB2  sing N N 22  
ARG CB  HB3  sing N N 23  
ARG CG  CD   sing N N 24  
ARG CG  HG2  sing N N 25  
ARG CG  HG3  sing N N 26  
ARG CD  NE   sing N N 27  
ARG CD  HD2  sing N N 28  
ARG CD  HD3  sing N N 29  
ARG NE  CZ   sing N N 30  
ARG NE  HE   sing N N 31  
ARG CZ  NH1  sing N N 32  
ARG CZ  NH2  doub N N 33  
ARG NH1 HH11 sing N N 34  
ARG NH1 HH12 sing N N 35  
ARG NH2 HH21 sing N N 36  
ARG NH2 HH22 sing N N 37  
ARG OXT HXT  sing N N 38  
ASN N   CA   sing N N 39  
ASN N   H    sing N N 40  
ASN N   H2   sing N N 41  
ASN CA  C    sing N N 42  
ASN CA  CB   sing N N 43  
ASN CA  HA   sing N N 44  
ASN C   O    doub N N 45  
ASN C   OXT  sing N N 46  
ASN CB  CG   sing N N 47  
ASN CB  HB2  sing N N 48  
ASN CB  HB3  sing N N 49  
ASN CG  OD1  doub N N 50  
ASN CG  ND2  sing N N 51  
ASN ND2 HD21 sing N N 52  
ASN ND2 HD22 sing N N 53  
ASN OXT HXT  sing N N 54  
ASP N   CA   sing N N 55  
ASP N   H    sing N N 56  
ASP N   H2   sing N N 57  
ASP CA  C    sing N N 58  
ASP CA  CB   sing N N 59  
ASP CA  HA   sing N N 60  
ASP C   O    doub N N 61  
ASP C   OXT  sing N N 62  
ASP CB  CG   sing N N 63  
ASP CB  HB2  sing N N 64  
ASP CB  HB3  sing N N 65  
ASP CG  OD1  doub N N 66  
ASP CG  OD2  sing N N 67  
ASP OD2 HD2  sing N N 68  
ASP OXT HXT  sing N N 69  
GLN N   CA   sing N N 70  
GLN N   H    sing N N 71  
GLN N   H2   sing N N 72  
GLN CA  C    sing N N 73  
GLN CA  CB   sing N N 74  
GLN CA  HA   sing N N 75  
GLN C   O    doub N N 76  
GLN C   OXT  sing N N 77  
GLN CB  CG   sing N N 78  
GLN CB  HB2  sing N N 79  
GLN CB  HB3  sing N N 80  
GLN CG  CD   sing N N 81  
GLN CG  HG2  sing N N 82  
GLN CG  HG3  sing N N 83  
GLN CD  OE1  doub N N 84  
GLN CD  NE2  sing N N 85  
GLN NE2 HE21 sing N N 86  
GLN NE2 HE22 sing N N 87  
GLN OXT HXT  sing N N 88  
GLU N   CA   sing N N 89  
GLU N   H    sing N N 90  
GLU N   H2   sing N N 91  
GLU CA  C    sing N N 92  
GLU CA  CB   sing N N 93  
GLU CA  HA   sing N N 94  
GLU C   O    doub N N 95  
GLU C   OXT  sing N N 96  
GLU CB  CG   sing N N 97  
GLU CB  HB2  sing N N 98  
GLU CB  HB3  sing N N 99  
GLU CG  CD   sing N N 100 
GLU CG  HG2  sing N N 101 
GLU CG  HG3  sing N N 102 
GLU CD  OE1  doub N N 103 
GLU CD  OE2  sing N N 104 
GLU OE2 HE2  sing N N 105 
GLU OXT HXT  sing N N 106 
GLY N   CA   sing N N 107 
GLY N   H    sing N N 108 
GLY N   H2   sing N N 109 
GLY CA  C    sing N N 110 
GLY CA  HA2  sing N N 111 
GLY CA  HA3  sing N N 112 
GLY C   O    doub N N 113 
GLY C   OXT  sing N N 114 
GLY OXT HXT  sing N N 115 
HIS N   CA   sing N N 116 
HIS N   H    sing N N 117 
HIS N   H2   sing N N 118 
HIS CA  C    sing N N 119 
HIS CA  CB   sing N N 120 
HIS CA  HA   sing N N 121 
HIS C   O    doub N N 122 
HIS C   OXT  sing N N 123 
HIS CB  CG   sing N N 124 
HIS CB  HB2  sing N N 125 
HIS CB  HB3  sing N N 126 
HIS CG  ND1  sing Y N 127 
HIS CG  CD2  doub Y N 128 
HIS ND1 CE1  doub Y N 129 
HIS ND1 HD1  sing N N 130 
HIS CD2 NE2  sing Y N 131 
HIS CD2 HD2  sing N N 132 
HIS CE1 NE2  sing Y N 133 
HIS CE1 HE1  sing N N 134 
HIS NE2 HE2  sing N N 135 
HIS OXT HXT  sing N N 136 
HOH O   H1   sing N N 137 
HOH O   H2   sing N N 138 
ILE N   CA   sing N N 139 
ILE N   H    sing N N 140 
ILE N   H2   sing N N 141 
ILE CA  C    sing N N 142 
ILE CA  CB   sing N N 143 
ILE CA  HA   sing N N 144 
ILE C   O    doub N N 145 
ILE C   OXT  sing N N 146 
ILE CB  CG1  sing N N 147 
ILE CB  CG2  sing N N 148 
ILE CB  HB   sing N N 149 
ILE CG1 CD1  sing N N 150 
ILE CG1 HG12 sing N N 151 
ILE CG1 HG13 sing N N 152 
ILE CG2 HG21 sing N N 153 
ILE CG2 HG22 sing N N 154 
ILE CG2 HG23 sing N N 155 
ILE CD1 HD11 sing N N 156 
ILE CD1 HD12 sing N N 157 
ILE CD1 HD13 sing N N 158 
ILE OXT HXT  sing N N 159 
LEU N   CA   sing N N 160 
LEU N   H    sing N N 161 
LEU N   H2   sing N N 162 
LEU CA  C    sing N N 163 
LEU CA  CB   sing N N 164 
LEU CA  HA   sing N N 165 
LEU C   O    doub N N 166 
LEU C   OXT  sing N N 167 
LEU CB  CG   sing N N 168 
LEU CB  HB2  sing N N 169 
LEU CB  HB3  sing N N 170 
LEU CG  CD1  sing N N 171 
LEU CG  CD2  sing N N 172 
LEU CG  HG   sing N N 173 
LEU CD1 HD11 sing N N 174 
LEU CD1 HD12 sing N N 175 
LEU CD1 HD13 sing N N 176 
LEU CD2 HD21 sing N N 177 
LEU CD2 HD22 sing N N 178 
LEU CD2 HD23 sing N N 179 
LEU OXT HXT  sing N N 180 
LYS N   CA   sing N N 181 
LYS N   H    sing N N 182 
LYS N   H2   sing N N 183 
LYS CA  C    sing N N 184 
LYS CA  CB   sing N N 185 
LYS CA  HA   sing N N 186 
LYS C   O    doub N N 187 
LYS C   OXT  sing N N 188 
LYS CB  CG   sing N N 189 
LYS CB  HB2  sing N N 190 
LYS CB  HB3  sing N N 191 
LYS CG  CD   sing N N 192 
LYS CG  HG2  sing N N 193 
LYS CG  HG3  sing N N 194 
LYS CD  CE   sing N N 195 
LYS CD  HD2  sing N N 196 
LYS CD  HD3  sing N N 197 
LYS CE  NZ   sing N N 198 
LYS CE  HE2  sing N N 199 
LYS CE  HE3  sing N N 200 
LYS NZ  HZ1  sing N N 201 
LYS NZ  HZ2  sing N N 202 
LYS NZ  HZ3  sing N N 203 
LYS OXT HXT  sing N N 204 
MET N   CA   sing N N 205 
MET N   H    sing N N 206 
MET N   H2   sing N N 207 
MET CA  C    sing N N 208 
MET CA  CB   sing N N 209 
MET CA  HA   sing N N 210 
MET C   O    doub N N 211 
MET C   OXT  sing N N 212 
MET CB  CG   sing N N 213 
MET CB  HB2  sing N N 214 
MET CB  HB3  sing N N 215 
MET CG  SD   sing N N 216 
MET CG  HG2  sing N N 217 
MET CG  HG3  sing N N 218 
MET SD  CE   sing N N 219 
MET CE  HE1  sing N N 220 
MET CE  HE2  sing N N 221 
MET CE  HE3  sing N N 222 
MET OXT HXT  sing N N 223 
PHE N   CA   sing N N 224 
PHE N   H    sing N N 225 
PHE N   H2   sing N N 226 
PHE CA  C    sing N N 227 
PHE CA  CB   sing N N 228 
PHE CA  HA   sing N N 229 
PHE C   O    doub N N 230 
PHE C   OXT  sing N N 231 
PHE CB  CG   sing N N 232 
PHE CB  HB2  sing N N 233 
PHE CB  HB3  sing N N 234 
PHE CG  CD1  doub Y N 235 
PHE CG  CD2  sing Y N 236 
PHE CD1 CE1  sing Y N 237 
PHE CD1 HD1  sing N N 238 
PHE CD2 CE2  doub Y N 239 
PHE CD2 HD2  sing N N 240 
PHE CE1 CZ   doub Y N 241 
PHE CE1 HE1  sing N N 242 
PHE CE2 CZ   sing Y N 243 
PHE CE2 HE2  sing N N 244 
PHE CZ  HZ   sing N N 245 
PHE OXT HXT  sing N N 246 
PRO N   CA   sing N N 247 
PRO N   CD   sing N N 248 
PRO N   H    sing N N 249 
PRO CA  C    sing N N 250 
PRO CA  CB   sing N N 251 
PRO CA  HA   sing N N 252 
PRO C   O    doub N N 253 
PRO C   OXT  sing N N 254 
PRO CB  CG   sing N N 255 
PRO CB  HB2  sing N N 256 
PRO CB  HB3  sing N N 257 
PRO CG  CD   sing N N 258 
PRO CG  HG2  sing N N 259 
PRO CG  HG3  sing N N 260 
PRO CD  HD2  sing N N 261 
PRO CD  HD3  sing N N 262 
PRO OXT HXT  sing N N 263 
SER N   CA   sing N N 264 
SER N   H    sing N N 265 
SER N   H2   sing N N 266 
SER CA  C    sing N N 267 
SER CA  CB   sing N N 268 
SER CA  HA   sing N N 269 
SER C   O    doub N N 270 
SER C   OXT  sing N N 271 
SER CB  OG   sing N N 272 
SER CB  HB2  sing N N 273 
SER CB  HB3  sing N N 274 
SER OG  HG   sing N N 275 
SER OXT HXT  sing N N 276 
THR N   CA   sing N N 277 
THR N   H    sing N N 278 
THR N   H2   sing N N 279 
THR CA  C    sing N N 280 
THR CA  CB   sing N N 281 
THR CA  HA   sing N N 282 
THR C   O    doub N N 283 
THR C   OXT  sing N N 284 
THR CB  OG1  sing N N 285 
THR CB  CG2  sing N N 286 
THR CB  HB   sing N N 287 
THR OG1 HG1  sing N N 288 
THR CG2 HG21 sing N N 289 
THR CG2 HG22 sing N N 290 
THR CG2 HG23 sing N N 291 
THR OXT HXT  sing N N 292 
TRP N   CA   sing N N 293 
TRP N   H    sing N N 294 
TRP N   H2   sing N N 295 
TRP CA  C    sing N N 296 
TRP CA  CB   sing N N 297 
TRP CA  HA   sing N N 298 
TRP C   O    doub N N 299 
TRP C   OXT  sing N N 300 
TRP CB  CG   sing N N 301 
TRP CB  HB2  sing N N 302 
TRP CB  HB3  sing N N 303 
TRP CG  CD1  doub Y N 304 
TRP CG  CD2  sing Y N 305 
TRP CD1 NE1  sing Y N 306 
TRP CD1 HD1  sing N N 307 
TRP CD2 CE2  doub Y N 308 
TRP CD2 CE3  sing Y N 309 
TRP NE1 CE2  sing Y N 310 
TRP NE1 HE1  sing N N 311 
TRP CE2 CZ2  sing Y N 312 
TRP CE3 CZ3  doub Y N 313 
TRP CE3 HE3  sing N N 314 
TRP CZ2 CH2  doub Y N 315 
TRP CZ2 HZ2  sing N N 316 
TRP CZ3 CH2  sing Y N 317 
TRP CZ3 HZ3  sing N N 318 
TRP CH2 HH2  sing N N 319 
TRP OXT HXT  sing N N 320 
TYR N   CA   sing N N 321 
TYR N   H    sing N N 322 
TYR N   H2   sing N N 323 
TYR CA  C    sing N N 324 
TYR CA  CB   sing N N 325 
TYR CA  HA   sing N N 326 
TYR C   O    doub N N 327 
TYR C   OXT  sing N N 328 
TYR CB  CG   sing N N 329 
TYR CB  HB2  sing N N 330 
TYR CB  HB3  sing N N 331 
TYR CG  CD1  doub Y N 332 
TYR CG  CD2  sing Y N 333 
TYR CD1 CE1  sing Y N 334 
TYR CD1 HD1  sing N N 335 
TYR CD2 CE2  doub Y N 336 
TYR CD2 HD2  sing N N 337 
TYR CE1 CZ   doub Y N 338 
TYR CE1 HE1  sing N N 339 
TYR CE2 CZ   sing Y N 340 
TYR CE2 HE2  sing N N 341 
TYR CZ  OH   sing N N 342 
TYR OH  HH   sing N N 343 
TYR OXT HXT  sing N N 344 
VAL N   CA   sing N N 345 
VAL N   H    sing N N 346 
VAL N   H2   sing N N 347 
VAL CA  C    sing N N 348 
VAL CA  CB   sing N N 349 
VAL CA  HA   sing N N 350 
VAL C   O    doub N N 351 
VAL C   OXT  sing N N 352 
VAL CB  CG1  sing N N 353 
VAL CB  CG2  sing N N 354 
VAL CB  HB   sing N N 355 
VAL CG1 HG11 sing N N 356 
VAL CG1 HG12 sing N N 357 
VAL CG1 HG13 sing N N 358 
VAL CG2 HG21 sing N N 359 
VAL CG2 HG22 sing N N 360 
VAL CG2 HG23 sing N N 361 
VAL OXT HXT  sing N N 362 
# 
_atom_sites.entry_id                    2JD3 
_atom_sites.fract_transf_matrix[1][1]   0.00185674 
_atom_sites.fract_transf_matrix[1][2]   -0.01109475 
_atom_sites.fract_transf_matrix[1][3]   0.00398043 
_atom_sites.fract_transf_matrix[2][1]   0.01112279 
_atom_sites.fract_transf_matrix[2][2]   -0.00385231 
_atom_sites.fract_transf_matrix[2][3]   0.00195952 
_atom_sites.fract_transf_matrix[3][1]   -0.00041583 
_atom_sites.fract_transf_matrix[3][2]   0.00263749 
_atom_sites.fract_transf_matrix[3][3]   0.00754551 
_atom_sites.fract_transf_vector[1]      0.406788 
_atom_sites.fract_transf_vector[2]      -0.149875 
_atom_sites.fract_transf_vector[3]      -0.042652 
# 
loop_
_atom_type.symbol 
C 
N 
O 
S 
# 
loop_
_atom_site.group_PDB 
_atom_site.id 
_atom_site.type_symbol 
_atom_site.label_atom_id 
_atom_site.label_alt_id 
_atom_site.label_comp_id 
_atom_site.label_asym_id 
_atom_site.label_entity_id 
_atom_site.label_seq_id 
_atom_site.pdbx_PDB_ins_code 
_atom_site.Cartn_x 
_atom_site.Cartn_y 
_atom_site.Cartn_z 
_atom_site.occupancy 
_atom_site.B_iso_or_equiv 
_atom_site.pdbx_formal_charge 
_atom_site.auth_seq_id 
_atom_site.auth_comp_id 
_atom_site.auth_asym_id 
_atom_site.auth_atom_id 
_atom_site.pdbx_PDB_model_num 
ATOM   1    N N   . LYS A 1 6  ? -4.398  -13.689 20.045  1.00 93.10  ? 6    LYS A N   1 
ATOM   2    C CA  . LYS A 1 6  ? -5.840  -13.496 19.704  1.00 93.05  ? 6    LYS A CA  1 
ATOM   3    C C   . LYS A 1 6  ? -6.045  -13.662 18.199  1.00 91.59  ? 6    LYS A C   1 
ATOM   4    O O   . LYS A 1 6  ? -7.169  -13.553 17.699  1.00 91.56  ? 6    LYS A O   1 
ATOM   5    C CB  . LYS A 1 6  ? -6.316  -12.096 20.129  1.00 94.37  ? 6    LYS A CB  1 
ATOM   6    C CG  . LYS A 1 6  ? -7.833  -11.977 20.292  1.00 96.42  ? 6    LYS A CG  1 
ATOM   7    C CD  . LYS A 1 6  ? -8.404  -10.693 19.686  1.00 97.41  ? 6    LYS A CD  1 
ATOM   8    C CE  . LYS A 1 6  ? -8.478  -10.772 18.161  1.00 98.01  ? 6    LYS A CE  1 
ATOM   9    N NZ  . LYS A 1 6  ? -9.095  -9.555  17.551  1.00 98.75  ? 6    LYS A NZ  1 
ATOM   10   N N   . ARG A 1 7  ? -4.946  -13.919 17.491  1.00 89.33  ? 7    ARG A N   1 
ATOM   11   C CA  . ARG A 1 7  ? -4.943  -14.109 16.040  1.00 87.07  ? 7    ARG A CA  1 
ATOM   12   C C   . ARG A 1 7  ? -6.285  -13.806 15.363  1.00 85.53  ? 7    ARG A C   1 
ATOM   13   O O   . ARG A 1 7  ? -7.113  -14.698 15.186  1.00 85.81  ? 7    ARG A O   1 
ATOM   14   C CB  . ARG A 1 7  ? -4.522  -15.540 15.720  1.00 86.92  ? 7    ARG A CB  1 
ATOM   15   C CG  . ARG A 1 7  ? -4.463  -15.851 14.246  1.00 88.49  ? 7    ARG A CG  1 
ATOM   16   C CD  . ARG A 1 7  ? -4.324  -17.344 14.018  1.00 90.11  ? 7    ARG A CD  1 
ATOM   17   N NE  . ARG A 1 7  ? -4.216  -17.675 12.601  1.00 91.90  ? 7    ARG A NE  1 
ATOM   18   C CZ  . ARG A 1 7  ? -4.182  -18.914 12.121  1.00 92.39  ? 7    ARG A CZ  1 
ATOM   19   N NH1 . ARG A 1 7  ? -4.082  -19.116 10.815  1.00 92.37  ? 7    ARG A NH1 1 
ATOM   20   N NH2 . ARG A 1 7  ? -4.251  -19.952 12.947  1.00 93.38  ? 7    ARG A NH2 1 
ATOM   21   N N   . LYS A 1 8  ? -6.491  -12.546 14.984  1.00 83.15  ? 8    LYS A N   1 
ATOM   22   C CA  . LYS A 1 8  ? -7.725  -12.118 14.331  1.00 79.97  ? 8    LYS A CA  1 
ATOM   23   C C   . LYS A 1 8  ? -7.739  -12.580 12.879  1.00 77.12  ? 8    LYS A C   1 
ATOM   24   O O   . LYS A 1 8  ? -6.688  -12.752 12.264  1.00 76.69  ? 8    LYS A O   1 
ATOM   25   C CB  . LYS A 1 8  ? -7.838  -10.595 14.392  1.00 81.93  ? 8    LYS A CB  1 
ATOM   26   C CG  . LYS A 1 8  ? -9.165  -10.026 13.915  1.00 84.83  ? 8    LYS A CG  1 
ATOM   27   C CD  . LYS A 1 8  ? -10.325 -10.457 14.804  1.00 87.11  ? 8    LYS A CD  1 
ATOM   28   C CE  . LYS A 1 8  ? -11.305 -9.306  15.035  1.00 87.47  ? 8    LYS A CE  1 
ATOM   29   N NZ  . LYS A 1 8  ? -11.832 -8.722  13.766  1.00 87.32  ? 8    LYS A NZ  1 
ATOM   30   N N   . LYS A 1 9  ? -8.931  -12.779 12.329  1.00 73.87  ? 9    LYS A N   1 
ATOM   31   C CA  . LYS A 1 9  ? -9.056  -13.239 10.948  1.00 70.37  ? 9    LYS A CA  1 
ATOM   32   C C   . LYS A 1 9  ? -9.897  -12.309 10.082  1.00 66.84  ? 9    LYS A C   1 
ATOM   33   O O   . LYS A 1 9  ? -10.908 -11.774 10.536  1.00 66.35  ? 9    LYS A O   1 
ATOM   34   C CB  . LYS A 1 9  ? -9.658  -14.642 10.924  1.00 70.20  ? 9    LYS A CB  1 
ATOM   35   C CG  . LYS A 1 9  ? -9.995  -15.151 9.543   1.00 71.72  ? 9    LYS A CG  1 
ATOM   36   C CD  . LYS A 1 9  ? -10.470 -16.584 9.609   1.00 75.22  ? 9    LYS A CD  1 
ATOM   37   C CE  . LYS A 1 9  ? -10.961 -17.087 8.262   1.00 77.53  ? 9    LYS A CE  1 
ATOM   38   N NZ  . LYS A 1 9  ? -11.225 -18.561 8.267   1.00 78.54  ? 9    LYS A NZ  1 
ATOM   39   N N   . TYR A 1 10 ? -9.469  -12.110 8.839   1.00 62.29  ? 10   TYR A N   1 
ATOM   40   C CA  . TYR A 1 10 ? -10.202 -11.257 7.922   1.00 59.80  ? 10   TYR A CA  1 
ATOM   41   C C   . TYR A 1 10 ? -10.444 -11.952 6.590   1.00 60.54  ? 10   TYR A C   1 
ATOM   42   O O   . TYR A 1 10 ? -9.588  -12.692 6.088   1.00 60.55  ? 10   TYR A O   1 
ATOM   43   C CB  . TYR A 1 10 ? -9.466  -9.936  7.698   1.00 56.33  ? 10   TYR A CB  1 
ATOM   44   C CG  . TYR A 1 10 ? -9.360  -9.091  8.941   1.00 55.06  ? 10   TYR A CG  1 
ATOM   45   C CD1 . TYR A 1 10 ? -8.422  -9.384  9.929   1.00 55.32  ? 10   TYR A CD1 1 
ATOM   46   C CD2 . TYR A 1 10 ? -10.221 -8.019  9.156   1.00 54.98  ? 10   TYR A CD2 1 
ATOM   47   C CE1 . TYR A 1 10 ? -8.347  -8.634  11.101  1.00 54.00  ? 10   TYR A CE1 1 
ATOM   48   C CE2 . TYR A 1 10 ? -10.157 -7.261  10.329  1.00 54.29  ? 10   TYR A CE2 1 
ATOM   49   C CZ  . TYR A 1 10 ? -9.218  -7.578  11.294  1.00 54.37  ? 10   TYR A CZ  1 
ATOM   50   O OH  . TYR A 1 10 ? -9.160  -6.856  12.463  1.00 56.54  ? 10   TYR A OH  1 
ATOM   51   N N   . THR A 1 11 ? -11.628 -11.708 6.031   1.00 60.19  ? 11   THR A N   1 
ATOM   52   C CA  . THR A 1 11 ? -12.037 -12.292 4.761   1.00 60.24  ? 11   THR A CA  1 
ATOM   53   C C   . THR A 1 11 ? -12.310 -11.188 3.751   1.00 59.27  ? 11   THR A C   1 
ATOM   54   O O   . THR A 1 11 ? -13.036 -10.246 4.045   1.00 60.30  ? 11   THR A O   1 
ATOM   55   C CB  . THR A 1 11 ? -13.316 -13.142 4.941   1.00 61.10  ? 11   THR A CB  1 
ATOM   56   O OG1 . THR A 1 11 ? -12.994 -14.349 5.645   1.00 62.74  ? 11   THR A OG1 1 
ATOM   57   C CG2 . THR A 1 11 ? -13.929 -13.494 3.595   1.00 62.20  ? 11   THR A CG2 1 
ATOM   58   N N   . LEU A 1 12 ? -11.734 -11.304 2.559   1.00 57.58  ? 12   LEU A N   1 
ATOM   59   C CA  . LEU A 1 12 ? -11.936 -10.287 1.532   1.00 56.81  ? 12   LEU A CA  1 
ATOM   60   C C   . LEU A 1 12 ? -12.134 -10.930 0.156   1.00 57.16  ? 12   LEU A C   1 
ATOM   61   O O   . LEU A 1 12 ? -11.743 -12.077 -0.063  1.00 56.24  ? 12   LEU A O   1 
ATOM   62   C CB  . LEU A 1 12 ? -10.741 -9.321  1.522   1.00 54.89  ? 12   LEU A CB  1 
ATOM   63   C CG  . LEU A 1 12 ? -9.371  -9.874  1.128   1.00 53.61  ? 12   LEU A CG  1 
ATOM   64   C CD1 . LEU A 1 12 ? -9.190  -9.749  -0.374  1.00 53.28  ? 12   LEU A CD1 1 
ATOM   65   C CD2 . LEU A 1 12 ? -8.279  -9.106  1.824   1.00 53.39  ? 12   LEU A CD2 1 
ATOM   66   N N   . TYR A 1 13 ? -12.741 -10.188 -0.770  1.00 57.88  ? 13   TYR A N   1 
ATOM   67   C CA  . TYR A 1 13 ? -13.001 -10.714 -2.108  1.00 58.55  ? 13   TYR A CA  1 
ATOM   68   C C   . TYR A 1 13 ? -12.476 -9.867  -3.258  1.00 58.76  ? 13   TYR A C   1 
ATOM   69   O O   . TYR A 1 13 ? -12.647 -8.647  -3.275  1.00 58.78  ? 13   TYR A O   1 
ATOM   70   C CB  . TYR A 1 13 ? -14.510 -10.907 -2.329  1.00 59.02  ? 13   TYR A CB  1 
ATOM   71   C CG  . TYR A 1 13 ? -15.163 -11.854 -1.360  1.00 59.77  ? 13   TYR A CG  1 
ATOM   72   C CD1 . TYR A 1 13 ? -15.776 -11.382 -0.202  1.00 59.24  ? 13   TYR A CD1 1 
ATOM   73   C CD2 . TYR A 1 13 ? -15.110 -13.233 -1.564  1.00 60.18  ? 13   TYR A CD2 1 
ATOM   74   C CE1 . TYR A 1 13 ? -16.313 -12.259 0.735   1.00 60.73  ? 13   TYR A CE1 1 
ATOM   75   C CE2 . TYR A 1 13 ? -15.644 -14.117 -0.635  1.00 61.40  ? 13   TYR A CE2 1 
ATOM   76   C CZ  . TYR A 1 13 ? -16.240 -13.625 0.515   1.00 61.88  ? 13   TYR A CZ  1 
ATOM   77   O OH  . TYR A 1 13 ? -16.724 -14.505 1.460   1.00 63.34  ? 13   TYR A OH  1 
ATOM   78   N N   . LEU A 1 14 ? -11.852 -10.532 -4.224  1.00 58.13  ? 14   LEU A N   1 
ATOM   79   C CA  . LEU A 1 14 ? -11.351 -9.868  -5.417  1.00 58.31  ? 14   LEU A CA  1 
ATOM   80   C C   . LEU A 1 14 ? -12.340 -10.191 -6.544  1.00 59.48  ? 14   LEU A C   1 
ATOM   81   O O   . LEU A 1 14 ? -13.159 -11.106 -6.410  1.00 59.24  ? 14   LEU A O   1 
ATOM   82   C CB  . LEU A 1 14 ? -9.952  -10.373 -5.773  1.00 58.01  ? 14   LEU A CB  1 
ATOM   83   C CG  . LEU A 1 14 ? -8.819  -9.932  -4.843  1.00 57.33  ? 14   LEU A CG  1 
ATOM   84   C CD1 . LEU A 1 14 ? -7.474  -10.294 -5.453  1.00 57.04  ? 14   LEU A CD1 1 
ATOM   85   C CD2 . LEU A 1 14 ? -8.897  -8.438  -4.626  1.00 56.91  ? 14   LEU A CD2 1 
ATOM   86   N N   . HIS A 1 15 ? -12.265 -9.444  -7.642  1.00 59.05  ? 15   HIS A N   1 
ATOM   87   C CA  . HIS A 1 15 ? -13.163 -9.640  -8.777  1.00 58.18  ? 15   HIS A CA  1 
ATOM   88   C C   . HIS A 1 15 ? -12.381 -9.748  -10.073 1.00 59.63  ? 15   HIS A C   1 
ATOM   89   O O   . HIS A 1 15 ? -12.184 -8.748  -10.775 1.00 59.25  ? 15   HIS A O   1 
ATOM   90   C CB  . HIS A 1 15 ? -14.124 -8.468  -8.884  1.00 57.66  ? 15   HIS A CB  1 
ATOM   91   C CG  . HIS A 1 15 ? -14.954 -8.261  -7.660  1.00 58.45  ? 15   HIS A CG  1 
ATOM   92   N ND1 . HIS A 1 15 ? -15.858 -9.196  -7.210  1.00 59.26  ? 15   HIS A ND1 1 
ATOM   93   C CD2 . HIS A 1 15 ? -15.009 -7.231  -6.785  1.00 58.90  ? 15   HIS A CD2 1 
ATOM   94   C CE1 . HIS A 1 15 ? -16.435 -8.751  -6.108  1.00 58.59  ? 15   HIS A CE1 1 
ATOM   95   N NE2 . HIS A 1 15 ? -15.938 -7.560  -5.829  1.00 58.11  ? 15   HIS A NE2 1 
ATOM   96   N N   . PRO A 1 16 ? -11.938 -10.969 -10.419 1.00 60.24  ? 16   PRO A N   1 
ATOM   97   C CA  . PRO A 1 16 ? -11.165 -11.230 -11.636 1.00 60.41  ? 16   PRO A CA  1 
ATOM   98   C C   . PRO A 1 16 ? -11.635 -10.470 -12.876 1.00 61.52  ? 16   PRO A C   1 
ATOM   99   O O   . PRO A 1 16 ? -10.815 -10.101 -13.724 1.00 61.44  ? 16   PRO A O   1 
ATOM   100  C CB  . PRO A 1 16 ? -11.259 -12.747 -11.785 1.00 59.90  ? 16   PRO A CB  1 
ATOM   101  C CG  . PRO A 1 16 ? -12.473 -13.115 -10.966 1.00 60.82  ? 16   PRO A CG  1 
ATOM   102  C CD  . PRO A 1 16 ? -12.340 -12.232 -9.783  1.00 59.67  ? 16   PRO A CD  1 
ATOM   103  N N   . GLU A 1 17 ? -12.941 -10.225 -12.978 1.00 61.83  ? 17   GLU A N   1 
ATOM   104  C CA  . GLU A 1 17 ? -13.489 -9.487  -14.116 1.00 62.24  ? 17   GLU A CA  1 
ATOM   105  C C   . GLU A 1 17 ? -12.852 -8.099  -14.290 1.00 61.59  ? 17   GLU A C   1 
ATOM   106  O O   . GLU A 1 17 ? -12.871 -7.529  -15.379 1.00 61.18  ? 17   GLU A O   1 
ATOM   107  C CB  . GLU A 1 17 ? -15.007 -9.336  -13.982 1.00 63.68  ? 17   GLU A CB  1 
ATOM   108  C CG  . GLU A 1 17 ? -15.498 -8.792  -12.641 1.00 68.52  ? 17   GLU A CG  1 
ATOM   109  C CD  . GLU A 1 17 ? -15.902 -9.899  -11.670 1.00 72.44  ? 17   GLU A CD  1 
ATOM   110  O OE1 . GLU A 1 17 ? -16.403 -9.579  -10.564 1.00 72.27  ? 17   GLU A OE1 1 
ATOM   111  O OE2 . GLU A 1 17 ? -15.719 -11.093 -12.011 1.00 75.50  ? 17   GLU A OE2 1 
ATOM   112  N N   . LYS A 1 18 ? -12.286 -7.555  -13.216 1.00 60.95  ? 18   LYS A N   1 
ATOM   113  C CA  . LYS A 1 18 ? -11.652 -6.242  -13.283 1.00 59.05  ? 18   LYS A CA  1 
ATOM   114  C C   . LYS A 1 18 ? -10.148 -6.350  -13.516 1.00 57.21  ? 18   LYS A C   1 
ATOM   115  O O   . LYS A 1 18 ? -9.507  -7.294  -13.057 1.00 56.68  ? 18   LYS A O   1 
ATOM   116  C CB  . LYS A 1 18 ? -11.914 -5.473  -11.994 1.00 60.68  ? 18   LYS A CB  1 
ATOM   117  C CG  . LYS A 1 18 ? -13.379 -5.230  -11.712 1.00 63.20  ? 18   LYS A CG  1 
ATOM   118  C CD  . LYS A 1 18 ? -13.565 -4.195  -10.616 1.00 64.93  ? 18   LYS A CD  1 
ATOM   119  C CE  . LYS A 1 18 ? -15.017 -3.770  -10.511 1.00 66.61  ? 18   LYS A CE  1 
ATOM   120  N NZ  . LYS A 1 18 ? -15.190 -2.652  -9.543  1.00 68.98  ? 18   LYS A NZ  1 
ATOM   121  N N   . ALA A 1 19 ? -9.586  -5.379  -14.225 1.00 55.45  ? 19   ALA A N   1 
ATOM   122  C CA  . ALA A 1 19 ? -8.154  -5.378  -14.513 1.00 54.93  ? 19   ALA A CA  1 
ATOM   123  C C   . ALA A 1 19 ? -7.341  -5.512  -13.241 1.00 55.07  ? 19   ALA A C   1 
ATOM   124  O O   . ALA A 1 19 ? -6.639  -6.504  -13.042 1.00 55.75  ? 19   ALA A O   1 
ATOM   125  C CB  . ALA A 1 19 ? -7.757  -4.100  -15.232 1.00 54.65  ? 19   ALA A CB  1 
ATOM   126  N N   . ALA A 1 20 ? -7.447  -4.506  -12.380 1.00 54.00  ? 20   ALA A N   1 
ATOM   127  C CA  . ALA A 1 20 ? -6.714  -4.486  -11.123 1.00 51.31  ? 20   ALA A CA  1 
ATOM   128  C C   . ALA A 1 20 ? -6.806  -5.806  -10.379 1.00 49.82  ? 20   ALA A C   1 
ATOM   129  O O   . ALA A 1 20 ? -5.782  -6.389  -10.043 1.00 48.84  ? 20   ALA A O   1 
ATOM   130  C CB  . ALA A 1 20 ? -7.216  -3.352  -10.243 1.00 51.45  ? 20   ALA A CB  1 
ATOM   131  N N   . ASP A 1 21 ? -8.020  -6.285  -10.124 1.00 49.02  ? 21   ASP A N   1 
ATOM   132  C CA  . ASP A 1 21 ? -8.168  -7.547  -9.403  1.00 50.79  ? 21   ASP A CA  1 
ATOM   133  C C   . ASP A 1 21 ? -7.454  -8.685  -10.122 1.00 51.95  ? 21   ASP A C   1 
ATOM   134  O O   . ASP A 1 21 ? -6.806  -9.525  -9.495  1.00 52.78  ? 21   ASP A O   1 
ATOM   135  C CB  . ASP A 1 21 ? -9.645  -7.904  -9.221  1.00 49.71  ? 21   ASP A CB  1 
ATOM   136  C CG  . ASP A 1 21 ? -10.412 -6.831  -8.485  1.00 51.06  ? 21   ASP A CG  1 
ATOM   137  O OD1 . ASP A 1 21 ? -11.041 -7.142  -7.450  1.00 49.96  ? 21   ASP A OD1 1 
ATOM   138  O OD2 . ASP A 1 21 ? -10.384 -5.670  -8.945  1.00 50.97  ? 21   ASP A OD2 1 
ATOM   139  N N   . PHE A 1 22 ? -7.559  -8.710  -11.444 1.00 51.72  ? 22   PHE A N   1 
ATOM   140  C CA  . PHE A 1 22 ? -6.913  -9.766  -12.201 1.00 50.92  ? 22   PHE A CA  1 
ATOM   141  C C   . PHE A 1 22 ? -5.401  -9.664  -12.104 1.00 49.12  ? 22   PHE A C   1 
ATOM   142  O O   . PHE A 1 22 ? -4.719  -10.664 -11.938 1.00 50.51  ? 22   PHE A O   1 
ATOM   143  C CB  . PHE A 1 22 ? -7.325  -9.717  -13.672 1.00 51.89  ? 22   PHE A CB  1 
ATOM   144  C CG  . PHE A 1 22 ? -6.876  -10.915 -14.455 1.00 53.01  ? 22   PHE A CG  1 
ATOM   145  C CD1 . PHE A 1 22 ? -7.490  -12.154 -14.263 1.00 53.84  ? 22   PHE A CD1 1 
ATOM   146  C CD2 . PHE A 1 22 ? -5.810  -10.824 -15.345 1.00 53.01  ? 22   PHE A CD2 1 
ATOM   147  C CE1 . PHE A 1 22 ? -7.048  -13.284 -14.943 1.00 53.59  ? 22   PHE A CE1 1 
ATOM   148  C CE2 . PHE A 1 22 ? -5.359  -11.946 -16.030 1.00 53.59  ? 22   PHE A CE2 1 
ATOM   149  C CZ  . PHE A 1 22 ? -5.977  -13.179 -15.831 1.00 53.93  ? 22   PHE A CZ  1 
ATOM   150  N N   . GLN A 1 23 ? -4.874  -8.457  -12.212 1.00 47.60  ? 23   GLN A N   1 
ATOM   151  C CA  . GLN A 1 23 ? -3.433  -8.273  -12.135 1.00 46.69  ? 23   GLN A CA  1 
ATOM   152  C C   . GLN A 1 23 ? -2.929  -8.702  -10.753 1.00 47.90  ? 23   GLN A C   1 
ATOM   153  O O   . GLN A 1 23 ? -1.789  -9.156  -10.610 1.00 47.02  ? 23   GLN A O   1 
ATOM   154  C CB  . GLN A 1 23 ? -3.077  -6.812  -12.435 1.00 42.49  ? 23   GLN A CB  1 
ATOM   155  C CG  . GLN A 1 23 ? -1.623  -6.482  -12.247 1.00 43.51  ? 23   GLN A CG  1 
ATOM   156  C CD  . GLN A 1 23 ? -1.240  -5.125  -12.817 1.00 47.27  ? 23   GLN A CD  1 
ATOM   157  O OE1 . GLN A 1 23 ? -0.242  -4.524  -12.396 1.00 45.61  ? 23   GLN A OE1 1 
ATOM   158  N NE2 . GLN A 1 23 ? -2.021  -4.640  -13.791 1.00 46.87  ? 23   GLN A NE2 1 
ATOM   159  N N   . THR A 1 24 ? -3.793  -8.576  -9.744  1.00 48.93  ? 24   THR A N   1 
ATOM   160  C CA  . THR A 1 24 ? -3.455  -8.956  -8.376  1.00 49.25  ? 24   THR A CA  1 
ATOM   161  C C   . THR A 1 24 ? -3.420  -10.475 -8.258  1.00 51.67  ? 24   THR A C   1 
ATOM   162  O O   . THR A 1 24 ? -2.546  -11.024 -7.594  1.00 50.62  ? 24   THR A O   1 
ATOM   163  C CB  . THR A 1 24 ? -4.472  -8.389  -7.368  1.00 47.56  ? 24   THR A CB  1 
ATOM   164  O OG1 . THR A 1 24 ? -4.529  -6.971  -7.511  1.00 47.38  ? 24   THR A OG1 1 
ATOM   165  C CG2 . THR A 1 24 ? -4.060  -8.703  -5.950  1.00 45.50  ? 24   THR A CG2 1 
ATOM   166  N N   . LEU A 1 25 ? -4.373  -11.147 -8.907  1.00 55.45  ? 25   LEU A N   1 
ATOM   167  C CA  . LEU A 1 25 ? -4.439  -12.610 -8.897  1.00 58.56  ? 25   LEU A CA  1 
ATOM   168  C C   . LEU A 1 25 ? -3.148  -13.209 -9.425  1.00 59.99  ? 25   LEU A C   1 
ATOM   169  O O   . LEU A 1 25 ? -2.601  -14.147 -8.846  1.00 60.48  ? 25   LEU A O   1 
ATOM   170  C CB  . LEU A 1 25 ? -5.591  -13.115 -9.763  1.00 59.52  ? 25   LEU A CB  1 
ATOM   171  C CG  . LEU A 1 25 ? -6.981  -13.111 -9.140  1.00 62.51  ? 25   LEU A CG  1 
ATOM   172  C CD1 . LEU A 1 25 ? -8.020  -13.472 -10.184 1.00 64.45  ? 25   LEU A CD1 1 
ATOM   173  C CD2 . LEU A 1 25 ? -7.017  -14.101 -8.006  1.00 63.42  ? 25   LEU A CD2 1 
ATOM   174  N N   . GLU A 1 26 ? -2.661  -12.671 -10.534 1.00 61.68  ? 26   GLU A N   1 
ATOM   175  C CA  . GLU A 1 26 ? -1.432  -13.178 -11.111 1.00 64.37  ? 26   GLU A CA  1 
ATOM   176  C C   . GLU A 1 26 ? -0.273  -13.009 -10.143 1.00 64.13  ? 26   GLU A C   1 
ATOM   177  O O   . GLU A 1 26 ? 0.546   -13.908 -9.988  1.00 65.20  ? 26   GLU A O   1 
ATOM   178  C CB  . GLU A 1 26 ? -1.148  -12.475 -12.435 1.00 67.28  ? 26   GLU A CB  1 
ATOM   179  C CG  . GLU A 1 26 ? -2.109  -12.896 -13.534 1.00 72.48  ? 26   GLU A CG  1 
ATOM   180  C CD  . GLU A 1 26 ? -1.835  -12.215 -14.860 1.00 76.68  ? 26   GLU A CD  1 
ATOM   181  O OE1 . GLU A 1 26 ? -2.472  -12.602 -15.868 1.00 78.41  ? 26   GLU A OE1 1 
ATOM   182  O OE2 . GLU A 1 26 ? -0.989  -11.291 -14.894 1.00 79.33  ? 26   GLU A OE2 1 
ATOM   183  N N   . ALA A 1 27 ? -0.206  -11.864 -9.478  1.00 63.22  ? 27   ALA A N   1 
ATOM   184  C CA  . ALA A 1 27 ? 0.861   -11.628 -8.522  1.00 62.34  ? 27   ALA A CA  1 
ATOM   185  C C   . ALA A 1 27 ? 0.810   -12.706 -7.437  1.00 62.37  ? 27   ALA A C   1 
ATOM   186  O O   . ALA A 1 27 ? 1.833   -13.300 -7.097  1.00 61.54  ? 27   ALA A O   1 
ATOM   187  C CB  . ALA A 1 27 ? 0.714   -10.246 -7.907  1.00 62.05  ? 27   ALA A CB  1 
ATOM   188  N N   . ILE A 1 28 ? -0.380  -12.955 -6.899  1.00 62.67  ? 28   ILE A N   1 
ATOM   189  C CA  . ILE A 1 28 ? -0.549  -13.969 -5.865  1.00 64.20  ? 28   ILE A CA  1 
ATOM   190  C C   . ILE A 1 28 ? -0.062  -15.317 -6.391  1.00 66.11  ? 28   ILE A C   1 
ATOM   191  O O   . ILE A 1 28 ? 0.778   -15.976 -5.772  1.00 65.85  ? 28   ILE A O   1 
ATOM   192  C CB  . ILE A 1 28 ? -2.033  -14.148 -5.463  1.00 63.75  ? 28   ILE A CB  1 
ATOM   193  C CG1 . ILE A 1 28 ? -2.646  -12.809 -5.047  1.00 64.38  ? 28   ILE A CG1 1 
ATOM   194  C CG2 . ILE A 1 28 ? -2.138  -15.157 -4.334  1.00 62.10  ? 28   ILE A CG2 1 
ATOM   195  C CD1 . ILE A 1 28 ? -2.091  -12.231 -3.774  1.00 65.10  ? 28   ILE A CD1 1 
ATOM   196  N N   . GLU A 1 29 ? -0.603  -15.712 -7.544  1.00 67.83  ? 29   GLU A N   1 
ATOM   197  C CA  . GLU A 1 29 ? -0.265  -16.983 -8.182  1.00 67.99  ? 29   GLU A CA  1 
ATOM   198  C C   . GLU A 1 29 ? 1.224   -17.298 -8.205  1.00 66.02  ? 29   GLU A C   1 
ATOM   199  O O   . GLU A 1 29 ? 1.613   -18.402 -7.855  1.00 66.70  ? 29   GLU A O   1 
ATOM   200  C CB  . GLU A 1 29 ? -0.801  -17.034 -9.621  1.00 71.38  ? 29   GLU A CB  1 
ATOM   201  C CG  . GLU A 1 29 ? -2.327  -16.920 -9.780  1.00 75.39  ? 29   GLU A CG  1 
ATOM   202  C CD  . GLU A 1 29 ? -3.106  -18.024 -9.077  1.00 77.43  ? 29   GLU A CD  1 
ATOM   203  O OE1 . GLU A 1 29 ? -4.338  -18.112 -9.300  1.00 77.24  ? 29   GLU A OE1 1 
ATOM   204  O OE2 . GLU A 1 29 ? -2.496  -18.795 -8.301  1.00 79.45  ? 29   GLU A OE2 1 
ATOM   205  N N   . SER A 1 30 ? 2.055   -16.345 -8.614  1.00 64.15  ? 30   SER A N   1 
ATOM   206  C CA  . SER A 1 30 ? 3.495   -16.589 -8.678  1.00 63.90  ? 30   SER A CA  1 
ATOM   207  C C   . SER A 1 30 ? 4.207   -16.476 -7.330  1.00 63.38  ? 30   SER A C   1 
ATOM   208  O O   . SER A 1 30 ? 5.372   -16.072 -7.246  1.00 63.06  ? 30   SER A O   1 
ATOM   209  C CB  . SER A 1 30 ? 4.156   -15.662 -9.709  1.00 64.38  ? 30   SER A CB  1 
ATOM   210  O OG  . SER A 1 30 ? 3.905   -14.300 -9.431  1.00 65.03  ? 30   SER A OG  1 
ATOM   211  N N   . VAL A 1 31 ? 3.486   -16.840 -6.276  1.00 63.10  ? 31   VAL A N   1 
ATOM   212  C CA  . VAL A 1 31 ? 4.007   -16.831 -4.914  1.00 61.83  ? 31   VAL A CA  1 
ATOM   213  C C   . VAL A 1 31 ? 3.509   -18.136 -4.305  1.00 61.84  ? 31   VAL A C   1 
ATOM   214  O O   . VAL A 1 31 ? 2.298   -18.365 -4.214  1.00 61.37  ? 31   VAL A O   1 
ATOM   215  C CB  . VAL A 1 31 ? 3.456   -15.635 -4.085  1.00 61.18  ? 31   VAL A CB  1 
ATOM   216  C CG1 . VAL A 1 31 ? 3.907   -15.746 -2.645  1.00 60.55  ? 31   VAL A CG1 1 
ATOM   217  C CG2 . VAL A 1 31 ? 3.943   -14.326 -4.667  1.00 60.17  ? 31   VAL A CG2 1 
ATOM   218  N N   . PRO A 1 32 ? 4.436   -19.023 -3.908  1.00 62.13  ? 32   PRO A N   1 
ATOM   219  C CA  . PRO A 1 32 ? 4.093   -20.321 -3.305  1.00 62.83  ? 32   PRO A CA  1 
ATOM   220  C C   . PRO A 1 32 ? 3.107   -20.265 -2.133  1.00 63.46  ? 32   PRO A C   1 
ATOM   221  O O   . PRO A 1 32 ? 3.286   -19.495 -1.193  1.00 62.67  ? 32   PRO A O   1 
ATOM   222  C CB  . PRO A 1 32 ? 5.458   -20.900 -2.916  1.00 62.10  ? 32   PRO A CB  1 
ATOM   223  C CG  . PRO A 1 32 ? 6.401   -19.703 -2.948  1.00 61.11  ? 32   PRO A CG  1 
ATOM   224  C CD  . PRO A 1 32 ? 5.891   -18.892 -4.083  1.00 60.60  ? 32   PRO A CD  1 
ATOM   225  N N   . ARG A 1 33 ? 2.068   -21.093 -2.213  1.00 65.02  ? 33   ARG A N   1 
ATOM   226  C CA  . ARG A 1 33 ? 1.010   -21.165 -1.198  1.00 67.06  ? 33   ARG A CA  1 
ATOM   227  C C   . ARG A 1 33 ? 1.504   -20.946 0.230   1.00 66.82  ? 33   ARG A C   1 
ATOM   228  O O   . ARG A 1 33 ? 0.921   -20.171 0.991   1.00 67.22  ? 33   ARG A O   1 
ATOM   229  C CB  . ARG A 1 33 ? 0.304   -22.524 -1.268  1.00 69.73  ? 33   ARG A CB  1 
ATOM   230  C CG  . ARG A 1 33 ? -0.055  -22.987 -2.674  1.00 74.46  ? 33   ARG A CG  1 
ATOM   231  C CD  . ARG A 1 33 ? -1.535  -22.813 -2.973  1.00 78.85  ? 33   ARG A CD  1 
ATOM   232  N NE  . ARG A 1 33 ? -1.844  -23.161 -4.361  1.00 82.41  ? 33   ARG A NE  1 
ATOM   233  C CZ  . ARG A 1 33 ? -3.044  -23.026 -4.924  1.00 82.79  ? 33   ARG A CZ  1 
ATOM   234  N NH1 . ARG A 1 33 ? -3.221  -23.368 -6.194  1.00 82.75  ? 33   ARG A NH1 1 
ATOM   235  N NH2 . ARG A 1 33 ? -4.068  -22.554 -4.219  1.00 82.59  ? 33   ARG A NH2 1 
ATOM   236  N N   . SER A 1 34 ? 2.575   -21.644 0.593   1.00 66.50  ? 34   SER A N   1 
ATOM   237  C CA  . SER A 1 34 ? 3.148   -21.550 1.931   1.00 65.35  ? 34   SER A CA  1 
ATOM   238  C C   . SER A 1 34 ? 3.435   -20.111 2.365   1.00 63.86  ? 34   SER A C   1 
ATOM   239  O O   . SER A 1 34 ? 3.121   -19.713 3.488   1.00 63.47  ? 34   SER A O   1 
ATOM   240  C CB  . SER A 1 34 ? 4.430   -22.376 1.988   1.00 65.25  ? 34   SER A CB  1 
ATOM   241  O OG  . SER A 1 34 ? 5.272   -22.051 0.897   1.00 67.47  ? 34   SER A OG  1 
ATOM   242  N N   . GLU A 1 35 ? 4.018   -19.331 1.462   1.00 62.70  ? 35   GLU A N   1 
ATOM   243  C CA  . GLU A 1 35 ? 4.361   -17.944 1.748   1.00 61.45  ? 35   GLU A CA  1 
ATOM   244  C C   . GLU A 1 35 ? 3.193   -16.955 1.666   1.00 58.97  ? 35   GLU A C   1 
ATOM   245  O O   . GLU A 1 35 ? 3.266   -15.868 2.227   1.00 58.39  ? 35   GLU A O   1 
ATOM   246  C CB  . GLU A 1 35 ? 5.469   -17.492 0.803   1.00 63.25  ? 35   GLU A CB  1 
ATOM   247  C CG  . GLU A 1 35 ? 6.654   -18.438 0.735   1.00 65.84  ? 35   GLU A CG  1 
ATOM   248  C CD  . GLU A 1 35 ? 7.676   -17.993 -0.296  1.00 68.81  ? 35   GLU A CD  1 
ATOM   249  O OE1 . GLU A 1 35 ? 8.597   -18.783 -0.621  1.00 70.85  ? 35   GLU A OE1 1 
ATOM   250  O OE2 . GLU A 1 35 ? 7.556   -16.848 -0.784  1.00 69.77  ? 35   GLU A OE2 1 
ATOM   251  N N   . ARG A 1 36 ? 2.119   -17.332 0.982   1.00 57.39  ? 36   ARG A N   1 
ATOM   252  C CA  . ARG A 1 36 ? 0.964   -16.450 0.830   1.00 56.20  ? 36   ARG A CA  1 
ATOM   253  C C   . ARG A 1 36 ? 0.328   -15.963 2.121   1.00 55.29  ? 36   ARG A C   1 
ATOM   254  O O   . ARG A 1 36 ? -0.220  -14.868 2.165   1.00 56.06  ? 36   ARG A O   1 
ATOM   255  C CB  . ARG A 1 36 ? -0.107  -17.121 -0.028  1.00 54.95  ? 36   ARG A CB  1 
ATOM   256  C CG  . ARG A 1 36 ? 0.333   -17.340 -1.451  1.00 55.02  ? 36   ARG A CG  1 
ATOM   257  C CD  . ARG A 1 36 ? -0.754  -17.985 -2.264  1.00 56.51  ? 36   ARG A CD  1 
ATOM   258  N NE  . ARG A 1 36 ? -0.243  -18.441 -3.549  1.00 59.38  ? 36   ARG A NE  1 
ATOM   259  C CZ  . ARG A 1 36 ? -0.928  -19.209 -4.387  1.00 61.32  ? 36   ARG A CZ  1 
ATOM   260  N NH1 . ARG A 1 36 ? -0.384  -19.583 -5.540  1.00 61.18  ? 36   ARG A NH1 1 
ATOM   261  N NH2 . ARG A 1 36 ? -2.159  -19.601 -4.069  1.00 61.05  ? 36   ARG A NH2 1 
ATOM   262  N N   . GLY A 1 37 ? 0.391   -16.761 3.175   1.00 54.04  ? 37   GLY A N   1 
ATOM   263  C CA  . GLY A 1 37 ? -0.206  -16.326 4.422   1.00 53.02  ? 37   GLY A CA  1 
ATOM   264  C C   . GLY A 1 37 ? 0.488   -15.096 4.973   1.00 53.01  ? 37   GLY A C   1 
ATOM   265  O O   . GLY A 1 37 ? -0.157  -14.150 5.432   1.00 52.39  ? 37   GLY A O   1 
ATOM   266  N N   . GLU A 1 38 ? 1.812   -15.105 4.921   1.00 52.87  ? 38   GLU A N   1 
ATOM   267  C CA  . GLU A 1 38 ? 2.593   -13.994 5.431   1.00 55.08  ? 38   GLU A CA  1 
ATOM   268  C C   . GLU A 1 38 ? 2.585   -12.832 4.440   1.00 55.09  ? 38   GLU A C   1 
ATOM   269  O O   . GLU A 1 38 ? 2.772   -11.674 4.816   1.00 55.63  ? 38   GLU A O   1 
ATOM   270  C CB  . GLU A 1 38 ? 4.018   -14.464 5.705   1.00 57.87  ? 38   GLU A CB  1 
ATOM   271  C CG  . GLU A 1 38 ? 4.870   -13.474 6.474   1.00 65.24  ? 38   GLU A CG  1 
ATOM   272  C CD  . GLU A 1 38 ? 5.775   -14.164 7.494   1.00 70.43  ? 38   GLU A CD  1 
ATOM   273  O OE1 . GLU A 1 38 ? 6.466   -15.147 7.118   1.00 70.59  ? 38   GLU A OE1 1 
ATOM   274  O OE2 . GLU A 1 38 ? 5.792   -13.715 8.670   1.00 71.37  ? 38   GLU A OE2 1 
ATOM   275  N N   . LEU A 1 39 ? 2.362   -13.150 3.169   1.00 53.78  ? 39   LEU A N   1 
ATOM   276  C CA  . LEU A 1 39 ? 2.320   -12.141 2.120   1.00 51.60  ? 39   LEU A CA  1 
ATOM   277  C C   . LEU A 1 39 ? 1.001   -11.362 2.218   1.00 50.20  ? 39   LEU A C   1 
ATOM   278  O O   . LEU A 1 39 ? 0.979   -10.140 2.067   1.00 49.75  ? 39   LEU A O   1 
ATOM   279  C CB  . LEU A 1 39 ? 2.480   -12.829 0.756   1.00 51.46  ? 39   LEU A CB  1 
ATOM   280  C CG  . LEU A 1 39 ? 2.492   -12.084 -0.583  1.00 51.88  ? 39   LEU A CG  1 
ATOM   281  C CD1 . LEU A 1 39 ? 1.064   -11.891 -1.033  1.00 53.20  ? 39   LEU A CD1 1 
ATOM   282  C CD2 . LEU A 1 39 ? 3.249   -10.765 -0.485  1.00 50.45  ? 39   LEU A CD2 1 
ATOM   283  N N   . PHE A 1 40 ? -0.089  -12.069 2.500   1.00 47.29  ? 40   PHE A N   1 
ATOM   284  C CA  . PHE A 1 40 ? -1.401  -11.444 2.635   1.00 45.84  ? 40   PHE A CA  1 
ATOM   285  C C   . PHE A 1 40 ? -1.460  -10.463 3.805   1.00 45.05  ? 40   PHE A C   1 
ATOM   286  O O   . PHE A 1 40 ? -2.040  -9.387  3.695   1.00 46.21  ? 40   PHE A O   1 
ATOM   287  C CB  . PHE A 1 40 ? -2.478  -12.513 2.826   1.00 45.35  ? 40   PHE A CB  1 
ATOM   288  C CG  . PHE A 1 40 ? -2.729  -13.358 1.608   1.00 44.52  ? 40   PHE A CG  1 
ATOM   289  C CD1 . PHE A 1 40 ? -1.921  -13.244 0.474   1.00 46.25  ? 40   PHE A CD1 1 
ATOM   290  C CD2 . PHE A 1 40 ? -3.766  -14.277 1.594   1.00 42.77  ? 40   PHE A CD2 1 
ATOM   291  C CE1 . PHE A 1 40 ? -2.149  -14.042 -0.654  1.00 45.28  ? 40   PHE A CE1 1 
ATOM   292  C CE2 . PHE A 1 40 ? -3.999  -15.073 0.477   1.00 43.24  ? 40   PHE A CE2 1 
ATOM   293  C CZ  . PHE A 1 40 ? -3.189  -14.956 -0.649  1.00 43.69  ? 40   PHE A CZ  1 
ATOM   294  N N   . ARG A 1 41 ? -0.865  -10.835 4.930   1.00 44.02  ? 41   ARG A N   1 
ATOM   295  C CA  . ARG A 1 41 ? -0.875  -9.971  6.106   1.00 43.05  ? 41   ARG A CA  1 
ATOM   296  C C   . ARG A 1 41 ? -0.133  -8.660  5.835   1.00 44.24  ? 41   ARG A C   1 
ATOM   297  O O   . ARG A 1 41 ? -0.629  -7.577  6.165   1.00 43.53  ? 41   ARG A O   1 
ATOM   298  C CB  . ARG A 1 41 ? -0.249  -10.704 7.295   1.00 40.97  ? 41   ARG A CB  1 
ATOM   299  C CG  . ARG A 1 41 ? -0.001  -9.830  8.498   1.00 41.51  ? 41   ARG A CG  1 
ATOM   300  C CD  . ARG A 1 41 ? 0.510   -10.628 9.686   1.00 40.72  ? 41   ARG A CD  1 
ATOM   301  N NE  . ARG A 1 41 ? 1.085   -9.758  10.708  1.00 40.33  ? 41   ARG A NE  1 
ATOM   302  C CZ  . ARG A 1 41 ? 2.276   -9.169  10.602  1.00 41.22  ? 41   ARG A CZ  1 
ATOM   303  N NH1 . ARG A 1 41 ? 3.024   -9.362  9.523   1.00 39.89  ? 41   ARG A NH1 1 
ATOM   304  N NH2 . ARG A 1 41 ? 2.721   -8.377  11.569  1.00 41.06  ? 41   ARG A NH2 1 
ATOM   305  N N   . ASN A 1 42 ? 1.050   -8.764  5.231   1.00 43.70  ? 42   ASN A N   1 
ATOM   306  C CA  . ASN A 1 42 ? 1.854   -7.591  4.907   1.00 43.16  ? 42   ASN A CA  1 
ATOM   307  C C   . ASN A 1 42 ? 1.155   -6.691  3.887   1.00 42.45  ? 42   ASN A C   1 
ATOM   308  O O   . ASN A 1 42 ? 1.111   -5.466  4.042   1.00 41.92  ? 42   ASN A O   1 
ATOM   309  C CB  . ASN A 1 42 ? 3.213   -8.029  4.370   1.00 44.14  ? 42   ASN A CB  1 
ATOM   310  C CG  . ASN A 1 42 ? 4.171   -8.435  5.474   1.00 45.44  ? 42   ASN A CG  1 
ATOM   311  O OD1 . ASN A 1 42 ? 4.971   -9.351  5.301   1.00 45.88  ? 42   ASN A OD1 1 
ATOM   312  N ND2 . ASN A 1 42 ? 4.107   -7.742  6.608   1.00 44.48  ? 42   ASN A ND2 1 
ATOM   313  N N   . ALA A 1 43 ? 0.601   -7.302  2.850   1.00 40.47  ? 43   ALA A N   1 
ATOM   314  C CA  . ALA A 1 43 ? -0.093  -6.548  1.826   1.00 39.63  ? 43   ALA A CA  1 
ATOM   315  C C   . ALA A 1 43 ? -1.304  -5.860  2.440   1.00 40.54  ? 43   ALA A C   1 
ATOM   316  O O   . ALA A 1 43 ? -1.622  -4.721  2.102   1.00 42.04  ? 43   ALA A O   1 
ATOM   317  C CB  . ALA A 1 43 ? -0.520  -7.467  0.708   1.00 39.98  ? 43   ALA A CB  1 
ATOM   318  N N   . PHE A 1 44 ? -1.979  -6.552  3.350   1.00 39.38  ? 44   PHE A N   1 
ATOM   319  C CA  . PHE A 1 44 ? -3.155  -6.002  4.016   1.00 38.98  ? 44   PHE A CA  1 
ATOM   320  C C   . PHE A 1 44 ? -2.765  -4.835  4.942   1.00 38.16  ? 44   PHE A C   1 
ATOM   321  O O   . PHE A 1 44 ? -3.264  -3.719  4.783   1.00 36.95  ? 44   PHE A O   1 
ATOM   322  C CB  . PHE A 1 44 ? -3.845  -7.104  4.824   1.00 39.26  ? 44   PHE A CB  1 
ATOM   323  C CG  . PHE A 1 44 ? -5.182  -6.711  5.385   1.00 39.55  ? 44   PHE A CG  1 
ATOM   324  C CD1 . PHE A 1 44 ? -6.272  -6.507  4.544   1.00 40.47  ? 44   PHE A CD1 1 
ATOM   325  C CD2 . PHE A 1 44 ? -5.363  -6.579  6.758   1.00 38.93  ? 44   PHE A CD2 1 
ATOM   326  C CE1 . PHE A 1 44 ? -7.530  -6.183  5.060   1.00 39.92  ? 44   PHE A CE1 1 
ATOM   327  C CE2 . PHE A 1 44 ? -6.613  -6.256  7.289   1.00 39.69  ? 44   PHE A CE2 1 
ATOM   328  C CZ  . PHE A 1 44 ? -7.700  -6.058  6.437   1.00 40.55  ? 44   PHE A CZ  1 
ATOM   329  N N   . ILE A 1 45 ? -1.864  -5.097  5.894   1.00 36.32  ? 45   ILE A N   1 
ATOM   330  C CA  . ILE A 1 45 ? -1.424  -4.072  6.839   1.00 34.76  ? 45   ILE A CA  1 
ATOM   331  C C   . ILE A 1 45 ? -0.917  -2.799  6.153   1.00 35.21  ? 45   ILE A C   1 
ATOM   332  O O   . ILE A 1 45 ? -1.316  -1.689  6.514   1.00 33.03  ? 45   ILE A O   1 
ATOM   333  C CB  . ILE A 1 45 ? -0.326  -4.608  7.802   1.00 31.51  ? 45   ILE A CB  1 
ATOM   334  C CG1 . ILE A 1 45 ? -0.915  -5.697  8.705   1.00 31.24  ? 45   ILE A CG1 1 
ATOM   335  C CG2 . ILE A 1 45 ? 0.210   -3.473  8.665   1.00 26.52  ? 45   ILE A CG2 1 
ATOM   336  C CD1 . ILE A 1 45 ? 0.065   -6.330  9.672   1.00 30.39  ? 45   ILE A CD1 1 
ATOM   337  N N   . SER A 1 46 ? -0.046  -2.954  5.159   1.00 35.50  ? 46   SER A N   1 
ATOM   338  C CA  . SER A 1 46 ? 0.472   -1.790  4.456   1.00 36.12  ? 46   SER A CA  1 
ATOM   339  C C   . SER A 1 46 ? -0.637  -1.109  3.653   1.00 35.38  ? 46   SER A C   1 
ATOM   340  O O   . SER A 1 46 ? -0.604  0.105   3.438   1.00 36.07  ? 46   SER A O   1 
ATOM   341  C CB  . SER A 1 46 ? 1.627   -2.196  3.544   1.00 35.15  ? 46   SER A CB  1 
ATOM   342  O OG  . SER A 1 46 ? 1.222   -3.255  2.715   1.00 35.31  ? 46   SER A OG  1 
ATOM   343  N N   . GLY A 1 47 ? -1.613  -1.893  3.211   1.00 36.03  ? 47   GLY A N   1 
ATOM   344  C CA  . GLY A 1 47 ? -2.729  -1.329  2.469   1.00 36.92  ? 47   GLY A CA  1 
ATOM   345  C C   . GLY A 1 47 ? -3.503  -0.412  3.403   1.00 37.40  ? 47   GLY A C   1 
ATOM   346  O O   . GLY A 1 47 ? -3.864  0.709   3.058   1.00 37.12  ? 47   GLY A O   1 
ATOM   347  N N   . MET A 1 48 ? -3.750  -0.897  4.611   1.00 36.86  ? 48   MET A N   1 
ATOM   348  C CA  . MET A 1 48 ? -4.451  -0.118  5.607   1.00 36.67  ? 48   MET A CA  1 
ATOM   349  C C   . MET A 1 48 ? -3.565  1.025   6.088   1.00 38.13  ? 48   MET A C   1 
ATOM   350  O O   . MET A 1 48 ? -4.070  2.038   6.559   1.00 40.41  ? 48   MET A O   1 
ATOM   351  C CB  . MET A 1 48 ? -4.830  -0.991  6.805   1.00 36.50  ? 48   MET A CB  1 
ATOM   352  C CG  . MET A 1 48 ? -5.890  -2.016  6.530   1.00 35.03  ? 48   MET A CG  1 
ATOM   353  S SD  . MET A 1 48 ? -7.361  -1.194  5.948   1.00 39.78  ? 48   MET A SD  1 
ATOM   354  C CE  . MET A 1 48 ? -7.753  -0.073  7.316   1.00 32.39  ? 48   MET A CE  1 
ATOM   355  N N   . ALA A 1 49 ? -2.246  0.863   6.006   1.00 38.61  ? 49   ALA A N   1 
ATOM   356  C CA  . ALA A 1 49 ? -1.355  1.935   6.453   1.00 38.79  ? 49   ALA A CA  1 
ATOM   357  C C   . ALA A 1 49 ? -1.609  3.125   5.520   1.00 38.49  ? 49   ALA A C   1 
ATOM   358  O O   . ALA A 1 49 ? -1.727  4.277   5.961   1.00 36.15  ? 49   ALA A O   1 
ATOM   359  C CB  . ALA A 1 49 ? 0.117   1.484   6.385   1.00 37.58  ? 49   ALA A CB  1 
ATOM   360  N N   . LEU A 1 50 ? -1.702  2.822   4.226   1.00 36.49  ? 50   LEU A N   1 
ATOM   361  C CA  . LEU A 1 50 ? -1.982  3.825   3.218   1.00 36.25  ? 50   LEU A CA  1 
ATOM   362  C C   . LEU A 1 50 ? -3.334  4.480   3.531   1.00 36.77  ? 50   LEU A C   1 
ATOM   363  O O   . LEU A 1 50 ? -3.471  5.691   3.430   1.00 36.91  ? 50   LEU A O   1 
ATOM   364  C CB  . LEU A 1 50 ? -2.004  3.167   1.837   1.00 34.74  ? 50   LEU A CB  1 
ATOM   365  C CG  . LEU A 1 50 ? -0.811  3.419   0.908   1.00 34.09  ? 50   LEU A CG  1 
ATOM   366  C CD1 . LEU A 1 50 ? 0.467   3.542   1.708   1.00 32.65  ? 50   LEU A CD1 1 
ATOM   367  C CD2 . LEU A 1 50 ? -0.709  2.292   -0.118  1.00 32.24  ? 50   LEU A CD2 1 
ATOM   368  N N   . HIS A 1 51 ? -4.320  3.674   3.923   1.00 37.82  ? 51   HIS A N   1 
ATOM   369  C CA  . HIS A 1 51 ? -5.654  4.171   4.269   1.00 39.47  ? 51   HIS A CA  1 
ATOM   370  C C   . HIS A 1 51 ? -5.602  5.237   5.361   1.00 39.97  ? 51   HIS A C   1 
ATOM   371  O O   . HIS A 1 51 ? -6.330  6.233   5.305   1.00 39.78  ? 51   HIS A O   1 
ATOM   372  C CB  . HIS A 1 51 ? -6.553  3.024   4.756   1.00 40.10  ? 51   HIS A CB  1 
ATOM   373  C CG  . HIS A 1 51 ? -7.825  3.485   5.407   1.00 43.68  ? 51   HIS A CG  1 
ATOM   374  N ND1 . HIS A 1 51 ? -8.905  3.962   4.689   1.00 46.74  ? 51   HIS A ND1 1 
ATOM   375  C CD2 . HIS A 1 51 ? -8.177  3.579   6.713   1.00 44.11  ? 51   HIS A CD2 1 
ATOM   376  C CE1 . HIS A 1 51 ? -9.862  4.329   5.524   1.00 43.42  ? 51   HIS A CE1 1 
ATOM   377  N NE2 . HIS A 1 51 ? -9.446  4.107   6.758   1.00 42.57  ? 51   HIS A NE2 1 
ATOM   378  N N   . GLN A 1 52 ? -4.748  5.013   6.357   1.00 40.12  ? 52   GLN A N   1 
ATOM   379  C CA  . GLN A 1 52 ? -4.605  5.931   7.487   1.00 40.22  ? 52   GLN A CA  1 
ATOM   380  C C   . GLN A 1 52 ? -3.978  7.259   7.075   1.00 39.73  ? 52   GLN A C   1 
ATOM   381  O O   . GLN A 1 52 ? -4.189  8.284   7.721   1.00 39.92  ? 52   GLN A O   1 
ATOM   382  C CB  . GLN A 1 52 ? -3.763  5.281   8.591   1.00 40.30  ? 52   GLN A CB  1 
ATOM   383  C CG  . GLN A 1 52 ? -4.205  3.869   8.951   1.00 42.39  ? 52   GLN A CG  1 
ATOM   384  C CD  . GLN A 1 52 ? -3.363  3.245   10.055  1.00 45.98  ? 52   GLN A CD  1 
ATOM   385  O OE1 . GLN A 1 52 ? -3.320  2.016   10.203  1.00 48.23  ? 52   GLN A OE1 1 
ATOM   386  N NE2 . GLN A 1 52 ? -2.694  4.087   10.842  1.00 45.76  ? 52   GLN A NE2 1 
ATOM   387  N N   . LEU A 1 53 ? -3.203  7.231   6.000   1.00 38.42  ? 53   LEU A N   1 
ATOM   388  C CA  . LEU A 1 53 ? -2.553  8.426   5.495   1.00 38.74  ? 53   LEU A CA  1 
ATOM   389  C C   . LEU A 1 53 ? -3.618  9.307   4.859   1.00 40.07  ? 53   LEU A C   1 
ATOM   390  O O   . LEU A 1 53 ? -3.571  10.533  4.939   1.00 40.67  ? 53   LEU A O   1 
ATOM   391  C CB  . LEU A 1 53 ? -1.513  8.031   4.456   1.00 38.55  ? 53   LEU A CB  1 
ATOM   392  C CG  . LEU A 1 53 ? -0.056  8.344   4.766   1.00 39.69  ? 53   LEU A CG  1 
ATOM   393  C CD1 . LEU A 1 53 ? 0.236   8.121   6.239   1.00 39.64  ? 53   LEU A CD1 1 
ATOM   394  C CD2 . LEU A 1 53 ? 0.823   7.470   3.886   1.00 38.70  ? 53   LEU A CD2 1 
ATOM   395  N N   . ASP A 1 54 ? -4.572  8.651   4.214   1.00 41.36  ? 54   ASP A N   1 
ATOM   396  C CA  . ASP A 1 54 ? -5.690  9.297   3.545   1.00 42.20  ? 54   ASP A CA  1 
ATOM   397  C C   . ASP A 1 54 ? -6.527  8.155   3.008   1.00 42.36  ? 54   ASP A C   1 
ATOM   398  O O   . ASP A 1 54 ? -6.028  7.305   2.278   1.00 42.81  ? 54   ASP A O   1 
ATOM   399  C CB  . ASP A 1 54 ? -5.218  10.158  2.379   1.00 44.24  ? 54   ASP A CB  1 
ATOM   400  C CG  . ASP A 1 54 ? -6.347  10.971  1.765   1.00 46.21  ? 54   ASP A CG  1 
ATOM   401  O OD1 . ASP A 1 54 ? -6.517  12.149  2.146   1.00 44.98  ? 54   ASP A OD1 1 
ATOM   402  O OD2 . ASP A 1 54 ? -7.075  10.423  0.913   1.00 46.96  ? 54   ASP A OD2 1 
ATOM   403  N N   . PRO A 1 55 ? -7.812  8.117   3.360   1.00 42.56  ? 55   PRO A N   1 
ATOM   404  C CA  . PRO A 1 55 ? -8.669  7.032   2.874   1.00 41.05  ? 55   PRO A CA  1 
ATOM   405  C C   . PRO A 1 55 ? -8.767  6.884   1.354   1.00 40.23  ? 55   PRO A C   1 
ATOM   406  O O   . PRO A 1 55 ? -8.960  5.778   0.863   1.00 41.67  ? 55   PRO A O   1 
ATOM   407  C CB  . PRO A 1 55 ? -10.011 7.334   3.533   1.00 40.50  ? 55   PRO A CB  1 
ATOM   408  C CG  . PRO A 1 55 ? -9.979  8.846   3.687   1.00 41.31  ? 55   PRO A CG  1 
ATOM   409  C CD  . PRO A 1 55 ? -8.577  9.081   4.166   1.00 41.64  ? 55   PRO A CD  1 
ATOM   410  N N   . ARG A 1 56 ? -8.617  7.972   0.603   1.00 38.88  ? 56   ARG A N   1 
ATOM   411  C CA  . ARG A 1 56 ? -8.707  7.876   -0.855  1.00 38.97  ? 56   ARG A CA  1 
ATOM   412  C C   . ARG A 1 56 ? -7.556  7.084   -1.481  1.00 41.02  ? 56   ARG A C   1 
ATOM   413  O O   . ARG A 1 56 ? -7.732  6.480   -2.549  1.00 41.88  ? 56   ARG A O   1 
ATOM   414  C CB  . ARG A 1 56 ? -8.716  9.262   -1.511  1.00 37.87  ? 56   ARG A CB  1 
ATOM   415  C CG  . ARG A 1 56 ? -9.831  10.176  -1.120  1.00 35.51  ? 56   ARG A CG  1 
ATOM   416  C CD  . ARG A 1 56 ? -9.229  11.413  -0.499  1.00 37.68  ? 56   ARG A CD  1 
ATOM   417  N NE  . ARG A 1 56 ? -9.057  12.521  -1.430  1.00 37.78  ? 56   ARG A NE  1 
ATOM   418  C CZ  . ARG A 1 56 ? -8.215  13.528  -1.229  1.00 39.54  ? 56   ARG A CZ  1 
ATOM   419  N NH1 . ARG A 1 56 ? -7.457  13.561  -0.138  1.00 38.68  ? 56   ARG A NH1 1 
ATOM   420  N NH2 . ARG A 1 56 ? -8.139  14.513  -2.112  1.00 42.32  ? 56   ARG A NH2 1 
ATOM   421  N N   . LEU A 1 57 ? -6.386  7.109   -0.832  1.00 40.95  ? 57   LEU A N   1 
ATOM   422  C CA  . LEU A 1 57 ? -5.193  6.432   -1.337  1.00 40.08  ? 57   LEU A CA  1 
ATOM   423  C C   . LEU A 1 57 ? -5.346  4.977   -1.754  1.00 40.95  ? 57   LEU A C   1 
ATOM   424  O O   . LEU A 1 57 ? -5.014  4.628   -2.883  1.00 41.21  ? 57   LEU A O   1 
ATOM   425  C CB  . LEU A 1 57 ? -4.044  6.534   -0.336  1.00 40.16  ? 57   LEU A CB  1 
ATOM   426  C CG  . LEU A 1 57 ? -2.946  7.558   -0.623  1.00 39.82  ? 57   LEU A CG  1 
ATOM   427  C CD1 . LEU A 1 57 ? -1.835  7.367   0.381   1.00 38.08  ? 57   LEU A CD1 1 
ATOM   428  C CD2 . LEU A 1 57 ? -2.402  7.391   -2.035  1.00 38.07  ? 57   LEU A CD2 1 
ATOM   429  N N   . PRO A 1 58 ? -5.830  4.099   -0.857  1.00 40.86  ? 58   PRO A N   1 
ATOM   430  C CA  . PRO A 1 58 ? -5.952  2.714   -1.319  1.00 41.34  ? 58   PRO A CA  1 
ATOM   431  C C   . PRO A 1 58 ? -6.939  2.496   -2.462  1.00 41.30  ? 58   PRO A C   1 
ATOM   432  O O   . PRO A 1 58 ? -6.839  1.504   -3.173  1.00 44.57  ? 58   PRO A O   1 
ATOM   433  C CB  . PRO A 1 58 ? -6.294  1.930   -0.046  1.00 40.21  ? 58   PRO A CB  1 
ATOM   434  C CG  . PRO A 1 58 ? -6.892  2.947   0.843   1.00 43.36  ? 58   PRO A CG  1 
ATOM   435  C CD  . PRO A 1 58 ? -6.089  4.198   0.586   1.00 41.28  ? 58   PRO A CD  1 
ATOM   436  N N   . VAL A 1 59 ? -7.893  3.396   -2.667  1.00 39.95  ? 59   VAL A N   1 
ATOM   437  C CA  . VAL A 1 59 ? -8.788  3.187   -3.803  1.00 38.88  ? 59   VAL A CA  1 
ATOM   438  C C   . VAL A 1 59 ? -8.198  3.885   -5.039  1.00 37.89  ? 59   VAL A C   1 
ATOM   439  O O   . VAL A 1 59 ? -8.494  3.523   -6.164  1.00 39.59  ? 59   VAL A O   1 
ATOM   440  C CB  . VAL A 1 59 ? -10.279 3.617   -3.486  1.00 38.44  ? 59   VAL A CB  1 
ATOM   441  C CG1 . VAL A 1 59 ? -10.363 4.272   -2.116  1.00 34.52  ? 59   VAL A CG1 1 
ATOM   442  C CG2 . VAL A 1 59 ? -10.835 4.500   -4.583  1.00 36.69  ? 59   VAL A CG2 1 
ATOM   443  N N   . LEU A 1 60 ? -7.332  4.864   -4.834  1.00 37.45  ? 60   LEU A N   1 
ATOM   444  C CA  . LEU A 1 60 ? -6.681  5.524   -5.963  1.00 39.32  ? 60   LEU A CA  1 
ATOM   445  C C   . LEU A 1 60 ? -5.660  4.550   -6.577  1.00 41.40  ? 60   LEU A C   1 
ATOM   446  O O   . LEU A 1 60 ? -5.523  4.457   -7.802  1.00 41.99  ? 60   LEU A O   1 
ATOM   447  C CB  . LEU A 1 60 ? -5.939  6.785   -5.496  1.00 38.46  ? 60   LEU A CB  1 
ATOM   448  C CG  . LEU A 1 60 ? -6.383  8.194   -5.891  1.00 35.23  ? 60   LEU A CG  1 
ATOM   449  C CD1 . LEU A 1 60 ? -7.759  8.180   -6.502  1.00 34.78  ? 60   LEU A CD1 1 
ATOM   450  C CD2 . LEU A 1 60 ? -6.355  9.065   -4.653  1.00 33.71  ? 60   LEU A CD2 1 
ATOM   451  N N   . LEU A 1 61 ? -4.923  3.841   -5.721  1.00 42.75  ? 61   LEU A N   1 
ATOM   452  C CA  . LEU A 1 61 ? -3.925  2.894   -6.203  1.00 41.63  ? 61   LEU A CA  1 
ATOM   453  C C   . LEU A 1 61 ? -4.617  1.745   -6.884  1.00 40.70  ? 61   LEU A C   1 
ATOM   454  O O   . LEU A 1 61 ? -4.176  1.292   -7.935  1.00 42.21  ? 61   LEU A O   1 
ATOM   455  C CB  . LEU A 1 61 ? -3.055  2.337   -5.071  1.00 41.77  ? 61   LEU A CB  1 
ATOM   456  C CG  . LEU A 1 61 ? -2.007  3.193   -4.355  1.00 42.34  ? 61   LEU A CG  1 
ATOM   457  C CD1 . LEU A 1 61 ? -1.091  2.259   -3.586  1.00 42.82  ? 61   LEU A CD1 1 
ATOM   458  C CD2 . LEU A 1 61 ? -1.184  3.990   -5.326  1.00 43.55  ? 61   LEU A CD2 1 
ATOM   459  N N   . THR A 1 62 ? -5.699  1.255   -6.296  1.00 38.89  ? 62   THR A N   1 
ATOM   460  C CA  . THR A 1 62 ? -6.394  0.140   -6.921  1.00 39.54  ? 62   THR A CA  1 
ATOM   461  C C   . THR A 1 62 ? -6.843  0.562   -8.303  1.00 41.31  ? 62   THR A C   1 
ATOM   462  O O   . THR A 1 62 ? -6.586  -0.126  -9.288  1.00 43.30  ? 62   THR A O   1 
ATOM   463  C CB  . THR A 1 62 ? -7.627  -0.292  -6.134  1.00 37.52  ? 62   THR A CB  1 
ATOM   464  O OG1 . THR A 1 62 ? -7.223  -0.893  -4.905  1.00 37.68  ? 62   THR A OG1 1 
ATOM   465  C CG2 . THR A 1 62 ? -8.425  -1.290  -6.929  1.00 37.25  ? 62   THR A CG2 1 
ATOM   466  N N   . ALA A 1 63 ? -7.500  1.715   -8.364  1.00 41.82  ? 63   ALA A N   1 
ATOM   467  C CA  . ALA A 1 63 ? -8.014  2.257   -9.608  1.00 41.98  ? 63   ALA A CA  1 
ATOM   468  C C   . ALA A 1 63 ? -6.944  2.460   -10.696 1.00 42.39  ? 63   ALA A C   1 
ATOM   469  O O   . ALA A 1 63 ? -7.154  2.089   -11.850 1.00 44.47  ? 63   ALA A O   1 
ATOM   470  C CB  . ALA A 1 63 ? -8.740  3.567   -9.318  1.00 40.04  ? 63   ALA A CB  1 
ATOM   471  N N   . ILE A 1 64 ? -5.799  3.027   -10.338 1.00 41.31  ? 64   ILE A N   1 
ATOM   472  C CA  . ILE A 1 64 ? -4.748  3.268   -11.324 1.00 41.56  ? 64   ILE A CA  1 
ATOM   473  C C   . ILE A 1 64 ? -3.978  2.012   -11.750 1.00 43.48  ? 64   ILE A C   1 
ATOM   474  O O   . ILE A 1 64 ? -3.429  1.959   -12.855 1.00 42.86  ? 64   ILE A O   1 
ATOM   475  C CB  . ILE A 1 64 ? -3.730  4.315   -10.798 1.00 40.18  ? 64   ILE A CB  1 
ATOM   476  C CG1 . ILE A 1 64 ? -3.119  5.083   -11.971 1.00 38.60  ? 64   ILE A CG1 1 
ATOM   477  C CG2 . ILE A 1 64 ? -2.619  3.632   -10.023 1.00 37.01  ? 64   ILE A CG2 1 
ATOM   478  C CD1 . ILE A 1 64 ? -2.248  6.259   -11.547 1.00 37.21  ? 64   ILE A CD1 1 
ATOM   479  N N   . LEU A 1 65 ? -3.957  1.005   -10.877 1.00 45.00  ? 65   LEU A N   1 
ATOM   480  C CA  . LEU A 1 65 ? -3.236  -0.247  -11.113 1.00 46.98  ? 65   LEU A CA  1 
ATOM   481  C C   . LEU A 1 65 ? -3.263  -0.808  -12.538 1.00 48.95  ? 65   LEU A C   1 
ATOM   482  O O   . LEU A 1 65 ? -4.320  -1.116  -13.075 1.00 49.10  ? 65   LEU A O   1 
ATOM   483  C CB  . LEU A 1 65 ? -3.746  -1.323  -10.159 1.00 44.89  ? 65   LEU A CB  1 
ATOM   484  C CG  . LEU A 1 65 ? -2.743  -2.373  -9.665  1.00 43.19  ? 65   LEU A CG  1 
ATOM   485  C CD1 . LEU A 1 65 ? -3.310  -3.745  -9.915  1.00 40.99  ? 65   LEU A CD1 1 
ATOM   486  C CD2 . LEU A 1 65 ? -1.394  -2.201  -10.334 1.00 40.45  ? 65   LEU A CD2 1 
ATOM   487  N N   . SER A 1 66 ? -2.080  -0.951  -13.127 1.00 51.06  ? 66   SER A N   1 
ATOM   488  C CA  . SER A 1 66 ? -1.920  -1.484  -14.476 1.00 53.00  ? 66   SER A CA  1 
ATOM   489  C C   . SER A 1 66 ? -0.516  -2.067  -14.546 1.00 56.01  ? 66   SER A C   1 
ATOM   490  O O   . SER A 1 66 ? 0.251   -1.953  -13.594 1.00 57.32  ? 66   SER A O   1 
ATOM   491  C CB  . SER A 1 66 ? -2.037  -0.369  -15.508 1.00 52.72  ? 66   SER A CB  1 
ATOM   492  O OG  . SER A 1 66 ? -0.880  0.453   -15.491 1.00 50.80  ? 66   SER A OG  1 
ATOM   493  N N   . GLU A 1 67 ? -0.163  -2.675  -15.671 1.00 58.85  ? 67   GLU A N   1 
ATOM   494  C CA  . GLU A 1 67 ? 1.169   -3.253  -15.811 1.00 61.03  ? 67   GLU A CA  1 
ATOM   495  C C   . GLU A 1 67 ? 2.261   -2.205  -15.859 1.00 59.15  ? 67   GLU A C   1 
ATOM   496  O O   . GLU A 1 67 ? 3.433   -2.533  -15.937 1.00 58.48  ? 67   GLU A O   1 
ATOM   497  C CB  . GLU A 1 67 ? 1.251   -4.102  -17.071 1.00 66.24  ? 67   GLU A CB  1 
ATOM   498  C CG  . GLU A 1 67 ? 0.511   -5.423  -16.976 1.00 74.57  ? 67   GLU A CG  1 
ATOM   499  C CD  . GLU A 1 67 ? 0.487   -6.152  -18.307 1.00 79.93  ? 67   GLU A CD  1 
ATOM   500  O OE1 . GLU A 1 67 ? -0.090  -5.602  -19.277 1.00 82.10  ? 67   GLU A OE1 1 
ATOM   501  O OE2 . GLU A 1 67 ? 1.050   -7.271  -18.385 1.00 82.37  ? 67   GLU A OE2 1 
ATOM   502  N N   . GLU A 1 68 ? 1.871   -0.940  -15.804 1.00 58.99  ? 68   GLU A N   1 
ATOM   503  C CA  . GLU A 1 68 ? 2.832   0.151   -15.853 1.00 57.62  ? 68   GLU A CA  1 
ATOM   504  C C   . GLU A 1 68 ? 3.013   0.742   -14.472 1.00 54.82  ? 68   GLU A C   1 
ATOM   505  O O   . GLU A 1 68 ? 3.711   1.742   -14.307 1.00 55.08  ? 68   GLU A O   1 
ATOM   506  C CB  . GLU A 1 68 ? 2.335   1.240   -16.801 1.00 62.75  ? 68   GLU A CB  1 
ATOM   507  C CG  . GLU A 1 68 ? 1.838   0.716   -18.146 1.00 69.38  ? 68   GLU A CG  1 
ATOM   508  C CD  . GLU A 1 68 ? 2.933   0.018   -18.935 1.00 73.60  ? 68   GLU A CD  1 
ATOM   509  O OE1 . GLU A 1 68 ? 2.630   -0.551  -20.012 1.00 74.46  ? 68   GLU A OE1 1 
ATOM   510  O OE2 . GLU A 1 68 ? 4.100   0.043   -18.476 1.00 75.91  ? 68   GLU A OE2 1 
ATOM   511  N N   . PHE A 1 69 ? 2.378   0.131   -13.479 1.00 51.00  ? 69   PHE A N   1 
ATOM   512  C CA  . PHE A 1 69 ? 2.479   0.618   -12.110 1.00 48.50  ? 69   PHE A CA  1 
ATOM   513  C C   . PHE A 1 69 ? 3.935   0.925   -11.780 1.00 47.29  ? 69   PHE A C   1 
ATOM   514  O O   . PHE A 1 69 ? 4.825   0.156   -12.133 1.00 47.42  ? 69   PHE A O   1 
ATOM   515  C CB  . PHE A 1 69 ? 1.922   -0.427  -11.150 1.00 47.01  ? 69   PHE A CB  1 
ATOM   516  C CG  . PHE A 1 69 ? 1.731   0.075   -9.754  1.00 46.13  ? 69   PHE A CG  1 
ATOM   517  C CD1 . PHE A 1 69 ? 0.952   1.188   -9.506  1.00 45.49  ? 69   PHE A CD1 1 
ATOM   518  C CD2 . PHE A 1 69 ? 2.301   -0.593  -8.679  1.00 47.19  ? 69   PHE A CD2 1 
ATOM   519  C CE1 . PHE A 1 69 ? 0.736   1.626   -8.211  1.00 45.81  ? 69   PHE A CE1 1 
ATOM   520  C CE2 . PHE A 1 69 ? 2.091   -0.162  -7.381  1.00 47.21  ? 69   PHE A CE2 1 
ATOM   521  C CZ  . PHE A 1 69 ? 1.307   0.949   -7.148  1.00 47.22  ? 69   PHE A CZ  1 
ATOM   522  N N   . SER A 1 70 ? 4.179   2.044   -11.110 1.00 45.87  ? 70   SER A N   1 
ATOM   523  C CA  . SER A 1 70 ? 5.541   2.439   -10.777 1.00 46.03  ? 70   SER A CA  1 
ATOM   524  C C   . SER A 1 70 ? 5.641   3.190   -9.470  1.00 47.14  ? 70   SER A C   1 
ATOM   525  O O   . SER A 1 70 ? 4.675   3.783   -9.005  1.00 47.58  ? 70   SER A O   1 
ATOM   526  C CB  . SER A 1 70 ? 6.090   3.348   -11.852 1.00 46.57  ? 70   SER A CB  1 
ATOM   527  O OG  . SER A 1 70 ? 5.505   4.631   -11.719 1.00 49.74  ? 70   SER A OG  1 
ATOM   528  N N   . ALA A 1 71 ? 6.826   3.185   -8.879  1.00 49.21  ? 71   ALA A N   1 
ATOM   529  C CA  . ALA A 1 71 ? 7.015   3.899   -7.628  1.00 51.36  ? 71   ALA A CA  1 
ATOM   530  C C   . ALA A 1 71 ? 6.540   5.324   -7.864  1.00 53.22  ? 71   ALA A C   1 
ATOM   531  O O   . ALA A 1 71 ? 5.860   5.918   -7.027  1.00 54.32  ? 71   ALA A O   1 
ATOM   532  C CB  . ALA A 1 71 ? 8.482   3.899   -7.244  1.00 51.05  ? 71   ALA A CB  1 
ATOM   533  N N   . ASP A 1 72 ? 6.897   5.852   -9.032  1.00 54.85  ? 72   ASP A N   1 
ATOM   534  C CA  . ASP A 1 72 ? 6.555   7.209   -9.423  1.00 55.05  ? 72   ASP A CA  1 
ATOM   535  C C   . ASP A 1 72 ? 5.054   7.491   -9.354  1.00 53.07  ? 72   ASP A C   1 
ATOM   536  O O   . ASP A 1 72 ? 4.642   8.590   -8.984  1.00 54.14  ? 72   ASP A O   1 
ATOM   537  C CB  . ASP A 1 72 ? 7.084   7.484   -10.833 1.00 58.50  ? 72   ASP A CB  1 
ATOM   538  C CG  . ASP A 1 72 ? 7.155   8.968   -11.150 1.00 61.75  ? 72   ASP A CG  1 
ATOM   539  O OD1 . ASP A 1 72 ? 8.004   9.680   -10.557 1.00 61.65  ? 72   ASP A OD1 1 
ATOM   540  O OD2 . ASP A 1 72 ? 6.354   9.421   -11.996 1.00 65.53  ? 72   ASP A OD2 1 
ATOM   541  N N   . GLN A 1 73 ? 4.229   6.516   -9.713  1.00 49.67  ? 73   GLN A N   1 
ATOM   542  C CA  . GLN A 1 73 ? 2.791   6.728   -9.643  1.00 47.08  ? 73   GLN A CA  1 
ATOM   543  C C   . GLN A 1 73 ? 2.359   6.814   -8.186  1.00 46.66  ? 73   GLN A C   1 
ATOM   544  O O   . GLN A 1 73 ? 1.482   7.605   -7.835  1.00 48.19  ? 73   GLN A O   1 
ATOM   545  C CB  . GLN A 1 73 ? 2.031   5.595   -10.322 1.00 45.15  ? 73   GLN A CB  1 
ATOM   546  C CG  . GLN A 1 73 ? 2.009   5.661   -11.830 1.00 45.52  ? 73   GLN A CG  1 
ATOM   547  C CD  . GLN A 1 73 ? 1.121   4.597   -12.431 1.00 46.58  ? 73   GLN A CD  1 
ATOM   548  O OE1 . GLN A 1 73 ? 0.702   4.696   -13.584 1.00 47.74  ? 73   GLN A OE1 1 
ATOM   549  N NE2 . GLN A 1 73 ? 0.825   3.567   -11.650 1.00 46.39  ? 73   GLN A NE2 1 
ATOM   550  N N   . VAL A 1 74 ? 2.975   6.000   -7.335  1.00 44.63  ? 74   VAL A N   1 
ATOM   551  C CA  . VAL A 1 74 ? 2.621   6.007   -5.922  1.00 41.85  ? 74   VAL A CA  1 
ATOM   552  C C   . VAL A 1 74 ? 2.980   7.341   -5.300  1.00 41.92  ? 74   VAL A C   1 
ATOM   553  O O   . VAL A 1 74 ? 2.189   7.905   -4.547  1.00 42.79  ? 74   VAL A O   1 
ATOM   554  C CB  . VAL A 1 74 ? 3.333   4.876   -5.133  1.00 39.81  ? 74   VAL A CB  1 
ATOM   555  C CG1 . VAL A 1 74 ? 2.982   4.967   -3.662  1.00 35.70  ? 74   VAL A CG1 1 
ATOM   556  C CG2 . VAL A 1 74 ? 2.919   3.523   -5.675  1.00 36.33  ? 74   VAL A CG2 1 
ATOM   557  N N   . VAL A 1 75 ? 4.161   7.860   -5.621  1.00 41.30  ? 75   VAL A N   1 
ATOM   558  C CA  . VAL A 1 75 ? 4.578   9.136   -5.049  1.00 41.76  ? 75   VAL A CA  1 
ATOM   559  C C   . VAL A 1 75 ? 3.614   10.240  -5.467  1.00 41.71  ? 75   VAL A C   1 
ATOM   560  O O   . VAL A 1 75 ? 3.268   11.115  -4.672  1.00 41.74  ? 75   VAL A O   1 
ATOM   561  C CB  . VAL A 1 75 ? 6.013   9.523   -5.486  1.00 41.91  ? 75   VAL A CB  1 
ATOM   562  C CG1 . VAL A 1 75 ? 6.430   10.811  -4.810  1.00 40.17  ? 75   VAL A CG1 1 
ATOM   563  C CG2 . VAL A 1 75 ? 6.986   8.420   -5.128  1.00 41.55  ? 75   VAL A CG2 1 
ATOM   564  N N   . THR A 1 76 ? 3.171   10.183  -6.716  1.00 41.60  ? 76   THR A N   1 
ATOM   565  C CA  . THR A 1 76 ? 2.245   11.175  -7.241  1.00 41.63  ? 76   THR A CA  1 
ATOM   566  C C   . THR A 1 76 ? 0.906   11.151  -6.507  1.00 41.94  ? 76   THR A C   1 
ATOM   567  O O   . THR A 1 76 ? 0.475   12.163  -5.948  1.00 42.50  ? 76   THR A O   1 
ATOM   568  C CB  . THR A 1 76 ? 2.011   10.947  -8.727  1.00 41.66  ? 76   THR A CB  1 
ATOM   569  O OG1 . THR A 1 76 ? 3.258   11.097  -9.420  1.00 40.91  ? 76   THR A OG1 1 
ATOM   570  C CG2 . THR A 1 76 ? 0.994   11.942  -9.264  1.00 40.33  ? 76   THR A CG2 1 
ATOM   571  N N   . LEU A 1 77 ? 0.241   10.002  -6.513  1.00 41.21  ? 77   LEU A N   1 
ATOM   572  C CA  . LEU A 1 77 ? -1.030  9.879   -5.813  1.00 41.06  ? 77   LEU A CA  1 
ATOM   573  C C   . LEU A 1 77 ? -0.835  10.317  -4.361  1.00 43.28  ? 77   LEU A C   1 
ATOM   574  O O   . LEU A 1 77 ? -1.708  10.928  -3.749  1.00 43.06  ? 77   LEU A O   1 
ATOM   575  C CB  . LEU A 1 77 ? -1.506  8.433   -5.868  1.00 38.54  ? 77   LEU A CB  1 
ATOM   576  C CG  . LEU A 1 77 ? -2.428  8.034   -7.019  1.00 37.69  ? 77   LEU A CG  1 
ATOM   577  C CD1 . LEU A 1 77 ? -2.199  8.899   -8.232  1.00 36.87  ? 77   LEU A CD1 1 
ATOM   578  C CD2 . LEU A 1 77 ? -2.196  6.583   -7.347  1.00 37.08  ? 77   LEU A CD2 1 
ATOM   579  N N   . LEU A 1 78 ? 0.336   10.009  -3.823  1.00 44.61  ? 78   LEU A N   1 
ATOM   580  C CA  . LEU A 1 78 ? 0.671   10.354  -2.454  1.00 44.96  ? 78   LEU A CA  1 
ATOM   581  C C   . LEU A 1 78 ? 0.641   11.856  -2.197  1.00 46.63  ? 78   LEU A C   1 
ATOM   582  O O   . LEU A 1 78 ? 0.136   12.318  -1.171  1.00 45.84  ? 78   LEU A O   1 
ATOM   583  C CB  . LEU A 1 78 ? 2.059   9.825   -2.134  1.00 44.06  ? 78   LEU A CB  1 
ATOM   584  C CG  . LEU A 1 78 ? 2.131   8.792   -1.030  1.00 46.33  ? 78   LEU A CG  1 
ATOM   585  C CD1 . LEU A 1 78 ? 3.573   8.372   -0.879  1.00 48.12  ? 78   LEU A CD1 1 
ATOM   586  C CD2 . LEU A 1 78 ? 1.585   9.361   0.272   1.00 46.56  ? 78   LEU A CD2 1 
ATOM   587  N N   . SER A 1 79 ? 1.207   12.622  -3.124  1.00 48.19  ? 79   SER A N   1 
ATOM   588  C CA  . SER A 1 79 ? 1.259   14.065  -2.949  1.00 49.55  ? 79   SER A CA  1 
ATOM   589  C C   . SER A 1 79 ? -0.076  14.715  -3.265  1.00 50.10  ? 79   SER A C   1 
ATOM   590  O O   . SER A 1 79 ? -0.493  15.651  -2.580  1.00 50.15  ? 79   SER A O   1 
ATOM   591  C CB  . SER A 1 79 ? 2.361   14.667  -3.818  1.00 47.20  ? 79   SER A CB  1 
ATOM   592  O OG  . SER A 1 79 ? 2.137   14.351  -5.166  1.00 48.33  ? 79   SER A OG  1 
ATOM   593  N N   . GLN A 1 80 ? -0.747  14.215  -4.299  1.00 50.16  ? 80   GLN A N   1 
ATOM   594  C CA  . GLN A 1 80 ? -2.044  14.756  -4.684  1.00 49.96  ? 80   GLN A CA  1 
ATOM   595  C C   . GLN A 1 80 ? -3.057  14.471  -3.596  1.00 48.90  ? 80   GLN A C   1 
ATOM   596  O O   . GLN A 1 80 ? -4.131  15.041  -3.571  1.00 50.95  ? 80   GLN A O   1 
ATOM   597  C CB  . GLN A 1 80 ? -2.529  14.112  -5.984  1.00 50.37  ? 80   GLN A CB  1 
ATOM   598  C CG  . GLN A 1 80 ? -1.871  14.656  -7.234  1.00 54.81  ? 80   GLN A CG  1 
ATOM   599  C CD  . GLN A 1 80 ? -2.235  16.107  -7.491  1.00 58.82  ? 80   GLN A CD  1 
ATOM   600  O OE1 . GLN A 1 80 ? -1.697  16.742  -8.398  1.00 61.88  ? 80   GLN A OE1 1 
ATOM   601  N NE2 . GLN A 1 80 ? -3.161  16.641  -6.693  1.00 59.89  ? 80   GLN A NE2 1 
ATOM   602  N N   . THR A 1 81 ? -2.685  13.614  -2.666  1.00 48.56  ? 81   THR A N   1 
ATOM   603  C CA  . THR A 1 81 ? -3.599  13.198  -1.631  1.00 46.83  ? 81   THR A CA  1 
ATOM   604  C C   . THR A 1 81 ? -3.125  13.475  -0.206  1.00 47.28  ? 81   THR A C   1 
ATOM   605  O O   . THR A 1 81 ? -3.876  13.312  0.747   1.00 48.52  ? 81   THR A O   1 
ATOM   606  C CB  . THR A 1 81 ? -3.833  11.699  -1.806  1.00 45.66  ? 81   THR A CB  1 
ATOM   607  O OG1 . THR A 1 81 ? -5.150  11.362  -1.383  1.00 50.47  ? 81   THR A OG1 1 
ATOM   608  C CG2 . THR A 1 81 ? -2.823  10.911  -1.003  1.00 43.00  ? 81   THR A CG2 1 
ATOM   609  N N   . THR A 1 82 ? -1.880  13.902  -0.061  1.00 47.95  ? 82   THR A N   1 
ATOM   610  C CA  . THR A 1 82 ? -1.303  14.143  1.252   1.00 46.88  ? 82   THR A CA  1 
ATOM   611  C C   . THR A 1 82 ? -0.667  15.517  1.367   1.00 48.26  ? 82   THR A C   1 
ATOM   612  O O   . THR A 1 82 ? -0.632  16.111  2.444   1.00 47.40  ? 82   THR A O   1 
ATOM   613  C CB  . THR A 1 82 ? -0.241  13.070  1.545   1.00 45.82  ? 82   THR A CB  1 
ATOM   614  O OG1 . THR A 1 82 ? -0.839  12.010  2.294   1.00 45.90  ? 82   THR A OG1 1 
ATOM   615  C CG2 . THR A 1 82 ? 0.926   13.645  2.303   1.00 48.52  ? 82   THR A CG2 1 
ATOM   616  N N   . GLY A 1 83 ? -0.157  16.006  0.244   1.00 49.50  ? 83   GLY A N   1 
ATOM   617  C CA  . GLY A 1 83 ? 0.487   17.297  0.223   1.00 50.47  ? 83   GLY A CA  1 
ATOM   618  C C   . GLY A 1 83 ? 1.986   17.127  0.153   1.00 52.64  ? 83   GLY A C   1 
ATOM   619  O O   . GLY A 1 83 ? 2.717   18.110  0.061   1.00 54.37  ? 83   GLY A O   1 
ATOM   620  N N   . TRP A 1 84 ? 2.447   15.878  0.185   1.00 53.85  ? 84   TRP A N   1 
ATOM   621  C CA  . TRP A 1 84 ? 3.877   15.591  0.143   1.00 54.44  ? 84   TRP A CA  1 
ATOM   622  C C   . TRP A 1 84 ? 4.560   16.157  -1.097  1.00 56.60  ? 84   TRP A C   1 
ATOM   623  O O   . TRP A 1 84 ? 4.055   16.049  -2.212  1.00 54.10  ? 84   TRP A O   1 
ATOM   624  C CB  . TRP A 1 84 ? 4.131   14.082  0.200   1.00 53.07  ? 84   TRP A CB  1 
ATOM   625  C CG  . TRP A 1 84 ? 5.591   13.750  0.348   1.00 50.38  ? 84   TRP A CG  1 
ATOM   626  C CD1 . TRP A 1 84 ? 6.293   13.651  1.515   1.00 50.78  ? 84   TRP A CD1 1 
ATOM   627  C CD2 . TRP A 1 84 ? 6.550   13.596  -0.708  1.00 48.27  ? 84   TRP A CD2 1 
ATOM   628  N NE1 . TRP A 1 84 ? 7.629   13.453  1.251   1.00 49.45  ? 84   TRP A NE1 1 
ATOM   629  C CE2 . TRP A 1 84 ? 7.813   13.417  -0.104  1.00 47.05  ? 84   TRP A CE2 1 
ATOM   630  C CE3 . TRP A 1 84 ? 6.465   13.597  -2.103  1.00 48.21  ? 84   TRP A CE3 1 
ATOM   631  C CZ2 . TRP A 1 84 ? 8.978   13.244  -0.848  1.00 46.44  ? 84   TRP A CZ2 1 
ATOM   632  C CZ3 . TRP A 1 84 ? 7.632   13.424  -2.845  1.00 48.24  ? 84   TRP A CZ3 1 
ATOM   633  C CH2 . TRP A 1 84 ? 8.870   13.250  -2.213  1.00 46.39  ? 84   TRP A CH2 1 
ATOM   634  N N   . LYS A 1 85 ? 5.724   16.755  -0.882  1.00 61.03  ? 85   LYS A N   1 
ATOM   635  C CA  . LYS A 1 85 ? 6.519   17.332  -1.959  1.00 65.44  ? 85   LYS A CA  1 
ATOM   636  C C   . LYS A 1 85 ? 8.002   17.181  -1.653  1.00 66.93  ? 85   LYS A C   1 
ATOM   637  O O   . LYS A 1 85 ? 8.415   17.150  -0.489  1.00 66.04  ? 85   LYS A O   1 
ATOM   638  C CB  . LYS A 1 85 ? 6.222   18.827  -2.127  1.00 67.44  ? 85   LYS A CB  1 
ATOM   639  C CG  . LYS A 1 85 ? 4.857   19.165  -2.685  1.00 71.32  ? 85   LYS A CG  1 
ATOM   640  C CD  . LYS A 1 85 ? 4.773   20.651  -2.991  1.00 73.95  ? 85   LYS A CD  1 
ATOM   641  C CE  . LYS A 1 85 ? 3.450   21.022  -3.640  1.00 75.34  ? 85   LYS A CE  1 
ATOM   642  N NZ  . LYS A 1 85 ? 3.418   22.463  -4.021  1.00 75.66  ? 85   LYS A NZ  1 
ATOM   643  N N   . PRO A 1 86 ? 8.824   17.070  -2.698  1.00 68.68  ? 86   PRO A N   1 
ATOM   644  C CA  . PRO A 1 86 ? 10.261  16.937  -2.477  1.00 71.48  ? 86   PRO A CA  1 
ATOM   645  C C   . PRO A 1 86 ? 10.714  18.156  -1.683  1.00 75.30  ? 86   PRO A C   1 
ATOM   646  O O   . PRO A 1 86 ? 9.977   19.130  -1.560  1.00 76.04  ? 86   PRO A O   1 
ATOM   647  C CB  . PRO A 1 86 ? 10.817  16.927  -3.890  1.00 70.31  ? 86   PRO A CB  1 
ATOM   648  C CG  . PRO A 1 86 ? 9.744   16.212  -4.649  1.00 70.04  ? 86   PRO A CG  1 
ATOM   649  C CD  . PRO A 1 86 ? 8.481   16.847  -4.111  1.00 68.80  ? 86   PRO A CD  1 
ATOM   650  N N   . SER A 1 87 ? 11.925  18.112  -1.148  1.00 80.21  ? 87   SER A N   1 
ATOM   651  C CA  . SER A 1 87 ? 12.444  19.224  -0.356  1.00 84.23  ? 87   SER A CA  1 
ATOM   652  C C   . SER A 1 87 ? 13.664  19.837  -1.035  1.00 86.88  ? 87   SER A C   1 
ATOM   653  O O   . SER A 1 87 ? 13.632  20.182  -2.216  1.00 86.66  ? 87   SER A O   1 
ATOM   654  C CB  . SER A 1 87 ? 12.844  18.705  1.015   1.00 84.23  ? 87   SER A CB  1 
ATOM   655  O OG  . SER A 1 87 ? 13.770  17.641  0.859   1.00 84.58  ? 87   SER A OG  1 
ATOM   656  N N   . GLN A 1 88 ? 14.739  19.980  -0.268  1.00 90.47  ? 88   GLN A N   1 
ATOM   657  C CA  . GLN A 1 88 ? 15.987  20.501  -0.799  1.00 92.92  ? 88   GLN A CA  1 
ATOM   658  C C   . GLN A 1 88 ? 16.601  19.333  -1.558  1.00 93.80  ? 88   GLN A C   1 
ATOM   659  O O   . GLN A 1 88 ? 17.703  19.428  -2.103  1.00 93.96  ? 88   GLN A O   1 
ATOM   660  C CB  . GLN A 1 88 ? 16.907  20.946  0.335   1.00 94.55  ? 88   GLN A CB  1 
ATOM   661  C CG  . GLN A 1 88 ? 16.310  22.062  1.185   1.00 97.78  ? 88   GLN A CG  1 
ATOM   662  C CD  . GLN A 1 88 ? 17.348  22.783  2.030   1.00 99.43  ? 88   GLN A CD  1 
ATOM   663  O OE1 . GLN A 1 88 ? 18.326  23.331  1.506   1.00 99.62  ? 88   GLN A OE1 1 
ATOM   664  N NE2 . GLN A 1 88 ? 17.136  22.796  3.344   1.00 99.39  ? 88   GLN A NE2 1 
ATOM   665  N N   . ALA A 1 89 ? 15.855  18.228  -1.577  1.00 94.48  ? 89   ALA A N   1 
ATOM   666  C CA  . ALA A 1 89 ? 16.246  17.009  -2.272  1.00 94.32  ? 89   ALA A CA  1 
ATOM   667  C C   . ALA A 1 89 ? 16.285  17.329  -3.764  1.00 94.23  ? 89   ALA A C   1 
ATOM   668  O O   . ALA A 1 89 ? 16.467  16.450  -4.605  1.00 93.50  ? 89   ALA A O   1 
ATOM   669  C CB  . ALA A 1 89 ? 15.230  15.896  -1.988  1.00 93.33  ? 89   ALA A CB  1 
ATOM   670  N N   . ASP A 1 90 ? 16.093  18.605  -4.074  1.00 95.07  ? 90   ASP A N   1 
ATOM   671  C CA  . ASP A 1 90 ? 16.125  19.086  -5.445  1.00 96.10  ? 90   ASP A CA  1 
ATOM   672  C C   . ASP A 1 90 ? 17.556  19.418  -5.821  1.00 97.22  ? 90   ASP A C   1 
ATOM   673  O O   . ASP A 1 90 ? 18.013  19.063  -6.909  1.00 96.80  ? 90   ASP A O   1 
ATOM   674  C CB  . ASP A 1 90 ? 15.255  20.328  -5.590  1.00 96.22  ? 90   ASP A CB  1 
ATOM   675  C CG  . ASP A 1 90 ? 13.840  19.991  -5.976  1.00 96.25  ? 90   ASP A CG  1 
ATOM   676  O OD1 . ASP A 1 90 ? 13.654  19.466  -7.093  1.00 95.58  ? 90   ASP A OD1 1 
ATOM   677  O OD2 . ASP A 1 90 ? 12.921  20.241  -5.168  1.00 96.32  ? 90   ASP A OD2 1 
ATOM   678  N N   . ILE A 1 91 ? 18.259  20.100  -4.916  1.00 98.24  ? 91   ILE A N   1 
ATOM   679  C CA  . ILE A 1 91 ? 19.652  20.468  -5.150  1.00 99.22  ? 91   ILE A CA  1 
ATOM   680  C C   . ILE A 1 91 ? 20.369  19.212  -5.638  1.00 99.33  ? 91   ILE A C   1 
ATOM   681  O O   . ILE A 1 91 ? 21.196  19.260  -6.549  1.00 99.73  ? 91   ILE A O   1 
ATOM   682  C CB  . ILE A 1 91 ? 20.343  20.971  -3.852  1.00 99.60  ? 91   ILE A CB  1 
ATOM   683  C CG1 . ILE A 1 91 ? 19.615  22.205  -3.293  1.00 99.72  ? 91   ILE A CG1 1 
ATOM   684  C CG2 . ILE A 1 91 ? 21.797  21.323  -4.145  1.00 99.91  ? 91   ILE A CG2 1 
ATOM   685  C CD1 . ILE A 1 91 ? 19.736  23.462  -4.147  1.00 99.27  ? 91   ILE A CD1 1 
ATOM   686  N N   . ARG A 1 92 ? 20.028  18.084  -5.025  1.00 99.33  ? 92   ARG A N   1 
ATOM   687  C CA  . ARG A 1 92 ? 20.610  16.804  -5.394  1.00 99.70  ? 92   ARG A CA  1 
ATOM   688  C C   . ARG A 1 92 ? 20.319  16.470  -6.849  1.00 99.18  ? 92   ARG A C   1 
ATOM   689  O O   . ARG A 1 92 ? 21.225  16.440  -7.681  1.00 99.32  ? 92   ARG A O   1 
ATOM   690  C CB  . ARG A 1 92 ? 20.052  15.691  -4.506  1.00 101.55 ? 92   ARG A CB  1 
ATOM   691  C CG  . ARG A 1 92 ? 20.728  15.555  -3.149  1.00 104.78 ? 92   ARG A CG  1 
ATOM   692  C CD  . ARG A 1 92 ? 20.065  14.456  -2.320  1.00 106.32 ? 92   ARG A CD  1 
ATOM   693  N NE  . ARG A 1 92 ? 20.964  13.878  -1.322  1.00 107.71 ? 92   ARG A NE  1 
ATOM   694  C CZ  . ARG A 1 92 ? 22.118  13.283  -1.613  1.00 108.59 ? 92   ARG A CZ  1 
ATOM   695  N NH1 . ARG A 1 92 ? 22.870  12.780  -0.643  1.00 108.55 ? 92   ARG A NH1 1 
ATOM   696  N NH2 . ARG A 1 92 ? 22.527  13.194  -2.872  1.00 109.09 ? 92   ARG A NH2 1 
ATOM   697  N N   . ALA A 1 93 ? 19.048  16.216  -7.148  1.00 98.53  ? 93   ALA A N   1 
ATOM   698  C CA  . ALA A 1 93 ? 18.630  15.865  -8.498  1.00 97.64  ? 93   ALA A CA  1 
ATOM   699  C C   . ALA A 1 93 ? 19.260  16.786  -9.542  1.00 97.59  ? 93   ALA A C   1 
ATOM   700  O O   . ALA A 1 93 ? 19.537  16.364  -10.664 1.00 97.44  ? 93   ALA A O   1 
ATOM   701  C CB  . ALA A 1 93 ? 17.111  15.908  -8.596  1.00 96.02  ? 93   ALA A CB  1 
ATOM   702  N N   . VAL A 1 94 ? 19.500  18.040  -9.163  1.00 97.43  ? 94   VAL A N   1 
ATOM   703  C CA  . VAL A 1 94 ? 20.100  19.012  -10.073 1.00 96.96  ? 94   VAL A CA  1 
ATOM   704  C C   . VAL A 1 94 ? 21.525  18.597  -10.454 1.00 96.54  ? 94   VAL A C   1 
ATOM   705  O O   . VAL A 1 94 ? 22.196  19.274  -11.232 1.00 97.23  ? 94   VAL A O   1 
ATOM   706  C CB  . VAL A 1 94 ? 20.128  20.435  -9.435  1.00 97.61  ? 94   VAL A CB  1 
ATOM   707  C CG1 . VAL A 1 94 ? 20.684  21.448  -10.423 1.00 98.22  ? 94   VAL A CG1 1 
ATOM   708  C CG2 . VAL A 1 94 ? 18.732  20.856  -9.019  1.00 96.76  ? 94   VAL A CG2 1 
ATOM   709  N N   . LEU A 1 95 ? 21.987  17.477  -9.913  1.00 95.95  ? 95   LEU A N   1 
ATOM   710  C CA  . LEU A 1 95 ? 23.331  17.002  -10.220 1.00 94.42  ? 95   LEU A CA  1 
ATOM   711  C C   . LEU A 1 95 ? 23.256  15.720  -11.050 1.00 94.05  ? 95   LEU A C   1 
ATOM   712  O O   . LEU A 1 95 ? 23.358  15.810  -12.297 1.00 92.69  ? 95   LEU A O   1 
ATOM   713  C CB  . LEU A 1 95 ? 24.094  16.741  -8.919  1.00 93.01  ? 95   LEU A CB  1 
ATOM   714  C CG  . LEU A 1 95 ? 23.878  17.783  -7.813  1.00 92.21  ? 95   LEU A CG  1 
ATOM   715  C CD1 . LEU A 1 95 ? 24.726  17.427  -6.608  1.00 90.66  ? 95   LEU A CD1 1 
ATOM   716  C CD2 . LEU A 1 95 ? 24.225  19.171  -8.322  1.00 91.78  ? 95   LEU A CD2 1 
ATOM   717  N N   . THR A 1 96 ? 23.069  14.645  -10.439 1.00 93.10  ? 96   THR A N   1 
ATOM   718  N N   . LYS B 1 6  ? -19.064 -14.264 -10.262 1.00 95.39  ? 6    LYS B N   1 
ATOM   719  C CA  . LYS B 1 6  ? -17.721 -14.771 -9.851  1.00 95.47  ? 6    LYS B CA  1 
ATOM   720  C C   . LYS B 1 6  ? -17.094 -13.835 -8.811  1.00 94.55  ? 6    LYS B C   1 
ATOM   721  O O   . LYS B 1 6  ? -17.492 -12.672 -8.690  1.00 94.97  ? 6    LYS B O   1 
ATOM   722  C CB  . LYS B 1 6  ? -16.807 -14.885 -11.078 1.00 96.39  ? 6    LYS B CB  1 
ATOM   723  C CG  . LYS B 1 6  ? -15.461 -15.545 -10.802 1.00 97.46  ? 6    LYS B CG  1 
ATOM   724  C CD  . LYS B 1 6  ? -14.595 -15.598 -12.059 1.00 97.96  ? 6    LYS B CD  1 
ATOM   725  C CE  . LYS B 1 6  ? -13.243 -16.253 -11.782 1.00 97.89  ? 6    LYS B CE  1 
ATOM   726  N NZ  . LYS B 1 6  ? -12.342 -16.232 -12.973 1.00 96.94  ? 6    LYS B NZ  1 
ATOM   727  N N   . ARG B 1 7  ? -16.118 -14.347 -8.064  1.00 92.02  ? 7    ARG B N   1 
ATOM   728  C CA  . ARG B 1 7  ? -15.440 -13.568 -7.027  1.00 89.27  ? 7    ARG B CA  1 
ATOM   729  C C   . ARG B 1 7  ? -14.517 -14.506 -6.255  1.00 86.80  ? 7    ARG B C   1 
ATOM   730  O O   . ARG B 1 7  ? -14.972 -15.524 -5.735  1.00 86.66  ? 7    ARG B O   1 
ATOM   731  C CB  . ARG B 1 7  ? -16.466 -12.968 -6.053  1.00 89.44  ? 7    ARG B CB  1 
ATOM   732  C CG  . ARG B 1 7  ? -17.002 -13.966 -5.022  1.00 90.83  ? 7    ARG B CG  1 
ATOM   733  C CD  . ARG B 1 7  ? -18.136 -13.407 -4.177  1.00 92.40  ? 7    ARG B CD  1 
ATOM   734  N NE  . ARG B 1 7  ? -17.937 -11.999 -3.846  1.00 93.75  ? 7    ARG B NE  1 
ATOM   735  C CZ  . ARG B 1 7  ? -18.593 -11.354 -2.888  1.00 93.71  ? 7    ARG B CZ  1 
ATOM   736  N NH1 . ARG B 1 7  ? -18.348 -10.067 -2.666  1.00 93.20  ? 7    ARG B NH1 1 
ATOM   737  N NH2 . ARG B 1 7  ? -19.477 -12.000 -2.139  1.00 93.20  ? 7    ARG B NH2 1 
ATOM   738  N N   . LYS B 1 8  ? -13.227 -14.191 -6.179  1.00 83.08  ? 8    LYS B N   1 
ATOM   739  C CA  . LYS B 1 8  ? -12.339 -15.065 -5.433  1.00 79.15  ? 8    LYS B CA  1 
ATOM   740  C C   . LYS B 1 8  ? -12.265 -14.608 -3.986  1.00 76.96  ? 8    LYS B C   1 
ATOM   741  O O   . LYS B 1 8  ? -12.178 -13.412 -3.697  1.00 76.77  ? 8    LYS B O   1 
ATOM   742  C CB  . LYS B 1 8  ? -10.940 -15.113 -6.049  1.00 80.18  ? 8    LYS B CB  1 
ATOM   743  C CG  . LYS B 1 8  ? -10.040 -16.119 -5.339  1.00 82.40  ? 8    LYS B CG  1 
ATOM   744  C CD  . LYS B 1 8  ? -8.850  -16.554 -6.175  1.00 84.15  ? 8    LYS B CD  1 
ATOM   745  C CE  . LYS B 1 8  ? -8.094  -17.689 -5.482  1.00 85.35  ? 8    LYS B CE  1 
ATOM   746  N NZ  . LYS B 1 8  ? -6.993  -18.236 -6.331  1.00 86.29  ? 8    LYS B NZ  1 
ATOM   747  N N   . LYS B 1 9  ? -12.322 -15.575 -3.077  1.00 73.88  ? 9    LYS B N   1 
ATOM   748  C CA  . LYS B 1 9  ? -12.281 -15.292 -1.655  1.00 70.45  ? 9    LYS B CA  1 
ATOM   749  C C   . LYS B 1 9  ? -10.878 -15.449 -1.087  1.00 68.35  ? 9    LYS B C   1 
ATOM   750  O O   . LYS B 1 9  ? -10.179 -16.414 -1.388  1.00 67.42  ? 9    LYS B O   1 
ATOM   751  C CB  . LYS B 1 9  ? -13.234 -16.227 -0.918  1.00 70.79  ? 9    LYS B CB  1 
ATOM   752  C CG  . LYS B 1 9  ? -13.276 -15.996 0.571   1.00 73.33  ? 9    LYS B CG  1 
ATOM   753  C CD  . LYS B 1 9  ? -14.174 -17.003 1.266   1.00 75.49  ? 9    LYS B CD  1 
ATOM   754  C CE  . LYS B 1 9  ? -14.179 -16.753 2.763   1.00 77.90  ? 9    LYS B CE  1 
ATOM   755  N NZ  . LYS B 1 9  ? -14.969 -17.761 3.514   1.00 79.73  ? 9    LYS B NZ  1 
ATOM   756  N N   . TYR B 1 10 ? -10.467 -14.484 -0.270  1.00 65.86  ? 10   TYR B N   1 
ATOM   757  C CA  . TYR B 1 10 ? -9.157  -14.520 0.358   1.00 61.97  ? 10   TYR B CA  1 
ATOM   758  C C   . TYR B 1 10 ? -9.301  -14.368 1.847   1.00 61.07  ? 10   TYR B C   1 
ATOM   759  O O   . TYR B 1 10 ? -10.135 -13.597 2.321   1.00 60.63  ? 10   TYR B O   1 
ATOM   760  C CB  . TYR B 1 10 ? -8.260  -13.416 -0.175  1.00 59.76  ? 10   TYR B CB  1 
ATOM   761  C CG  . TYR B 1 10 ? -7.760  -13.694 -1.557  1.00 58.89  ? 10   TYR B CG  1 
ATOM   762  C CD1 . TYR B 1 10 ? -8.454  -13.249 -2.678  1.00 59.01  ? 10   TYR B CD1 1 
ATOM   763  C CD2 . TYR B 1 10 ? -6.608  -14.440 -1.750  1.00 59.95  ? 10   TYR B CD2 1 
ATOM   764  C CE1 . TYR B 1 10 ? -8.005  -13.544 -3.963  1.00 59.96  ? 10   TYR B CE1 1 
ATOM   765  C CE2 . TYR B 1 10 ? -6.150  -14.743 -3.022  1.00 60.74  ? 10   TYR B CE2 1 
ATOM   766  C CZ  . TYR B 1 10 ? -6.851  -14.293 -4.122  1.00 60.99  ? 10   TYR B CZ  1 
ATOM   767  O OH  . TYR B 1 10 ? -6.384  -14.603 -5.374  1.00 62.21  ? 10   TYR B OH  1 
ATOM   768  N N   . THR B 1 11 ? -8.486  -15.123 2.578   1.00 60.40  ? 11   THR B N   1 
ATOM   769  C CA  . THR B 1 11 ? -8.495  -15.088 4.033   1.00 60.13  ? 11   THR B CA  1 
ATOM   770  C C   . THR B 1 11 ? -7.095  -14.770 4.547   1.00 58.91  ? 11   THR B C   1 
ATOM   771  O O   . THR B 1 11 ? -6.105  -15.246 3.997   1.00 58.94  ? 11   THR B O   1 
ATOM   772  C CB  . THR B 1 11 ? -8.960  -16.437 4.618   1.00 61.02  ? 11   THR B CB  1 
ATOM   773  O OG1 . THR B 1 11 ? -10.354 -16.624 4.340   1.00 63.12  ? 11   THR B OG1 1 
ATOM   774  C CG2 . THR B 1 11 ? -8.751  -16.466 6.116   1.00 61.86  ? 11   THR B CG2 1 
ATOM   775  N N   . LEU B 1 12 ? -7.015  -13.958 5.595   1.00 56.47  ? 12   LEU B N   1 
ATOM   776  C CA  . LEU B 1 12 ? -5.728  -13.587 6.160   1.00 55.28  ? 12   LEU B CA  1 
ATOM   777  C C   . LEU B 1 12 ? -5.881  -13.315 7.649   1.00 56.03  ? 12   LEU B C   1 
ATOM   778  O O   . LEU B 1 12 ? -6.992  -13.093 8.129   1.00 56.90  ? 12   LEU B O   1 
ATOM   779  C CB  . LEU B 1 12 ? -5.174  -12.361 5.424   1.00 52.14  ? 12   LEU B CB  1 
ATOM   780  C CG  . LEU B 1 12 ? -6.071  -11.127 5.324   1.00 50.44  ? 12   LEU B CG  1 
ATOM   781  C CD1 . LEU B 1 12 ? -5.977  -10.307 6.606   1.00 48.52  ? 12   LEU B CD1 1 
ATOM   782  C CD2 . LEU B 1 12 ? -5.640  -10.294 4.138   1.00 48.23  ? 12   LEU B CD2 1 
ATOM   783  N N   . TYR B 1 13 ? -4.771  -13.340 8.383   1.00 57.02  ? 13   TYR B N   1 
ATOM   784  C CA  . TYR B 1 13 ? -4.820  -13.109 9.824   1.00 56.94  ? 13   TYR B CA  1 
ATOM   785  C C   . TYR B 1 13 ? -3.851  -12.045 10.340  1.00 56.09  ? 13   TYR B C   1 
ATOM   786  O O   . TYR B 1 13 ? -2.740  -11.907 9.838   1.00 55.99  ? 13   TYR B O   1 
ATOM   787  C CB  . TYR B 1 13 ? -4.526  -14.408 10.579  1.00 58.15  ? 13   TYR B CB  1 
ATOM   788  C CG  . TYR B 1 13 ? -5.392  -15.580 10.199  1.00 60.27  ? 13   TYR B CG  1 
ATOM   789  C CD1 . TYR B 1 13 ? -5.100  -16.354 9.071   1.00 60.59  ? 13   TYR B CD1 1 
ATOM   790  C CD2 . TYR B 1 13 ? -6.511  -15.919 10.963  1.00 61.40  ? 13   TYR B CD2 1 
ATOM   791  C CE1 . TYR B 1 13 ? -5.904  -17.441 8.714   1.00 61.48  ? 13   TYR B CE1 1 
ATOM   792  C CE2 . TYR B 1 13 ? -7.322  -17.002 10.615  1.00 62.07  ? 13   TYR B CE2 1 
ATOM   793  C CZ  . TYR B 1 13 ? -7.016  -17.758 9.490   1.00 62.46  ? 13   TYR B CZ  1 
ATOM   794  O OH  . TYR B 1 13 ? -7.827  -18.818 9.141   1.00 62.17  ? 13   TYR B OH  1 
ATOM   795  N N   . LEU B 1 14 ? -4.288  -11.307 11.357  1.00 54.77  ? 14   LEU B N   1 
ATOM   796  C CA  . LEU B 1 14 ? -3.459  -10.296 11.999  1.00 53.82  ? 14   LEU B CA  1 
ATOM   797  C C   . LEU B 1 14 ? -3.174  -10.785 13.424  1.00 54.41  ? 14   LEU B C   1 
ATOM   798  O O   . LEU B 1 14 ? -3.924  -11.598 13.972  1.00 54.02  ? 14   LEU B O   1 
ATOM   799  C CB  . LEU B 1 14 ? -4.176  -8.947  12.052  1.00 52.07  ? 14   LEU B CB  1 
ATOM   800  C CG  . LEU B 1 14 ? -4.527  -8.313  10.708  1.00 51.52  ? 14   LEU B CG  1 
ATOM   801  C CD1 . LEU B 1 14 ? -5.142  -6.943  10.939  1.00 50.39  ? 14   LEU B CD1 1 
ATOM   802  C CD2 . LEU B 1 14 ? -3.286  -8.200  9.853   1.00 49.79  ? 14   LEU B CD2 1 
ATOM   803  N N   . HIS B 1 15 ? -2.090  -10.292 14.016  1.00 54.06  ? 15   HIS B N   1 
ATOM   804  C CA  . HIS B 1 15 ? -1.704  -10.687 15.364  1.00 53.56  ? 15   HIS B CA  1 
ATOM   805  C C   . HIS B 1 15 ? -1.753  -9.464  16.260  1.00 54.32  ? 15   HIS B C   1 
ATOM   806  O O   . HIS B 1 15 ? -0.773  -8.734  16.393  1.00 54.96  ? 15   HIS B O   1 
ATOM   807  C CB  . HIS B 1 15 ? -0.299  -11.272 15.347  1.00 52.97  ? 15   HIS B CB  1 
ATOM   808  C CG  . HIS B 1 15 ? -0.112  -12.351 14.330  1.00 54.34  ? 15   HIS B CG  1 
ATOM   809  N ND1 . HIS B 1 15 ? -0.862  -13.507 14.327  1.00 56.42  ? 15   HIS B ND1 1 
ATOM   810  C CD2 . HIS B 1 15 ? 0.719   -12.440 13.265  1.00 55.88  ? 15   HIS B CD2 1 
ATOM   811  C CE1 . HIS B 1 15 ? -0.501  -14.262 13.303  1.00 57.16  ? 15   HIS B CE1 1 
ATOM   812  N NE2 . HIS B 1 15 ? 0.457   -13.637 12.642  1.00 56.15  ? 15   HIS B NE2 1 
ATOM   813  N N   . PRO B 1 16 ? -2.903  -9.233  16.901  1.00 55.35  ? 16   PRO B N   1 
ATOM   814  C CA  . PRO B 1 16 ? -3.116  -8.091  17.792  1.00 56.07  ? 16   PRO B CA  1 
ATOM   815  C C   . PRO B 1 16 ? -2.065  -7.810  18.864  1.00 56.60  ? 16   PRO B C   1 
ATOM   816  O O   . PRO B 1 16 ? -2.161  -6.798  19.555  1.00 57.84  ? 16   PRO B O   1 
ATOM   817  C CB  . PRO B 1 16 ? -4.500  -8.362  18.376  1.00 55.76  ? 16   PRO B CB  1 
ATOM   818  C CG  . PRO B 1 16 ? -4.610  -9.853  18.303  1.00 56.41  ? 16   PRO B CG  1 
ATOM   819  C CD  . PRO B 1 16 ? -4.061  -10.137 16.940  1.00 54.64  ? 16   PRO B CD  1 
ATOM   820  N N   . GLU B 1 17 ? -1.068  -8.676  19.013  1.00 56.46  ? 17   GLU B N   1 
ATOM   821  C CA  . GLU B 1 17 ? -0.041  -8.407  20.013  1.00 56.77  ? 17   GLU B CA  1 
ATOM   822  C C   . GLU B 1 17 ? 1.004   -7.434  19.471  1.00 55.94  ? 17   GLU B C   1 
ATOM   823  O O   . GLU B 1 17 ? 1.485   -6.571  20.207  1.00 57.65  ? 17   GLU B O   1 
ATOM   824  C CB  . GLU B 1 17 ? 0.639   -9.696  20.503  1.00 58.52  ? 17   GLU B CB  1 
ATOM   825  C CG  . GLU B 1 17 ? 1.291   -10.560 19.442  1.00 62.84  ? 17   GLU B CG  1 
ATOM   826  C CD  . GLU B 1 17 ? 0.311   -11.522 18.784  1.00 65.81  ? 17   GLU B CD  1 
ATOM   827  O OE1 . GLU B 1 17 ? 0.768   -12.381 17.998  1.00 67.50  ? 17   GLU B OE1 1 
ATOM   828  O OE2 . GLU B 1 17 ? -0.911  -11.423 19.050  1.00 66.78  ? 17   GLU B OE2 1 
ATOM   829  N N   . LYS B 1 18 ? 1.335   -7.561  18.187  1.00 53.11  ? 18   LYS B N   1 
ATOM   830  C CA  . LYS B 1 18 ? 2.315   -6.688  17.542  1.00 49.68  ? 18   LYS B CA  1 
ATOM   831  C C   . LYS B 1 18 ? 1.714   -5.297  17.319  1.00 48.57  ? 18   LYS B C   1 
ATOM   832  O O   . LYS B 1 18 ? 0.538   -5.173  16.999  1.00 50.35  ? 18   LYS B O   1 
ATOM   833  C CB  . LYS B 1 18 ? 2.728   -7.292  16.208  1.00 50.46  ? 18   LYS B CB  1 
ATOM   834  C CG  . LYS B 1 18 ? 2.502   -8.791  16.125  1.00 52.13  ? 18   LYS B CG  1 
ATOM   835  C CD  . LYS B 1 18 ? 3.291   -9.426  14.990  1.00 53.99  ? 18   LYS B CD  1 
ATOM   836  C CE  . LYS B 1 18 ? 4.788   -9.394  15.287  1.00 56.61  ? 18   LYS B CE  1 
ATOM   837  N NZ  . LYS B 1 18 ? 5.588   -10.104 14.239  1.00 59.34  ? 18   LYS B NZ  1 
ATOM   838  N N   . ALA B 1 19 ? 2.523   -4.254  17.471  1.00 46.13  ? 19   ALA B N   1 
ATOM   839  C CA  . ALA B 1 19 ? 2.054   -2.872  17.323  1.00 43.19  ? 19   ALA B CA  1 
ATOM   840  C C   . ALA B 1 19 ? 1.405   -2.507  16.001  1.00 43.82  ? 19   ALA B C   1 
ATOM   841  O O   . ALA B 1 19 ? 0.431   -1.752  15.979  1.00 45.71  ? 19   ALA B O   1 
ATOM   842  C CB  . ALA B 1 19 ? 3.187   -1.909  17.604  1.00 38.79  ? 19   ALA B CB  1 
ATOM   843  N N   . ALA B 1 20 ? 1.939   -3.015  14.893  1.00 43.71  ? 20   ALA B N   1 
ATOM   844  C CA  . ALA B 1 20 ? 1.375   -2.689  13.587  1.00 42.28  ? 20   ALA B CA  1 
ATOM   845  C C   . ALA B 1 20 ? 0.020   -3.331  13.495  1.00 42.40  ? 20   ALA B C   1 
ATOM   846  O O   . ALA B 1 20 ? -0.975  -2.657  13.244  1.00 43.83  ? 20   ALA B O   1 
ATOM   847  C CB  . ALA B 1 20 ? 2.267   -3.194  12.463  1.00 40.45  ? 20   ALA B CB  1 
ATOM   848  N N   . ASP B 1 21 ? -0.012  -4.642  13.705  1.00 42.44  ? 21   ASP B N   1 
ATOM   849  C CA  . ASP B 1 21 ? -1.257  -5.394  13.647  1.00 42.01  ? 21   ASP B CA  1 
ATOM   850  C C   . ASP B 1 21 ? -2.288  -4.716  14.516  1.00 41.41  ? 21   ASP B C   1 
ATOM   851  O O   . ASP B 1 21 ? -3.377  -4.376  14.058  1.00 41.36  ? 21   ASP B O   1 
ATOM   852  C CB  . ASP B 1 21 ? -1.020  -6.829  14.104  1.00 41.59  ? 21   ASP B CB  1 
ATOM   853  C CG  . ASP B 1 21 ? -0.101  -7.583  13.163  1.00 42.49  ? 21   ASP B CG  1 
ATOM   854  O OD1 . ASP B 1 21 ? -0.571  -8.518  12.484  1.00 44.43  ? 21   ASP B OD1 1 
ATOM   855  O OD2 . ASP B 1 21 ? 1.091   -7.231  13.086  1.00 39.95  ? 21   ASP B OD2 1 
ATOM   856  N N   . PHE B 1 22 ? -1.934  -4.488  15.772  1.00 41.36  ? 22   PHE B N   1 
ATOM   857  C CA  . PHE B 1 22 ? -2.851  -3.828  16.681  1.00 42.07  ? 22   PHE B CA  1 
ATOM   858  C C   . PHE B 1 22 ? -3.316  -2.475  16.140  1.00 41.76  ? 22   PHE B C   1 
ATOM   859  O O   . PHE B 1 22 ? -4.488  -2.133  16.224  1.00 43.20  ? 22   PHE B O   1 
ATOM   860  C CB  . PHE B 1 22 ? -2.197  -3.615  18.033  1.00 41.58  ? 22   PHE B CB  1 
ATOM   861  C CG  . PHE B 1 22 ? -3.091  -2.946  19.021  1.00 43.24  ? 22   PHE B CG  1 
ATOM   862  C CD1 . PHE B 1 22 ? -4.101  -3.660  19.653  1.00 44.90  ? 22   PHE B CD1 1 
ATOM   863  C CD2 . PHE B 1 22 ? -2.949  -1.593  19.299  1.00 43.46  ? 22   PHE B CD2 1 
ATOM   864  C CE1 . PHE B 1 22 ? -4.953  -3.034  20.546  1.00 45.48  ? 22   PHE B CE1 1 
ATOM   865  C CE2 . PHE B 1 22 ? -3.796  -0.959  20.189  1.00 43.87  ? 22   PHE B CE2 1 
ATOM   866  C CZ  . PHE B 1 22 ? -4.800  -1.678  20.814  1.00 44.83  ? 22   PHE B CZ  1 
ATOM   867  N N   . GLN B 1 23 ? -2.396  -1.698  15.588  1.00 40.30  ? 23   GLN B N   1 
ATOM   868  C CA  . GLN B 1 23 ? -2.770  -0.396  15.070  1.00 39.18  ? 23   GLN B CA  1 
ATOM   869  C C   . GLN B 1 23 ? -3.696  -0.502  13.857  1.00 38.90  ? 23   GLN B C   1 
ATOM   870  O O   . GLN B 1 23 ? -4.578  0.343   13.664  1.00 37.81  ? 23   GLN B O   1 
ATOM   871  C CB  . GLN B 1 23 ? -1.521  0.417   14.707  1.00 38.42  ? 23   GLN B CB  1 
ATOM   872  C CG  . GLN B 1 23 ? -1.878  1.752   14.079  1.00 38.46  ? 23   GLN B CG  1 
ATOM   873  C CD  . GLN B 1 23 ? -0.678  2.574   13.735  1.00 38.66  ? 23   GLN B CD  1 
ATOM   874  O OE1 . GLN B 1 23 ? -0.697  3.348   12.773  1.00 37.93  ? 23   GLN B OE1 1 
ATOM   875  N NE2 . GLN B 1 23 ? 0.379   2.430   14.524  1.00 38.61  ? 23   GLN B NE2 1 
ATOM   876  N N   . THR B 1 24 ? -3.484  -1.529  13.037  1.00 38.11  ? 24   THR B N   1 
ATOM   877  C CA  . THR B 1 24 ? -4.317  -1.739  11.863  1.00 38.53  ? 24   THR B CA  1 
ATOM   878  C C   . THR B 1 24 ? -5.730  -2.041  12.331  1.00 39.92  ? 24   THR B C   1 
ATOM   879  O O   . THR B 1 24 ? -6.701  -1.534  11.775  1.00 38.71  ? 24   THR B O   1 
ATOM   880  C CB  . THR B 1 24 ? -3.833  -2.924  11.038  1.00 37.07  ? 24   THR B CB  1 
ATOM   881  O OG1 . THR B 1 24 ? -2.475  -2.707  10.669  1.00 39.97  ? 24   THR B OG1 1 
ATOM   882  C CG2 . THR B 1 24 ? -4.664  -3.077  9.786   1.00 33.47  ? 24   THR B CG2 1 
ATOM   883  N N   . LEU B 1 25 ? -5.823  -2.868  13.368  1.00 41.10  ? 25   LEU B N   1 
ATOM   884  C CA  . LEU B 1 25 ? -7.095  -3.255  13.940  1.00 41.87  ? 25   LEU B CA  1 
ATOM   885  C C   . LEU B 1 25 ? -7.902  -2.028  14.390  1.00 42.72  ? 25   LEU B C   1 
ATOM   886  O O   . LEU B 1 25 ? -9.116  -1.977  14.201  1.00 43.88  ? 25   LEU B O   1 
ATOM   887  C CB  . LEU B 1 25 ? -6.849  -4.212  15.102  1.00 43.21  ? 25   LEU B CB  1 
ATOM   888  C CG  . LEU B 1 25 ? -8.040  -5.074  15.533  1.00 45.48  ? 25   LEU B CG  1 
ATOM   889  C CD1 . LEU B 1 25 ? -7.544  -6.494  15.820  1.00 45.99  ? 25   LEU B CD1 1 
ATOM   890  C CD2 . LEU B 1 25 ? -8.734  -4.454  16.751  1.00 42.21  ? 25   LEU B CD2 1 
ATOM   891  N N   . GLU B 1 26 ? -7.238  -1.033  14.969  1.00 42.35  ? 26   GLU B N   1 
ATOM   892  C CA  . GLU B 1 26 ? -7.935  0.171   15.393  1.00 42.91  ? 26   GLU B CA  1 
ATOM   893  C C   . GLU B 1 26 ? -8.442  0.960   14.194  1.00 42.90  ? 26   GLU B C   1 
ATOM   894  O O   . GLU B 1 26 ? -9.543  1.505   14.219  1.00 43.67  ? 26   GLU B O   1 
ATOM   895  C CB  . GLU B 1 26 ? -7.020  1.080   16.202  1.00 44.66  ? 26   GLU B CB  1 
ATOM   896  C CG  . GLU B 1 26 ? -6.687  0.560   17.577  1.00 53.89  ? 26   GLU B CG  1 
ATOM   897  C CD  . GLU B 1 26 ? -6.249  1.666   18.531  1.00 57.64  ? 26   GLU B CD  1 
ATOM   898  O OE1 . GLU B 1 26 ? -5.957  1.346   19.708  1.00 59.42  ? 26   GLU B OE1 1 
ATOM   899  O OE2 . GLU B 1 26 ? -6.204  2.846   18.107  1.00 58.63  ? 26   GLU B OE2 1 
ATOM   900  N N   . ALA B 1 27 ? -7.634  1.034   13.143  1.00 41.33  ? 27   ALA B N   1 
ATOM   901  C CA  . ALA B 1 27 ? -8.026  1.790   11.964  1.00 39.62  ? 27   ALA B CA  1 
ATOM   902  C C   . ALA B 1 27 ? -9.269  1.194   11.318  1.00 39.71  ? 27   ALA B C   1 
ATOM   903  O O   . ALA B 1 27 ? -10.151 1.919   10.864  1.00 38.51  ? 27   ALA B O   1 
ATOM   904  C CB  . ALA B 1 27 ? -6.880  1.828   10.967  1.00 37.69  ? 27   ALA B CB  1 
ATOM   905  N N   . ILE B 1 28 ? -9.319  -0.133  11.281  1.00 39.47  ? 28   ILE B N   1 
ATOM   906  C CA  . ILE B 1 28 ? -10.427 -0.857  10.690  1.00 40.66  ? 28   ILE B CA  1 
ATOM   907  C C   . ILE B 1 28 ? -11.738 -0.675  11.454  1.00 44.06  ? 28   ILE B C   1 
ATOM   908  O O   . ILE B 1 28 ? -12.792 -0.433  10.849  1.00 43.83  ? 28   ILE B O   1 
ATOM   909  C CB  . ILE B 1 28 ? -10.103 -2.361  10.610  1.00 38.86  ? 28   ILE B CB  1 
ATOM   910  C CG1 . ILE B 1 28 ? -9.054  -2.601  9.525   1.00 38.27  ? 28   ILE B CG1 1 
ATOM   911  C CG2 . ILE B 1 28 ? -11.369 -3.163  10.341  1.00 38.22  ? 28   ILE B CG2 1 
ATOM   912  C CD1 . ILE B 1 28 ? -8.550  -4.024  9.454   1.00 37.41  ? 28   ILE B CD1 1 
ATOM   913  N N   . GLU B 1 29 ? -11.678 -0.770  12.783  1.00 46.28  ? 29   GLU B N   1 
ATOM   914  C CA  . GLU B 1 29 ? -12.891 -0.648  13.574  1.00 47.49  ? 29   GLU B CA  1 
ATOM   915  C C   . GLU B 1 29 ? -13.500 0.748   13.623  1.00 48.10  ? 29   GLU B C   1 
ATOM   916  O O   . GLU B 1 29 ? -14.565 0.937   14.192  1.00 51.28  ? 29   GLU B O   1 
ATOM   917  C CB  . GLU B 1 29 ? -12.674 -1.210  14.985  1.00 47.93  ? 29   GLU B CB  1 
ATOM   918  C CG  . GLU B 1 29 ? -11.828 -0.392  15.929  1.00 51.69  ? 29   GLU B CG  1 
ATOM   919  C CD  . GLU B 1 29 ? -11.551 -1.134  17.246  1.00 55.16  ? 29   GLU B CD  1 
ATOM   920  O OE1 . GLU B 1 29 ? -11.043 -0.496  18.201  1.00 56.68  ? 29   GLU B OE1 1 
ATOM   921  O OE2 . GLU B 1 29 ? -11.830 -2.357  17.324  1.00 54.81  ? 29   GLU B OE2 1 
ATOM   922  N N   . SER B 1 30 ? -12.848 1.732   13.023  1.00 46.83  ? 30   SER B N   1 
ATOM   923  C CA  . SER B 1 30 ? -13.424 3.066   13.008  1.00 47.10  ? 30   SER B CA  1 
ATOM   924  C C   . SER B 1 30 ? -14.018 3.267   11.624  1.00 48.51  ? 30   SER B C   1 
ATOM   925  O O   . SER B 1 30 ? -14.285 4.391   11.196  1.00 49.96  ? 30   SER B O   1 
ATOM   926  C CB  . SER B 1 30 ? -12.371 4.122   13.283  1.00 46.86  ? 30   SER B CB  1 
ATOM   927  O OG  . SER B 1 30 ? -11.351 4.038   12.319  1.00 51.64  ? 30   SER B OG  1 
ATOM   928  N N   . VAL B 1 31 ? -14.199 2.153   10.921  1.00 48.58  ? 31   VAL B N   1 
ATOM   929  C CA  . VAL B 1 31 ? -14.791 2.141   9.589   1.00 46.81  ? 31   VAL B CA  1 
ATOM   930  C C   . VAL B 1 31 ? -16.034 1.240   9.720   1.00 46.90  ? 31   VAL B C   1 
ATOM   931  O O   . VAL B 1 31 ? -15.924 0.057   10.055  1.00 45.28  ? 31   VAL B O   1 
ATOM   932  C CB  . VAL B 1 31 ? -13.796 1.553   8.537   1.00 46.17  ? 31   VAL B CB  1 
ATOM   933  C CG1 . VAL B 1 31 ? -14.485 1.351   7.185   1.00 45.52  ? 31   VAL B CG1 1 
ATOM   934  C CG2 . VAL B 1 31 ? -12.630 2.480   8.374   1.00 44.26  ? 31   VAL B CG2 1 
ATOM   935  N N   . PRO B 1 32 ? -17.232 1.802   9.483   1.00 46.84  ? 32   PRO B N   1 
ATOM   936  C CA  . PRO B 1 32 ? -18.496 1.059   9.577   1.00 47.20  ? 32   PRO B CA  1 
ATOM   937  C C   . PRO B 1 32 ? -18.503 -0.236  8.771   1.00 49.09  ? 32   PRO B C   1 
ATOM   938  O O   . PRO B 1 32 ? -18.235 -0.227  7.576   1.00 51.27  ? 32   PRO B O   1 
ATOM   939  C CB  . PRO B 1 32 ? -19.528 2.074   9.094   1.00 45.38  ? 32   PRO B CB  1 
ATOM   940  C CG  . PRO B 1 32 ? -18.729 3.016   8.245   1.00 45.04  ? 32   PRO B CG  1 
ATOM   941  C CD  . PRO B 1 32 ? -17.467 3.175   9.012   1.00 45.42  ? 32   PRO B CD  1 
ATOM   942  N N   . ARG B 1 33 ? -18.820 -1.343  9.435   1.00 50.40  ? 33   ARG B N   1 
ATOM   943  C CA  . ARG B 1 33 ? -18.826 -2.666  8.809   1.00 52.02  ? 33   ARG B CA  1 
ATOM   944  C C   . ARG B 1 33 ? -19.322 -2.702  7.375   1.00 52.17  ? 33   ARG B C   1 
ATOM   945  O O   . ARG B 1 33 ? -18.750 -3.393  6.531   1.00 51.99  ? 33   ARG B O   1 
ATOM   946  C CB  . ARG B 1 33 ? -19.665 -3.641  9.632   1.00 54.49  ? 33   ARG B CB  1 
ATOM   947  C CG  . ARG B 1 33 ? -19.595 -3.403  11.114  1.00 58.31  ? 33   ARG B CG  1 
ATOM   948  C CD  . ARG B 1 33 ? -19.179 -4.653  11.844  1.00 62.88  ? 33   ARG B CD  1 
ATOM   949  N NE  . ARG B 1 33 ? -19.231 -4.446  13.287  1.00 67.23  ? 33   ARG B NE  1 
ATOM   950  C CZ  . ARG B 1 33 ? -18.709 -5.280  14.180  1.00 70.63  ? 33   ARG B CZ  1 
ATOM   951  N NH1 . ARG B 1 33 ? -18.812 -5.003  15.473  1.00 72.25  ? 33   ARG B NH1 1 
ATOM   952  N NH2 . ARG B 1 33 ? -18.081 -6.385  13.782  1.00 71.17  ? 33   ARG B NH2 1 
ATOM   953  N N   . SER B 1 34 ? -20.396 -1.972  7.101   1.00 53.10  ? 34   SER B N   1 
ATOM   954  C CA  . SER B 1 34 ? -20.965 -1.948  5.758   1.00 52.90  ? 34   SER B CA  1 
ATOM   955  C C   . SER B 1 34 ? -19.932 -1.568  4.705   1.00 52.71  ? 34   SER B C   1 
ATOM   956  O O   . SER B 1 34 ? -19.896 -2.147  3.616   1.00 54.36  ? 34   SER B O   1 
ATOM   957  C CB  . SER B 1 34 ? -22.134 -0.970  5.705   1.00 51.97  ? 34   SER B CB  1 
ATOM   958  O OG  . SER B 1 34 ? -21.779 0.251   6.319   1.00 55.78  ? 34   SER B OG  1 
ATOM   959  N N   . GLU B 1 35 ? -19.080 -0.609  5.051   1.00 51.15  ? 35   GLU B N   1 
ATOM   960  C CA  . GLU B 1 35 ? -18.063 -0.115  4.138   1.00 49.51  ? 35   GLU B CA  1 
ATOM   961  C C   . GLU B 1 35 ? -16.747 -0.891  4.156   1.00 48.01  ? 35   GLU B C   1 
ATOM   962  O O   . GLU B 1 35 ? -15.848 -0.576  3.387   1.00 48.69  ? 35   GLU B O   1 
ATOM   963  C CB  . GLU B 1 35 ? -17.787 1.353   4.457   1.00 51.71  ? 35   GLU B CB  1 
ATOM   964  C CG  . GLU B 1 35 ? -18.999 2.275   4.366   1.00 55.88  ? 35   GLU B CG  1 
ATOM   965  C CD  . GLU B 1 35 ? -18.737 3.652   4.989   1.00 61.05  ? 35   GLU B CD  1 
ATOM   966  O OE1 . GLU B 1 35 ? -17.595 4.162   4.859   1.00 61.20  ? 35   GLU B OE1 1 
ATOM   967  O OE2 . GLU B 1 35 ? -19.675 4.231   5.599   1.00 63.40  ? 35   GLU B OE2 1 
ATOM   968  N N   . ARG B 1 36 ? -16.639 -1.912  5.000   1.00 46.16  ? 36   ARG B N   1 
ATOM   969  C CA  . ARG B 1 36 ? -15.394 -2.676  5.120   1.00 45.29  ? 36   ARG B CA  1 
ATOM   970  C C   . ARG B 1 36 ? -14.990 -3.638  4.023   1.00 45.68  ? 36   ARG B C   1 
ATOM   971  O O   . ARG B 1 36 ? -13.803 -3.822  3.781   1.00 47.47  ? 36   ARG B O   1 
ATOM   972  C CB  . ARG B 1 36 ? -15.365 -3.443  6.444   1.00 43.60  ? 36   ARG B CB  1 
ATOM   973  C CG  . ARG B 1 36 ? -15.281 -2.555  7.657   1.00 42.49  ? 36   ARG B CG  1 
ATOM   974  C CD  . ARG B 1 36 ? -15.184 -3.361  8.920   1.00 42.33  ? 36   ARG B CD  1 
ATOM   975  N NE  . ARG B 1 36 ? -15.418 -2.504  10.077  1.00 45.07  ? 36   ARG B NE  1 
ATOM   976  C CZ  . ARG B 1 36 ? -15.504 -2.939  11.329  1.00 45.00  ? 36   ARG B CZ  1 
ATOM   977  N NH1 . ARG B 1 36 ? -15.729 -2.071  12.316  1.00 42.16  ? 36   ARG B NH1 1 
ATOM   978  N NH2 . ARG B 1 36 ? -15.356 -4.234  11.584  1.00 44.48  ? 36   ARG B NH2 1 
ATOM   979  N N   . GLY B 1 37 ? -15.956 -4.279  3.382   1.00 46.82  ? 37   GLY B N   1 
ATOM   980  C CA  . GLY B 1 37 ? -15.626 -5.224  2.332   1.00 45.22  ? 37   GLY B CA  1 
ATOM   981  C C   . GLY B 1 37 ? -14.899 -4.521  1.211   1.00 47.30  ? 37   GLY B C   1 
ATOM   982  O O   . GLY B 1 37 ? -13.966 -5.067  0.618   1.00 47.32  ? 37   GLY B O   1 
ATOM   983  N N   . GLU B 1 38 ? -15.320 -3.293  0.924   1.00 47.96  ? 38   GLU B N   1 
ATOM   984  C CA  . GLU B 1 38 ? -14.699 -2.520  -0.136  1.00 49.76  ? 38   GLU B CA  1 
ATOM   985  C C   . GLU B 1 38 ? -13.349 -1.977  0.342   1.00 49.51  ? 38   GLU B C   1 
ATOM   986  O O   . GLU B 1 38 ? -12.408 -1.827  -0.435  1.00 50.34  ? 38   GLU B O   1 
ATOM   987  C CB  . GLU B 1 38 ? -15.635 -1.390  -0.565  1.00 52.20  ? 38   GLU B CB  1 
ATOM   988  C CG  . GLU B 1 38 ? -15.540 -1.082  -2.043  1.00 60.12  ? 38   GLU B CG  1 
ATOM   989  C CD  . GLU B 1 38 ? -15.226 -2.336  -2.866  1.00 65.91  ? 38   GLU B CD  1 
ATOM   990  O OE1 . GLU B 1 38 ? -16.033 -3.304  -2.819  1.00 65.68  ? 38   GLU B OE1 1 
ATOM   991  O OE2 . GLU B 1 38 ? -14.164 -2.352  -3.549  1.00 67.81  ? 38   GLU B OE2 1 
ATOM   992  N N   . LEU B 1 39 ? -13.264 -1.704  1.638   1.00 48.11  ? 39   LEU B N   1 
ATOM   993  C CA  . LEU B 1 39 ? -12.049 -1.204  2.262   1.00 46.38  ? 39   LEU B CA  1 
ATOM   994  C C   . LEU B 1 39 ? -10.979 -2.294  2.182   1.00 46.84  ? 39   LEU B C   1 
ATOM   995  O O   . LEU B 1 39 ? -9.839  -2.035  1.800   1.00 47.37  ? 39   LEU B O   1 
ATOM   996  C CB  . LEU B 1 39 ? -12.324 -0.889  3.727   1.00 44.96  ? 39   LEU B CB  1 
ATOM   997  C CG  . LEU B 1 39 ? -11.480 0.114   4.506   1.00 45.15  ? 39   LEU B CG  1 
ATOM   998  C CD1 . LEU B 1 39 ? -11.311 -0.435  5.911   1.00 45.36  ? 39   LEU B CD1 1 
ATOM   999  C CD2 . LEU B 1 39 ? -10.138 0.352   3.854   1.00 44.17  ? 39   LEU B CD2 1 
ATOM   1000 N N   . PHE B 1 40 ? -11.355 -3.515  2.551   1.00 45.17  ? 40   PHE B N   1 
ATOM   1001 C CA  . PHE B 1 40 ? -10.432 -4.637  2.533   1.00 42.83  ? 40   PHE B CA  1 
ATOM   1002 C C   . PHE B 1 40 ? -9.918  -4.887  1.124   1.00 43.12  ? 40   PHE B C   1 
ATOM   1003 O O   . PHE B 1 40 ? -8.715  -5.029  0.907   1.00 42.94  ? 40   PHE B O   1 
ATOM   1004 C CB  . PHE B 1 40 ? -11.114 -5.892  3.083   1.00 40.34  ? 40   PHE B CB  1 
ATOM   1005 C CG  . PHE B 1 40 ? -11.452 -5.811  4.547   1.00 38.25  ? 40   PHE B CG  1 
ATOM   1006 C CD1 . PHE B 1 40 ? -11.100 -4.693  5.303   1.00 38.00  ? 40   PHE B CD1 1 
ATOM   1007 C CD2 . PHE B 1 40 ? -12.115 -6.858  5.177   1.00 36.83  ? 40   PHE B CD2 1 
ATOM   1008 C CE1 . PHE B 1 40 ? -11.404 -4.615  6.670   1.00 37.38  ? 40   PHE B CE1 1 
ATOM   1009 C CE2 . PHE B 1 40 ? -12.424 -6.793  6.541   1.00 37.74  ? 40   PHE B CE2 1 
ATOM   1010 C CZ  . PHE B 1 40 ? -12.066 -5.664  7.290   1.00 37.27  ? 40   PHE B CZ  1 
ATOM   1011 N N   . ARG B 1 41 ? -10.825 -4.928  0.159   1.00 43.04  ? 41   ARG B N   1 
ATOM   1012 C CA  . ARG B 1 41 ? -10.408 -5.150  -1.216  1.00 43.78  ? 41   ARG B CA  1 
ATOM   1013 C C   . ARG B 1 41 ? -9.338  -4.136  -1.619  1.00 44.47  ? 41   ARG B C   1 
ATOM   1014 O O   . ARG B 1 41 ? -8.245  -4.522  -2.019  1.00 45.01  ? 41   ARG B O   1 
ATOM   1015 C CB  . ARG B 1 41 ? -11.600 -5.048  -2.160  1.00 43.14  ? 41   ARG B CB  1 
ATOM   1016 C CG  . ARG B 1 41 ? -11.213 -5.122  -3.613  1.00 43.45  ? 41   ARG B CG  1 
ATOM   1017 C CD  . ARG B 1 41 ? -12.424 -5.193  -4.519  1.00 42.87  ? 41   ARG B CD  1 
ATOM   1018 N NE  . ARG B 1 41 ? -12.056 -4.956  -5.913  1.00 41.01  ? 41   ARG B NE  1 
ATOM   1019 C CZ  . ARG B 1 41 ? -11.844 -3.748  -6.426  1.00 40.59  ? 41   ARG B CZ  1 
ATOM   1020 N NH1 . ARG B 1 41 ? -11.972 -2.674  -5.653  1.00 39.19  ? 41   ARG B NH1 1 
ATOM   1021 N NH2 . ARG B 1 41 ? -11.507 -3.616  -7.705  1.00 40.00  ? 41   ARG B NH2 1 
ATOM   1022 N N   . ASN B 1 42 ? -9.646  -2.847  -1.504  1.00 43.74  ? 42   ASN B N   1 
ATOM   1023 C CA  . ASN B 1 42 ? -8.692  -1.799  -1.864  1.00 44.78  ? 42   ASN B CA  1 
ATOM   1024 C C   . ASN B 1 42 ? -7.361  -1.876  -1.105  1.00 44.61  ? 42   ASN B C   1 
ATOM   1025 O O   . ASN B 1 42 ? -6.294  -1.644  -1.680  1.00 44.57  ? 42   ASN B O   1 
ATOM   1026 C CB  . ASN B 1 42 ? -9.305  -0.414  -1.630  1.00 45.57  ? 42   ASN B CB  1 
ATOM   1027 C CG  . ASN B 1 42 ? -10.386 -0.072  -2.630  1.00 46.29  ? 42   ASN B CG  1 
ATOM   1028 O OD1 . ASN B 1 42 ? -11.504 0.260   -2.248  1.00 48.32  ? 42   ASN B OD1 1 
ATOM   1029 N ND2 . ASN B 1 42 ? -10.057 -0.141  -3.916  1.00 46.43  ? 42   ASN B ND2 1 
ATOM   1030 N N   . ALA B 1 43 ? -7.426  -2.195  0.185   1.00 43.34  ? 43   ALA B N   1 
ATOM   1031 C CA  . ALA B 1 43 ? -6.226  -2.270  1.003   1.00 41.83  ? 43   ALA B CA  1 
ATOM   1032 C C   . ALA B 1 43 ? -5.355  -3.410  0.538   1.00 42.24  ? 43   ALA B C   1 
ATOM   1033 O O   . ALA B 1 43 ? -4.135  -3.295  0.499   1.00 42.76  ? 43   ALA B O   1 
ATOM   1034 C CB  . ALA B 1 43 ? -6.596  -2.463  2.463   1.00 40.59  ? 43   ALA B CB  1 
ATOM   1035 N N   . PHE B 1 44 ? -6.002  -4.512  0.179   1.00 42.59  ? 44   PHE B N   1 
ATOM   1036 C CA  . PHE B 1 44 ? -5.309  -5.705  -0.274  1.00 41.72  ? 44   PHE B CA  1 
ATOM   1037 C C   . PHE B 1 44 ? -4.692  -5.490  -1.657  1.00 42.15  ? 44   PHE B C   1 
ATOM   1038 O O   . PHE B 1 44 ? -3.543  -5.869  -1.886  1.00 43.19  ? 44   PHE B O   1 
ATOM   1039 C CB  . PHE B 1 44 ? -6.288  -6.882  -0.298  1.00 40.89  ? 44   PHE B CB  1 
ATOM   1040 C CG  . PHE B 1 44 ? -5.639  -8.200  -0.558  1.00 41.63  ? 44   PHE B CG  1 
ATOM   1041 C CD1 . PHE B 1 44 ? -4.783  -8.765  0.382   1.00 44.20  ? 44   PHE B CD1 1 
ATOM   1042 C CD2 . PHE B 1 44 ? -5.863  -8.873  -1.747  1.00 41.66  ? 44   PHE B CD2 1 
ATOM   1043 C CE1 . PHE B 1 44 ? -4.156  -9.984  0.145   1.00 43.57  ? 44   PHE B CE1 1 
ATOM   1044 C CE2 . PHE B 1 44 ? -5.247  -10.088 -2.002  1.00 43.28  ? 44   PHE B CE2 1 
ATOM   1045 C CZ  . PHE B 1 44 ? -4.388  -10.648 -1.053  1.00 44.55  ? 44   PHE B CZ  1 
ATOM   1046 N N   . ILE B 1 45 ? -5.449  -4.883  -2.569  1.00 40.67  ? 45   ILE B N   1 
ATOM   1047 C CA  . ILE B 1 45 ? -4.956  -4.627  -3.920  1.00 39.81  ? 45   ILE B CA  1 
ATOM   1048 C C   . ILE B 1 45 ? -3.741  -3.709  -3.869  1.00 40.10  ? 45   ILE B C   1 
ATOM   1049 O O   . ILE B 1 45 ? -2.694  -4.027  -4.423  1.00 39.91  ? 45   ILE B O   1 
ATOM   1050 C CB  . ILE B 1 45 ? -6.005  -3.922  -4.821  1.00 40.42  ? 45   ILE B CB  1 
ATOM   1051 C CG1 . ILE B 1 45 ? -7.292  -4.752  -4.945  1.00 41.01  ? 45   ILE B CG1 1 
ATOM   1052 C CG2 . ILE B 1 45 ? -5.399  -3.660  -6.187  1.00 36.66  ? 45   ILE B CG2 1 
ATOM   1053 C CD1 . ILE B 1 45 ? -7.197  -5.913  -5.858  1.00 43.22  ? 45   ILE B CD1 1 
ATOM   1054 N N   . SER B 1 46 ? -3.880  -2.556  -3.218  1.00 40.33  ? 46   SER B N   1 
ATOM   1055 C CA  . SER B 1 46 ? -2.761  -1.618  -3.150  1.00 39.62  ? 46   SER B CA  1 
ATOM   1056 C C   . SER B 1 46 ? -1.593  -2.243  -2.404  1.00 38.11  ? 46   SER B C   1 
ATOM   1057 O O   . SER B 1 46 ? -0.438  -1.988  -2.719  1.00 37.13  ? 46   SER B O   1 
ATOM   1058 C CB  . SER B 1 46 ? -3.196  -0.294  -2.506  1.00 38.30  ? 46   SER B CB  1 
ATOM   1059 O OG  . SER B 1 46 ? -3.858  -0.512  -1.284  1.00 40.13  ? 46   SER B OG  1 
ATOM   1060 N N   . GLY B 1 47 ? -1.899  -3.077  -1.421  1.00 39.68  ? 47   GLY B N   1 
ATOM   1061 C CA  . GLY B 1 47 ? -0.848  -3.752  -0.685  1.00 40.46  ? 47   GLY B CA  1 
ATOM   1062 C C   . GLY B 1 47 ? -0.059  -4.598  -1.668  1.00 41.84  ? 47   GLY B C   1 
ATOM   1063 O O   . GLY B 1 47 ? 1.161   -4.485  -1.746  1.00 43.97  ? 47   GLY B O   1 
ATOM   1064 N N   . MET B 1 48 ? -0.760  -5.435  -2.431  1.00 40.94  ? 48   MET B N   1 
ATOM   1065 C CA  . MET B 1 48 ? -0.132  -6.291  -3.433  1.00 40.38  ? 48   MET B CA  1 
ATOM   1066 C C   . MET B 1 48 ? 0.493   -5.484  -4.570  1.00 40.88  ? 48   MET B C   1 
ATOM   1067 O O   . MET B 1 48 ? 1.358   -5.973  -5.285  1.00 41.93  ? 48   MET B O   1 
ATOM   1068 C CB  . MET B 1 48 ? -1.159  -7.259  -4.023  1.00 40.01  ? 48   MET B CB  1 
ATOM   1069 C CG  . MET B 1 48 ? -1.566  -8.389  -3.101  1.00 40.39  ? 48   MET B CG  1 
ATOM   1070 S SD  . MET B 1 48 ? -0.147  -9.425  -2.671  1.00 43.24  ? 48   MET B SD  1 
ATOM   1071 C CE  . MET B 1 48 ? 0.442   -9.950  -4.306  1.00 37.11  ? 48   MET B CE  1 
ATOM   1072 N N   . ALA B 1 49 ? 0.039   -4.256  -4.766  1.00 41.77  ? 49   ALA B N   1 
ATOM   1073 C CA  . ALA B 1 49 ? 0.608   -3.448  -5.829  1.00 42.38  ? 49   ALA B CA  1 
ATOM   1074 C C   . ALA B 1 49 ? 2.007   -3.094  -5.360  1.00 42.09  ? 49   ALA B C   1 
ATOM   1075 O O   . ALA B 1 49 ? 2.976   -3.232  -6.104  1.00 43.03  ? 49   ALA B O   1 
ATOM   1076 C CB  . ALA B 1 49 ? -0.224  -2.193  -6.054  1.00 41.52  ? 49   ALA B CB  1 
ATOM   1077 N N   . LEU B 1 50 ? 2.107   -2.647  -4.112  1.00 41.27  ? 50   LEU B N   1 
ATOM   1078 C CA  . LEU B 1 50 ? 3.390   -2.299  -3.534  1.00 39.71  ? 50   LEU B CA  1 
ATOM   1079 C C   . LEU B 1 50 ? 4.323   -3.503  -3.678  1.00 39.75  ? 50   LEU B C   1 
ATOM   1080 O O   . LEU B 1 50 ? 5.465   -3.359  -4.099  1.00 39.72  ? 50   LEU B O   1 
ATOM   1081 C CB  . LEU B 1 50 ? 3.209   -1.897  -2.065  1.00 37.49  ? 50   LEU B CB  1 
ATOM   1082 C CG  . LEU B 1 50 ? 3.188   -0.404  -1.671  1.00 36.38  ? 50   LEU B CG  1 
ATOM   1083 C CD1 . LEU B 1 50 ? 3.077   0.502   -2.870  1.00 35.37  ? 50   LEU B CD1 1 
ATOM   1084 C CD2 . LEU B 1 50 ? 2.037   -0.153  -0.732  1.00 35.11  ? 50   LEU B CD2 1 
ATOM   1085 N N   . HIS B 1 51 ? 3.824   -4.691  -3.363  1.00 40.94  ? 51   HIS B N   1 
ATOM   1086 C CA  . HIS B 1 51 ? 4.615   -5.915  -3.477  1.00 43.20  ? 51   HIS B CA  1 
ATOM   1087 C C   . HIS B 1 51 ? 5.177   -6.106  -4.876  1.00 44.24  ? 51   HIS B C   1 
ATOM   1088 O O   . HIS B 1 51 ? 6.295   -6.586  -5.035  1.00 45.60  ? 51   HIS B O   1 
ATOM   1089 C CB  . HIS B 1 51 ? 3.771   -7.144  -3.139  1.00 45.53  ? 51   HIS B CB  1 
ATOM   1090 C CG  . HIS B 1 51 ? 4.457   -8.446  -3.435  1.00 48.87  ? 51   HIS B CG  1 
ATOM   1091 N ND1 . HIS B 1 51 ? 5.211   -9.125  -2.500  1.00 49.37  ? 51   HIS B ND1 1 
ATOM   1092 C CD2 . HIS B 1 51 ? 4.536   -9.170  -4.579  1.00 48.32  ? 51   HIS B CD2 1 
ATOM   1093 C CE1 . HIS B 1 51 ? 5.725   -10.207 -3.055  1.00 47.65  ? 51   HIS B CE1 1 
ATOM   1094 N NE2 . HIS B 1 51 ? 5.332   -10.257 -4.315  1.00 46.93  ? 51   HIS B NE2 1 
ATOM   1095 N N   . GLN B 1 52 ? 4.388   -5.771  -5.890  1.00 45.26  ? 52   GLN B N   1 
ATOM   1096 C CA  . GLN B 1 52 ? 4.830   -5.921  -7.274  1.00 45.50  ? 52   GLN B CA  1 
ATOM   1097 C C   . GLN B 1 52 ? 5.933   -4.929  -7.588  1.00 44.05  ? 52   GLN B C   1 
ATOM   1098 O O   . GLN B 1 52 ? 6.762   -5.169  -8.462  1.00 44.96  ? 52   GLN B O   1 
ATOM   1099 C CB  . GLN B 1 52 ? 3.667   -5.710  -8.242  1.00 47.34  ? 52   GLN B CB  1 
ATOM   1100 C CG  . GLN B 1 52 ? 2.610   -6.799  -8.205  1.00 50.77  ? 52   GLN B CG  1 
ATOM   1101 C CD  . GLN B 1 52 ? 1.354   -6.401  -8.976  1.00 54.92  ? 52   GLN B CD  1 
ATOM   1102 O OE1 . GLN B 1 52 ? 1.424   -6.020  -10.155 1.00 55.38  ? 52   GLN B OE1 1 
ATOM   1103 N NE2 . GLN B 1 52 ? 0.199   -6.485  -8.313  1.00 53.94  ? 52   GLN B NE2 1 
ATOM   1104 N N   . LEU B 1 53 ? 5.935   -3.809  -6.880  1.00 42.21  ? 53   LEU B N   1 
ATOM   1105 C CA  . LEU B 1 53 ? 6.958   -2.797  -7.085  1.00 41.40  ? 53   LEU B CA  1 
ATOM   1106 C C   . LEU B 1 53 ? 8.279   -3.361  -6.574  1.00 41.25  ? 53   LEU B C   1 
ATOM   1107 O O   . LEU B 1 53 ? 9.320   -3.196  -7.196  1.00 42.05  ? 53   LEU B O   1 
ATOM   1108 C CB  . LEU B 1 53 ? 6.589   -1.527  -6.323  1.00 41.08  ? 53   LEU B CB  1 
ATOM   1109 C CG  . LEU B 1 53 ? 6.404   -0.265  -7.165  1.00 40.83  ? 53   LEU B CG  1 
ATOM   1110 C CD1 . LEU B 1 53 ? 5.556   -0.551  -8.385  1.00 38.45  ? 53   LEU B CD1 1 
ATOM   1111 C CD2 . LEU B 1 53 ? 5.766   0.798   -6.303  1.00 40.46  ? 53   LEU B CD2 1 
ATOM   1112 N N   . ASP B 1 54 ? 8.214   -4.026  -5.428  1.00 41.06  ? 54   ASP B N   1 
ATOM   1113 C CA  . ASP B 1 54 ? 9.359   -4.664  -4.791  1.00 38.83  ? 54   ASP B CA  1 
ATOM   1114 C C   . ASP B 1 54 ? 8.817   -5.398  -3.574  1.00 37.92  ? 54   ASP B C   1 
ATOM   1115 O O   . ASP B 1 54 ? 8.287   -4.785  -2.651  1.00 36.90  ? 54   ASP B O   1 
ATOM   1116 C CB  . ASP B 1 54 ? 10.388  -3.635  -4.361  1.00 41.62  ? 54   ASP B CB  1 
ATOM   1117 C CG  . ASP B 1 54 ? 11.578  -4.264  -3.668  1.00 45.60  ? 54   ASP B CG  1 
ATOM   1118 O OD1 . ASP B 1 54 ? 12.719  -3.946  -4.065  1.00 47.34  ? 54   ASP B OD1 1 
ATOM   1119 O OD2 . ASP B 1 54 ? 11.381  -5.068  -2.724  1.00 46.46  ? 54   ASP B OD2 1 
ATOM   1120 N N   . PRO B 1 55 ? 8.958   -6.727  -3.555  1.00 38.22  ? 55   PRO B N   1 
ATOM   1121 C CA  . PRO B 1 55 ? 8.485   -7.600  -2.475  1.00 38.17  ? 55   PRO B CA  1 
ATOM   1122 C C   . PRO B 1 55 ? 8.820   -7.188  -1.042  1.00 38.70  ? 55   PRO B C   1 
ATOM   1123 O O   . PRO B 1 55 ? 8.110   -7.582  -0.117  1.00 40.67  ? 55   PRO B O   1 
ATOM   1124 C CB  . PRO B 1 55 ? 9.068   -8.960  -2.851  1.00 36.56  ? 55   PRO B CB  1 
ATOM   1125 C CG  . PRO B 1 55 ? 10.329  -8.586  -3.557  1.00 36.07  ? 55   PRO B CG  1 
ATOM   1126 C CD  . PRO B 1 55 ? 9.891   -7.452  -4.433  1.00 36.67  ? 55   PRO B CD  1 
ATOM   1127 N N   . ARG B 1 56 ? 9.876   -6.403  -0.847  1.00 36.79  ? 56   ARG B N   1 
ATOM   1128 C CA  . ARG B 1 56 ? 10.228  -5.978  0.502   1.00 36.88  ? 56   ARG B CA  1 
ATOM   1129 C C   . ARG B 1 56 ? 9.319   -4.865  1.020   1.00 37.46  ? 56   ARG B C   1 
ATOM   1130 O O   . ARG B 1 56 ? 9.136   -4.716  2.234   1.00 37.64  ? 56   ARG B O   1 
ATOM   1131 C CB  . ARG B 1 56 ? 11.666  -5.453  0.568   1.00 38.33  ? 56   ARG B CB  1 
ATOM   1132 C CG  . ARG B 1 56 ? 12.729  -6.383  0.092   1.00 36.45  ? 56   ARG B CG  1 
ATOM   1133 C CD  . ARG B 1 56 ? 13.447  -5.742  -1.066  1.00 34.66  ? 56   ARG B CD  1 
ATOM   1134 N NE  . ARG B 1 56 ? 14.630  -5.011  -0.651  1.00 32.62  ? 56   ARG B NE  1 
ATOM   1135 C CZ  . ARG B 1 56 ? 15.292  -4.179  -1.441  1.00 32.17  ? 56   ARG B CZ  1 
ATOM   1136 N NH1 . ARG B 1 56 ? 14.883  -3.974  -2.679  1.00 29.95  ? 56   ARG B NH1 1 
ATOM   1137 N NH2 . ARG B 1 56 ? 16.362  -3.547  -0.989  1.00 35.31  ? 56   ARG B NH2 1 
ATOM   1138 N N   . LEU B 1 57 ? 8.773   -4.072  0.101   1.00 37.59  ? 57   LEU B N   1 
ATOM   1139 C CA  . LEU B 1 57 ? 7.926   -2.945  0.477   1.00 36.97  ? 57   LEU B CA  1 
ATOM   1140 C C   . LEU B 1 57 ? 6.789   -3.257  1.432   1.00 37.37  ? 57   LEU B C   1 
ATOM   1141 O O   . LEU B 1 57 ? 6.690   -2.650  2.500   1.00 37.76  ? 57   LEU B O   1 
ATOM   1142 C CB  . LEU B 1 57 ? 7.356   -2.268  -0.760  1.00 36.14  ? 57   LEU B CB  1 
ATOM   1143 C CG  . LEU B 1 57 ? 8.159   -1.114  -1.338  1.00 33.78  ? 57   LEU B CG  1 
ATOM   1144 C CD1 . LEU B 1 57 ? 7.450   -0.626  -2.570  1.00 34.69  ? 57   LEU B CD1 1 
ATOM   1145 C CD2 . LEU B 1 57 ? 8.285   0.000   -0.331  1.00 30.98  ? 57   LEU B CD2 1 
ATOM   1146 N N   . PRO B 1 58 ? 5.904   -4.196  1.069   1.00 36.29  ? 58   PRO B N   1 
ATOM   1147 C CA  . PRO B 1 58 ? 4.835   -4.443  2.036   1.00 36.30  ? 58   PRO B CA  1 
ATOM   1148 C C   . PRO B 1 58 ? 5.319   -4.873  3.417   1.00 36.06  ? 58   PRO B C   1 
ATOM   1149 O O   . PRO B 1 58 ? 4.722   -4.492  4.424   1.00 38.52  ? 58   PRO B O   1 
ATOM   1150 C CB  . PRO B 1 58 ? 3.935   -5.470  1.332   1.00 34.77  ? 58   PRO B CB  1 
ATOM   1151 C CG  . PRO B 1 58 ? 4.778   -6.022  0.247   1.00 37.66  ? 58   PRO B CG  1 
ATOM   1152 C CD  . PRO B 1 58 ? 5.653   -4.894  -0.198  1.00 36.13  ? 58   PRO B CD  1 
ATOM   1153 N N   . VAL B 1 59 ? 6.405   -5.631  3.499   1.00 35.56  ? 59   VAL B N   1 
ATOM   1154 C CA  . VAL B 1 59 ? 6.878   -6.020  4.829   1.00 34.55  ? 59   VAL B CA  1 
ATOM   1155 C C   . VAL B 1 59 ? 7.567   -4.828  5.509   1.00 35.02  ? 59   VAL B C   1 
ATOM   1156 O O   . VAL B 1 59 ? 7.517   -4.687  6.732   1.00 34.91  ? 59   VAL B O   1 
ATOM   1157 C CB  . VAL B 1 59 ? 7.803   -7.303  4.778   1.00 32.52  ? 59   VAL B CB  1 
ATOM   1158 C CG1 . VAL B 1 59 ? 8.131   -7.666  3.346   1.00 31.04  ? 59   VAL B CG1 1 
ATOM   1159 C CG2 . VAL B 1 59 ? 9.051   -7.102  5.594   1.00 28.85  ? 59   VAL B CG2 1 
ATOM   1160 N N   . LEU B 1 60 ? 8.173   -3.952  4.712   1.00 35.38  ? 60   LEU B N   1 
ATOM   1161 C CA  . LEU B 1 60 ? 8.838   -2.758  5.237   1.00 36.39  ? 60   LEU B CA  1 
ATOM   1162 C C   . LEU B 1 60 ? 7.827   -1.784  5.848   1.00 37.46  ? 60   LEU B C   1 
ATOM   1163 O O   . LEU B 1 60 ? 8.044   -1.247  6.945   1.00 36.61  ? 60   LEU B O   1 
ATOM   1164 C CB  . LEU B 1 60 ? 9.597   -2.047  4.120   1.00 36.87  ? 60   LEU B CB  1 
ATOM   1165 C CG  . LEU B 1 60 ? 11.118  -1.926  4.185   1.00 36.54  ? 60   LEU B CG  1 
ATOM   1166 C CD1 . LEU B 1 60 ? 11.671  -2.659  5.387   1.00 35.49  ? 60   LEU B CD1 1 
ATOM   1167 C CD2 . LEU B 1 60 ? 11.691  -2.496  2.897   1.00 36.79  ? 60   LEU B CD2 1 
ATOM   1168 N N   . LEU B 1 61 ? 6.731   -1.537  5.131   1.00 37.08  ? 61   LEU B N   1 
ATOM   1169 C CA  . LEU B 1 61 ? 5.710   -0.634  5.633   1.00 36.62  ? 61   LEU B CA  1 
ATOM   1170 C C   . LEU B 1 61 ? 5.101   -1.236  6.880   1.00 36.89  ? 61   LEU B C   1 
ATOM   1171 O O   . LEU B 1 61 ? 4.813   -0.520  7.848   1.00 37.45  ? 61   LEU B O   1 
ATOM   1172 C CB  . LEU B 1 61 ? 4.622   -0.376  4.587   1.00 36.63  ? 61   LEU B CB  1 
ATOM   1173 C CG  . LEU B 1 61 ? 5.041   0.481   3.386   1.00 38.00  ? 61   LEU B CG  1 
ATOM   1174 C CD1 . LEU B 1 61 ? 3.838   0.772   2.520   1.00 37.88  ? 61   LEU B CD1 1 
ATOM   1175 C CD2 . LEU B 1 61 ? 5.638   1.778   3.859   1.00 38.91  ? 61   LEU B CD2 1 
ATOM   1176 N N   . THR B 1 62 ? 4.904   -2.551  6.877   1.00 35.48  ? 62   THR B N   1 
ATOM   1177 C CA  . THR B 1 62 ? 4.328   -3.176  8.054   1.00 36.21  ? 62   THR B CA  1 
ATOM   1178 C C   . THR B 1 62 ? 5.270   -2.963  9.220   1.00 36.13  ? 62   THR B C   1 
ATOM   1179 O O   . THR B 1 62 ? 4.874   -2.455  10.256  1.00 37.90  ? 62   THR B O   1 
ATOM   1180 C CB  . THR B 1 62 ? 4.110   -4.682  7.882   1.00 36.15  ? 62   THR B CB  1 
ATOM   1181 O OG1 . THR B 1 62 ? 3.131   -4.909  6.872   1.00 37.47  ? 62   THR B OG1 1 
ATOM   1182 C CG2 . THR B 1 62 ? 3.622   -5.297  9.177   1.00 34.91  ? 62   THR B CG2 1 
ATOM   1183 N N   . ALA B 1 63 ? 6.527   -3.334  9.033   1.00 36.22  ? 63   ALA B N   1 
ATOM   1184 C CA  . ALA B 1 63 ? 7.533   -3.195  10.079  1.00 36.51  ? 63   ALA B CA  1 
ATOM   1185 C C   . ALA B 1 63 ? 7.700   -1.758  10.629  1.00 36.89  ? 63   ALA B C   1 
ATOM   1186 O O   . ALA B 1 63 ? 7.921   -1.568  11.835  1.00 36.47  ? 63   ALA B O   1 
ATOM   1187 C CB  . ALA B 1 63 ? 8.879   -3.731  9.561   1.00 33.49  ? 63   ALA B CB  1 
ATOM   1188 N N   . ILE B 1 64 ? 7.583   -0.750  9.763   1.00 35.45  ? 64   ILE B N   1 
ATOM   1189 C CA  . ILE B 1 64 ? 7.766   0.632   10.206  1.00 36.01  ? 64   ILE B CA  1 
ATOM   1190 C C   . ILE B 1 64 ? 6.520   1.303   10.776  1.00 37.27  ? 64   ILE B C   1 
ATOM   1191 O O   . ILE B 1 64 ? 6.628   2.300   11.503  1.00 36.40  ? 64   ILE B O   1 
ATOM   1192 C CB  . ILE B 1 64 ? 8.306   1.526   9.056   1.00 35.29  ? 64   ILE B CB  1 
ATOM   1193 C CG1 . ILE B 1 64 ? 9.019   2.741   9.636   1.00 34.15  ? 64   ILE B CG1 1 
ATOM   1194 C CG2 . ILE B 1 64 ? 7.172   2.041   8.194   1.00 31.92  ? 64   ILE B CG2 1 
ATOM   1195 C CD1 . ILE B 1 64 ? 9.759   3.534   8.606   1.00 33.93  ? 64   ILE B CD1 1 
ATOM   1196 N N   . LEU B 1 65 ? 5.350   0.746   10.455  1.00 38.47  ? 65   LEU B N   1 
ATOM   1197 C CA  . LEU B 1 65 ? 4.074   1.307   10.891  1.00 38.67  ? 65   LEU B CA  1 
ATOM   1198 C C   . LEU B 1 65 ? 4.060   1.751   12.345  1.00 39.36  ? 65   LEU B C   1 
ATOM   1199 O O   . LEU B 1 65 ? 4.476   1.017   13.234  1.00 39.88  ? 65   LEU B O   1 
ATOM   1200 C CB  . LEU B 1 65 ? 2.946   0.299   10.671  1.00 37.89  ? 65   LEU B CB  1 
ATOM   1201 C CG  . LEU B 1 65 ? 1.562   0.854   10.304  1.00 35.91  ? 65   LEU B CG  1 
ATOM   1202 C CD1 . LEU B 1 65 ? 0.513   -0.043  10.894  1.00 34.36  ? 65   LEU B CD1 1 
ATOM   1203 C CD2 . LEU B 1 65 ? 1.377   2.254   10.807  1.00 33.72  ? 65   LEU B CD2 1 
ATOM   1204 N N   . SER B 1 66 ? 3.573   2.960   12.575  1.00 39.79  ? 66   SER B N   1 
ATOM   1205 C CA  . SER B 1 66 ? 3.488   3.505   13.917  1.00 42.92  ? 66   SER B CA  1 
ATOM   1206 C C   . SER B 1 66 ? 2.597   4.729   13.843  1.00 45.55  ? 66   SER B C   1 
ATOM   1207 O O   . SER B 1 66 ? 2.142   5.116   12.766  1.00 45.56  ? 66   SER B O   1 
ATOM   1208 C CB  . SER B 1 66 ? 4.867   3.919   14.428  1.00 42.19  ? 66   SER B CB  1 
ATOM   1209 O OG  . SER B 1 66 ? 5.265   5.161   13.862  1.00 40.67  ? 66   SER B OG  1 
ATOM   1210 N N   . GLU B 1 67 ? 2.373   5.353   14.990  1.00 47.88  ? 67   GLU B N   1 
ATOM   1211 C CA  . GLU B 1 67 ? 1.531   6.530   15.054  1.00 51.77  ? 67   GLU B CA  1 
ATOM   1212 C C   . GLU B 1 67 ? 2.180   7.701   14.336  1.00 51.92  ? 67   GLU B C   1 
ATOM   1213 O O   . GLU B 1 67 ? 1.539   8.710   14.084  1.00 53.16  ? 67   GLU B O   1 
ATOM   1214 C CB  . GLU B 1 67 ? 1.260   6.879   16.513  1.00 57.06  ? 67   GLU B CB  1 
ATOM   1215 C CG  . GLU B 1 67 ? 1.064   5.639   17.396  1.00 65.27  ? 67   GLU B CG  1 
ATOM   1216 C CD  . GLU B 1 67 ? 2.374   4.864   17.627  1.00 68.94  ? 67   GLU B CD  1 
ATOM   1217 O OE1 . GLU B 1 67 ? 3.236   5.364   18.393  1.00 69.96  ? 67   GLU B OE1 1 
ATOM   1218 O OE2 . GLU B 1 67 ? 2.544   3.767   17.037  1.00 69.35  ? 67   GLU B OE2 1 
ATOM   1219 N N   . GLU B 1 68 ? 3.454   7.557   13.997  1.00 52.76  ? 68   GLU B N   1 
ATOM   1220 C CA  . GLU B 1 68 ? 4.189   8.601   13.294  1.00 51.71  ? 68   GLU B CA  1 
ATOM   1221 C C   . GLU B 1 68 ? 4.246   8.337   11.799  1.00 49.08  ? 68   GLU B C   1 
ATOM   1222 O O   . GLU B 1 68 ? 4.900   9.072   11.059  1.00 48.19  ? 68   GLU B O   1 
ATOM   1223 C CB  . GLU B 1 68 ? 5.612   8.698   13.828  1.00 55.86  ? 68   GLU B CB  1 
ATOM   1224 C CG  . GLU B 1 68 ? 5.809   9.728   14.916  1.00 63.22  ? 68   GLU B CG  1 
ATOM   1225 C CD  . GLU B 1 68 ? 7.203   9.657   15.528  1.00 68.09  ? 68   GLU B CD  1 
ATOM   1226 O OE1 . GLU B 1 68 ? 7.586   10.600  16.258  1.00 69.90  ? 68   GLU B OE1 1 
ATOM   1227 O OE2 . GLU B 1 68 ? 7.910   8.651   15.283  1.00 69.40  ? 68   GLU B OE2 1 
ATOM   1228 N N   . PHE B 1 69 ? 3.574   7.282   11.353  1.00 46.73  ? 69   PHE B N   1 
ATOM   1229 C CA  . PHE B 1 69 ? 3.566   6.948   9.937   1.00 44.30  ? 69   PHE B CA  1 
ATOM   1230 C C   . PHE B 1 69 ? 3.252   8.200   9.132   1.00 44.40  ? 69   PHE B C   1 
ATOM   1231 O O   . PHE B 1 69 ? 2.437   9.025   9.547   1.00 44.37  ? 69   PHE B O   1 
ATOM   1232 C CB  . PHE B 1 69 ? 2.521   5.880   9.647   1.00 41.80  ? 69   PHE B CB  1 
ATOM   1233 C CG  . PHE B 1 69 ? 2.674   5.236   8.302   1.00 39.61  ? 69   PHE B CG  1 
ATOM   1234 C CD1 . PHE B 1 69 ? 3.885   4.668   7.926   1.00 37.70  ? 69   PHE B CD1 1 
ATOM   1235 C CD2 . PHE B 1 69 ? 1.597   5.158   7.429   1.00 38.57  ? 69   PHE B CD2 1 
ATOM   1236 C CE1 . PHE B 1 69 ? 4.017   4.028   6.702   1.00 38.91  ? 69   PHE B CE1 1 
ATOM   1237 C CE2 . PHE B 1 69 ? 1.717   4.524   6.206   1.00 38.63  ? 69   PHE B CE2 1 
ATOM   1238 C CZ  . PHE B 1 69 ? 2.930   3.953   5.839   1.00 40.03  ? 69   PHE B CZ  1 
ATOM   1239 N N   . SER B 1 70 ? 3.896   8.342   7.981   1.00 43.51  ? 70   SER B N   1 
ATOM   1240 C CA  . SER B 1 70 ? 3.681   9.511   7.154   1.00 44.22  ? 70   SER B CA  1 
ATOM   1241 C C   . SER B 1 70 ? 3.987   9.219   5.699   1.00 45.25  ? 70   SER B C   1 
ATOM   1242 O O   . SER B 1 70 ? 4.647   8.232   5.383   1.00 44.53  ? 70   SER B O   1 
ATOM   1243 C CB  . SER B 1 70 ? 4.584   10.641  7.624   1.00 43.76  ? 70   SER B CB  1 
ATOM   1244 O OG  . SER B 1 70 ? 5.915   10.409  7.204   1.00 46.37  ? 70   SER B OG  1 
ATOM   1245 N N   . ALA B 1 71 ? 3.505   10.087  4.814   1.00 46.00  ? 71   ALA B N   1 
ATOM   1246 C CA  . ALA B 1 71 ? 3.754   9.915   3.392   1.00 46.82  ? 71   ALA B CA  1 
ATOM   1247 C C   . ALA B 1 71 ? 5.253   9.908   3.171   1.00 47.93  ? 71   ALA B C   1 
ATOM   1248 O O   . ALA B 1 71 ? 5.759   9.144   2.349   1.00 49.72  ? 71   ALA B O   1 
ATOM   1249 C CB  . ALA B 1 71 ? 3.130   11.046  2.602   1.00 46.69  ? 71   ALA B CB  1 
ATOM   1250 N N   . ASP B 1 72 ? 5.964   10.754  3.916   1.00 47.64  ? 72   ASP B N   1 
ATOM   1251 C CA  . ASP B 1 72 ? 7.411   10.842  3.780   1.00 46.63  ? 72   ASP B CA  1 
ATOM   1252 C C   . ASP B 1 72 ? 8.060   9.486   4.010   1.00 44.89  ? 72   ASP B C   1 
ATOM   1253 O O   . ASP B 1 72 ? 8.861   9.033   3.189   1.00 45.14  ? 72   ASP B O   1 
ATOM   1254 C CB  . ASP B 1 72 ? 7.991   11.856  4.759   1.00 48.43  ? 72   ASP B CB  1 
ATOM   1255 C CG  . ASP B 1 72 ? 9.354   12.378  4.319   1.00 49.75  ? 72   ASP B CG  1 
ATOM   1256 O OD1 . ASP B 1 72 ? 10.110  12.848  5.190   1.00 52.67  ? 72   ASP B OD1 1 
ATOM   1257 O OD2 . ASP B 1 72 ? 9.672   12.333  3.109   1.00 49.66  ? 72   ASP B OD2 1 
ATOM   1258 N N   . GLN B 1 73 ? 7.714   8.838   5.119   1.00 42.02  ? 73   GLN B N   1 
ATOM   1259 C CA  . GLN B 1 73 ? 8.263   7.518   5.407   1.00 39.90  ? 73   GLN B CA  1 
ATOM   1260 C C   . GLN B 1 73 ? 8.035   6.564   4.247   1.00 39.16  ? 73   GLN B C   1 
ATOM   1261 O O   . GLN B 1 73 ? 8.880   5.715   3.967   1.00 39.56  ? 73   GLN B O   1 
ATOM   1262 C CB  . GLN B 1 73 ? 7.650   6.929   6.674   1.00 37.20  ? 73   GLN B CB  1 
ATOM   1263 C CG  . GLN B 1 73 ? 8.294   7.441   7.921   1.00 36.92  ? 73   GLN B CG  1 
ATOM   1264 C CD  . GLN B 1 73 ? 7.710   6.839   9.162   1.00 39.36  ? 73   GLN B CD  1 
ATOM   1265 O OE1 . GLN B 1 73 ? 8.271   6.968   10.257  1.00 40.42  ? 73   GLN B OE1 1 
ATOM   1266 N NE2 . GLN B 1 73 ? 6.569   6.179   9.014   1.00 39.09  ? 73   GLN B NE2 1 
ATOM   1267 N N   . VAL B 1 74 ? 6.903   6.714   3.563   1.00 38.22  ? 74   VAL B N   1 
ATOM   1268 C CA  . VAL B 1 74 ? 6.595   5.844   2.436   1.00 37.12  ? 74   VAL B CA  1 
ATOM   1269 C C   . VAL B 1 74 ? 7.447   6.176   1.222   1.00 39.13  ? 74   VAL B C   1 
ATOM   1270 O O   . VAL B 1 74 ? 7.789   5.291   0.444   1.00 40.84  ? 74   VAL B O   1 
ATOM   1271 C CB  . VAL B 1 74 ? 5.109   5.929   2.042   1.00 34.39  ? 74   VAL B CB  1 
ATOM   1272 C CG1 . VAL B 1 74 ? 4.811   4.960   0.927   1.00 30.89  ? 74   VAL B CG1 1 
ATOM   1273 C CG2 . VAL B 1 74 ? 4.246   5.592   3.229   1.00 34.87  ? 74   VAL B CG2 1 
ATOM   1274 N N   . VAL B 1 75 ? 7.809   7.439   1.052   1.00 39.65  ? 75   VAL B N   1 
ATOM   1275 C CA  . VAL B 1 75 ? 8.612   7.808   -0.106  1.00 41.16  ? 75   VAL B CA  1 
ATOM   1276 C C   . VAL B 1 75 ? 10.066  7.383   0.048   1.00 42.09  ? 75   VAL B C   1 
ATOM   1277 O O   . VAL B 1 75 ? 10.660  6.791   -0.863  1.00 41.11  ? 75   VAL B O   1 
ATOM   1278 C CB  . VAL B 1 75 ? 8.585   9.334   -0.370  1.00 41.71  ? 75   VAL B CB  1 
ATOM   1279 C CG1 . VAL B 1 75 ? 9.453   9.659   -1.586  1.00 39.09  ? 75   VAL B CG1 1 
ATOM   1280 C CG2 . VAL B 1 75 ? 7.163   9.801   -0.601  1.00 39.42  ? 75   VAL B CG2 1 
ATOM   1281 N N   . THR B 1 76 ? 10.649  7.685   1.199   1.00 42.53  ? 76   THR B N   1 
ATOM   1282 C CA  . THR B 1 76 ? 12.037  7.324   1.386   1.00 42.58  ? 76   THR B CA  1 
ATOM   1283 C C   . THR B 1 76 ? 12.127  5.813   1.355   1.00 43.84  ? 76   THR B C   1 
ATOM   1284 O O   . THR B 1 76 ? 13.053  5.248   0.773   1.00 44.89  ? 76   THR B O   1 
ATOM   1285 C CB  . THR B 1 76 ? 12.611  7.885   2.705   1.00 40.14  ? 76   THR B CB  1 
ATOM   1286 O OG1 . THR B 1 76 ? 12.954  6.810   3.575   1.00 38.57  ? 76   THR B OG1 1 
ATOM   1287 C CG2 . THR B 1 76 ? 11.617  8.793   3.378   1.00 40.20  ? 76   THR B CG2 1 
ATOM   1288 N N   . LEU B 1 77 ? 11.147  5.157   1.959   1.00 44.54  ? 77   LEU B N   1 
ATOM   1289 C CA  . LEU B 1 77 ? 11.127  3.703   1.978   1.00 46.32  ? 77   LEU B CA  1 
ATOM   1290 C C   . LEU B 1 77 ? 11.006  3.230   0.533   1.00 47.89  ? 77   LEU B C   1 
ATOM   1291 O O   . LEU B 1 77 ? 11.500  2.168   0.157   1.00 47.84  ? 77   LEU B O   1 
ATOM   1292 C CB  . LEU B 1 77 ? 9.929   3.222   2.790   1.00 45.64  ? 77   LEU B CB  1 
ATOM   1293 C CG  . LEU B 1 77 ? 10.125  2.028   3.715   1.00 45.02  ? 77   LEU B CG  1 
ATOM   1294 C CD1 . LEU B 1 77 ? 11.380  2.218   4.537   1.00 42.27  ? 77   LEU B CD1 1 
ATOM   1295 C CD2 . LEU B 1 77 ? 8.905   1.897   4.614   1.00 44.23  ? 77   LEU B CD2 1 
ATOM   1296 N N   . LEU B 1 78 ? 10.357  4.054   -0.280  1.00 49.10  ? 78   LEU B N   1 
ATOM   1297 C CA  . LEU B 1 78 ? 10.142  3.748   -1.684  1.00 49.17  ? 78   LEU B CA  1 
ATOM   1298 C C   . LEU B 1 78 ? 11.430  3.999   -2.451  1.00 49.45  ? 78   LEU B C   1 
ATOM   1299 O O   . LEU B 1 78 ? 11.702  3.353   -3.459  1.00 50.14  ? 78   LEU B O   1 
ATOM   1300 C CB  . LEU B 1 78 ? 9.008   4.623   -2.211  1.00 49.43  ? 78   LEU B CB  1 
ATOM   1301 C CG  . LEU B 1 78 ? 8.163   4.151   -3.387  1.00 49.84  ? 78   LEU B CG  1 
ATOM   1302 C CD1 . LEU B 1 78 ? 7.815   2.683   -3.265  1.00 49.16  ? 78   LEU B CD1 1 
ATOM   1303 C CD2 . LEU B 1 78 ? 6.904   4.991   -3.398  1.00 50.50  ? 78   LEU B CD2 1 
ATOM   1304 N N   . SER B 1 79 ? 12.226  4.948   -1.968  1.00 50.35  ? 79   SER B N   1 
ATOM   1305 C CA  . SER B 1 79 ? 13.505  5.248   -2.606  1.00 50.34  ? 79   SER B CA  1 
ATOM   1306 C C   . SER B 1 79 ? 14.454  4.080   -2.372  1.00 49.66  ? 79   SER B C   1 
ATOM   1307 O O   . SER B 1 79 ? 14.932  3.471   -3.319  1.00 48.72  ? 79   SER B O   1 
ATOM   1308 C CB  . SER B 1 79 ? 14.121  6.514   -2.017  1.00 49.84  ? 79   SER B CB  1 
ATOM   1309 O OG  . SER B 1 79 ? 13.342  7.649   -2.326  1.00 52.04  ? 79   SER B OG  1 
ATOM   1310 N N   . GLN B 1 80 ? 14.701  3.779   -1.098  1.00 49.06  ? 80   GLN B N   1 
ATOM   1311 C CA  . GLN B 1 80 ? 15.590  2.698   -0.682  1.00 50.27  ? 80   GLN B CA  1 
ATOM   1312 C C   . GLN B 1 80 ? 15.335  1.377   -1.393  1.00 50.23  ? 80   GLN B C   1 
ATOM   1313 O O   . GLN B 1 80 ? 16.249  0.661   -1.764  1.00 51.01  ? 80   GLN B O   1 
ATOM   1314 C CB  . GLN B 1 80 ? 15.453  2.460   0.823   1.00 51.08  ? 80   GLN B CB  1 
ATOM   1315 C CG  . GLN B 1 80 ? 15.712  3.685   1.674   1.00 56.68  ? 80   GLN B CG  1 
ATOM   1316 C CD  . GLN B 1 80 ? 17.187  4.058   1.747   1.00 59.38  ? 80   GLN B CD  1 
ATOM   1317 O OE1 . GLN B 1 80 ? 17.909  4.001   0.753   1.00 62.22  ? 80   GLN B OE1 1 
ATOM   1318 N NE2 . GLN B 1 80 ? 17.635  4.451   2.927   1.00 59.52  ? 80   GLN B NE2 1 
ATOM   1319 N N   . THR B 1 81 ? 14.075  1.061   -1.593  1.00 50.15  ? 81   THR B N   1 
ATOM   1320 C CA  . THR B 1 81 ? 13.722  -0.201  -2.195  1.00 50.41  ? 81   THR B CA  1 
ATOM   1321 C C   . THR B 1 81 ? 13.669  -0.204  -3.723  1.00 51.43  ? 81   THR B C   1 
ATOM   1322 O O   . THR B 1 81 ? 14.039  -1.182  -4.375  1.00 52.37  ? 81   THR B O   1 
ATOM   1323 C CB  . THR B 1 81 ? 12.357  -0.638  -1.640  1.00 50.26  ? 81   THR B CB  1 
ATOM   1324 O OG1 . THR B 1 81 ? 12.033  -1.941  -2.125  1.00 53.20  ? 81   THR B OG1 1 
ATOM   1325 C CG2 . THR B 1 81 ? 11.272  0.346   -2.065  1.00 46.90  ? 81   THR B CG2 1 
ATOM   1326 N N   . THR B 1 82 ? 13.226  0.907   -4.293  1.00 51.54  ? 82   THR B N   1 
ATOM   1327 C CA  . THR B 1 82 ? 13.048  1.016   -5.727  1.00 49.16  ? 82   THR B CA  1 
ATOM   1328 C C   . THR B 1 82 ? 14.076  1.859   -6.461  1.00 48.91  ? 82   THR B C   1 
ATOM   1329 O O   . THR B 1 82 ? 14.251  1.717   -7.668  1.00 48.56  ? 82   THR B O   1 
ATOM   1330 C CB  . THR B 1 82 ? 11.622  1.555   -5.996  1.00 48.85  ? 82   THR B CB  1 
ATOM   1331 O OG1 . THR B 1 82 ? 10.800  0.483   -6.467  1.00 50.70  ? 82   THR B OG1 1 
ATOM   1332 C CG2 . THR B 1 82 ? 11.626  2.691   -6.988  1.00 48.74  ? 82   THR B CG2 1 
ATOM   1333 N N   . GLY B 1 83 ? 14.761  2.729   -5.735  1.00 48.80  ? 83   GLY B N   1 
ATOM   1334 C CA  . GLY B 1 83 ? 15.734  3.593   -6.366  1.00 48.90  ? 83   GLY B CA  1 
ATOM   1335 C C   . GLY B 1 83 ? 15.031  4.855   -6.829  1.00 50.68  ? 83   GLY B C   1 
ATOM   1336 O O   . GLY B 1 83 ? 15.658  5.772   -7.351  1.00 51.01  ? 83   GLY B O   1 
ATOM   1337 N N   . TRP B 1 84 ? 13.716  4.904   -6.627  1.00 52.60  ? 84   TRP B N   1 
ATOM   1338 C CA  . TRP B 1 84 ? 12.927  6.055   -7.032  1.00 52.51  ? 84   TRP B CA  1 
ATOM   1339 C C   . TRP B 1 84 ? 13.580  7.338   -6.580  1.00 54.10  ? 84   TRP B C   1 
ATOM   1340 O O   . TRP B 1 84 ? 14.063  7.451   -5.449  1.00 51.32  ? 84   TRP B O   1 
ATOM   1341 C CB  . TRP B 1 84 ? 11.512  6.008   -6.449  1.00 51.70  ? 84   TRP B CB  1 
ATOM   1342 C CG  . TRP B 1 84 ? 10.698  7.201   -6.868  1.00 48.35  ? 84   TRP B CG  1 
ATOM   1343 C CD1 . TRP B 1 84 ? 9.964   7.335   -8.013  1.00 47.58  ? 84   TRP B CD1 1 
ATOM   1344 C CD2 . TRP B 1 84 ? 10.630  8.468   -6.200  1.00 45.25  ? 84   TRP B CD2 1 
ATOM   1345 N NE1 . TRP B 1 84 ? 9.451   8.606   -8.099  1.00 46.38  ? 84   TRP B NE1 1 
ATOM   1346 C CE2 . TRP B 1 84 ? 9.848   9.322   -6.999  1.00 43.60  ? 84   TRP B CE2 1 
ATOM   1347 C CE3 . TRP B 1 84 ? 11.165  8.965   -5.005  1.00 44.20  ? 84   TRP B CE3 1 
ATOM   1348 C CZ2 . TRP B 1 84 ? 9.586   10.640  -6.645  1.00 41.96  ? 84   TRP B CZ2 1 
ATOM   1349 C CZ3 . TRP B 1 84 ? 10.903  10.278  -4.655  1.00 43.16  ? 84   TRP B CZ3 1 
ATOM   1350 C CH2 . TRP B 1 84 ? 10.122  11.101  -5.473  1.00 42.13  ? 84   TRP B CH2 1 
ATOM   1351 N N   . LYS B 1 85 ? 13.558  8.312   -7.478  1.00 57.55  ? 85   LYS B N   1 
ATOM   1352 C CA  . LYS B 1 85 ? 14.150  9.609   -7.221  1.00 61.84  ? 85   LYS B CA  1 
ATOM   1353 C C   . LYS B 1 85 ? 13.244  10.671  -7.855  1.00 62.89  ? 85   LYS B C   1 
ATOM   1354 O O   . LYS B 1 85 ? 12.614  10.425  -8.895  1.00 62.60  ? 85   LYS B O   1 
ATOM   1355 C CB  . LYS B 1 85 ? 15.549  9.653   -7.851  1.00 64.03  ? 85   LYS B CB  1 
ATOM   1356 C CG  . LYS B 1 85 ? 16.500  10.644  -7.220  1.00 67.92  ? 85   LYS B CG  1 
ATOM   1357 C CD  . LYS B 1 85 ? 17.371  11.352  -8.274  1.00 73.32  ? 85   LYS B CD  1 
ATOM   1358 C CE  . LYS B 1 85 ? 18.263  10.400  -9.097  1.00 75.02  ? 85   LYS B CE  1 
ATOM   1359 N NZ  . LYS B 1 85 ? 17.526  9.601   -10.132 1.00 75.75  ? 85   LYS B NZ  1 
ATOM   1360 N N   . PRO B 1 86 ? 13.153  11.858  -7.230  1.00 63.98  ? 86   PRO B N   1 
ATOM   1361 C CA  . PRO B 1 86 ? 12.313  12.934  -7.765  1.00 65.42  ? 86   PRO B CA  1 
ATOM   1362 C C   . PRO B 1 86 ? 12.602  13.181  -9.243  1.00 67.79  ? 86   PRO B C   1 
ATOM   1363 O O   . PRO B 1 86 ? 13.753  13.368  -9.638  1.00 68.08  ? 86   PRO B O   1 
ATOM   1364 C CB  . PRO B 1 86 ? 12.699  14.129  -6.903  1.00 63.85  ? 86   PRO B CB  1 
ATOM   1365 C CG  . PRO B 1 86 ? 13.009  13.505  -5.595  1.00 63.38  ? 86   PRO B CG  1 
ATOM   1366 C CD  . PRO B 1 86 ? 13.810  12.280  -5.982  1.00 63.48  ? 86   PRO B CD  1 
ATOM   1367 N N   . SER B 1 87 ? 11.554  13.166  -10.058 1.00 70.62  ? 87   SER B N   1 
ATOM   1368 C CA  . SER B 1 87 ? 11.692  13.400  -11.492 1.00 72.30  ? 87   SER B CA  1 
ATOM   1369 C C   . SER B 1 87 ? 11.153  14.783  -11.861 1.00 74.21  ? 87   SER B C   1 
ATOM   1370 O O   . SER B 1 87 ? 11.658  15.433  -12.777 1.00 74.85  ? 87   SER B O   1 
ATOM   1371 C CB  . SER B 1 87 ? 10.937  12.325  -12.271 1.00 71.89  ? 87   SER B CB  1 
ATOM   1372 O OG  . SER B 1 87 ? 10.893  12.647  -13.645 1.00 71.56  ? 87   SER B OG  1 
ATOM   1373 N N   . GLN B 1 88 ? 10.123  15.218  -11.139 1.00 75.48  ? 88   GLN B N   1 
ATOM   1374 C CA  . GLN B 1 88 ? 9.503   16.517  -11.358 1.00 76.62  ? 88   GLN B CA  1 
ATOM   1375 C C   . GLN B 1 88 ? 9.463   17.287  -10.054 1.00 77.99  ? 88   GLN B C   1 
ATOM   1376 O O   . GLN B 1 88 ? 9.718   16.737  -8.988  1.00 78.99  ? 88   GLN B O   1 
ATOM   1377 C CB  . GLN B 1 88 ? 8.066   16.365  -11.837 1.00 76.87  ? 88   GLN B CB  1 
ATOM   1378 C CG  . GLN B 1 88 ? 7.861   15.516  -13.055 1.00 77.64  ? 88   GLN B CG  1 
ATOM   1379 C CD  . GLN B 1 88 ? 6.443   15.637  -13.549 1.00 78.44  ? 88   GLN B CD  1 
ATOM   1380 O OE1 . GLN B 1 88 ? 5.512   15.727  -12.750 1.00 78.10  ? 88   GLN B OE1 1 
ATOM   1381 N NE2 . GLN B 1 88 ? 6.264   15.639  -14.867 1.00 79.69  ? 88   GLN B NE2 1 
ATOM   1382 N N   . ALA B 1 89 ? 9.117   18.561  -10.138 1.00 79.77  ? 89   ALA B N   1 
ATOM   1383 C CA  . ALA B 1 89 ? 9.024   19.386  -8.947  1.00 81.72  ? 89   ALA B CA  1 
ATOM   1384 C C   . ALA B 1 89 ? 8.489   20.763  -9.295  1.00 83.65  ? 89   ALA B C   1 
ATOM   1385 O O   . ALA B 1 89 ? 8.588   21.212  -10.443 1.00 82.79  ? 89   ALA B O   1 
ATOM   1386 C CB  . ALA B 1 89 ? 10.383  19.507  -8.289  1.00 80.90  ? 89   ALA B CB  1 
ATOM   1387 N N   . ASP B 1 90 ? 7.908   21.419  -8.297  1.00 86.15  ? 90   ASP B N   1 
ATOM   1388 C CA  . ASP B 1 90 ? 7.362   22.756  -8.464  1.00 88.88  ? 90   ASP B CA  1 
ATOM   1389 C C   . ASP B 1 90 ? 8.426   23.564  -9.202  1.00 89.70  ? 90   ASP B C   1 
ATOM   1390 O O   . ASP B 1 90 ? 9.620   23.334  -9.012  1.00 89.58  ? 90   ASP B O   1 
ATOM   1391 C CB  . ASP B 1 90 ? 7.081   23.366  -7.090  1.00 91.33  ? 90   ASP B CB  1 
ATOM   1392 C CG  . ASP B 1 90 ? 6.225   24.612  -7.167  1.00 94.58  ? 90   ASP B CG  1 
ATOM   1393 O OD1 . ASP B 1 90 ? 6.607   25.553  -7.897  1.00 95.99  ? 90   ASP B OD1 1 
ATOM   1394 O OD2 . ASP B 1 90 ? 5.170   24.651  -6.494  1.00 96.45  ? 90   ASP B OD2 1 
ATOM   1395 N N   . ILE B 1 91 ? 8.006   24.495  -10.055 1.00 90.82  ? 91   ILE B N   1 
ATOM   1396 C CA  . ILE B 1 91 ? 8.968   25.289  -10.802 1.00 91.38  ? 91   ILE B CA  1 
ATOM   1397 C C   . ILE B 1 91 ? 9.538   26.429  -9.959  1.00 92.78  ? 91   ILE B C   1 
ATOM   1398 O O   . ILE B 1 91 ? 10.612  26.950  -10.264 1.00 92.30  ? 91   ILE B O   1 
ATOM   1399 C CB  . ILE B 1 91 ? 8.350   25.836  -12.100 1.00 90.88  ? 91   ILE B CB  1 
ATOM   1400 C CG1 . ILE B 1 91 ? 7.709   24.690  -12.887 1.00 90.66  ? 91   ILE B CG1 1 
ATOM   1401 C CG2 . ILE B 1 91 ? 9.430   26.465  -12.963 1.00 90.89  ? 91   ILE B CG2 1 
ATOM   1402 C CD1 . ILE B 1 91 ? 7.161   25.086  -14.241 1.00 89.40  ? 91   ILE B CD1 1 
ATOM   1403 N N   . ARG B 1 92 ? 8.826   26.809  -8.897  1.00 94.56  ? 92   ARG B N   1 
ATOM   1404 C CA  . ARG B 1 92 ? 9.303   27.863  -7.998  1.00 96.06  ? 92   ARG B CA  1 
ATOM   1405 C C   . ARG B 1 92 ? 10.635  27.396  -7.437  1.00 96.32  ? 92   ARG B C   1 
ATOM   1406 O O   . ARG B 1 92 ? 11.537  28.199  -7.194  1.00 96.57  ? 92   ARG B O   1 
ATOM   1407 C CB  . ARG B 1 92 ? 8.338   28.082  -6.828  1.00 98.01  ? 92   ARG B CB  1 
ATOM   1408 C CG  . ARG B 1 92 ? 7.176   29.022  -7.091  1.00 101.15 ? 92   ARG B CG  1 
ATOM   1409 C CD  . ARG B 1 92 ? 6.393   29.285  -5.801  1.00 104.18 ? 92   ARG B CD  1 
ATOM   1410 N NE  . ARG B 1 92 ? 5.292   30.230  -5.995  1.00 107.52 ? 92   ARG B NE  1 
ATOM   1411 C CZ  . ARG B 1 92 ? 4.450   30.618  -5.037  1.00 108.51 ? 92   ARG B CZ  1 
ATOM   1412 N NH1 . ARG B 1 92 ? 3.480   31.482  -5.313  1.00 108.29 ? 92   ARG B NH1 1 
ATOM   1413 N NH2 . ARG B 1 92 ? 4.577   30.142  -3.802  1.00 108.84 ? 92   ARG B NH2 1 
ATOM   1414 N N   . ALA B 1 93 ? 10.744  26.087  -7.227  1.00 96.28  ? 93   ALA B N   1 
ATOM   1415 C CA  . ALA B 1 93 ? 11.961  25.486  -6.700  1.00 96.40  ? 93   ALA B CA  1 
ATOM   1416 C C   . ALA B 1 93 ? 13.080  25.526  -7.734  1.00 96.82  ? 93   ALA B C   1 
ATOM   1417 O O   . ALA B 1 93 ? 13.740  24.523  -8.000  1.00 95.99  ? 93   ALA B O   1 
ATOM   1418 C CB  . ALA B 1 93 ? 11.694  24.057  -6.267  1.00 96.48  ? 93   ALA B CB  1 
ATOM   1419 N N   . VAL B 1 94 ? 13.261  26.697  -8.335  1.00 98.12  ? 94   VAL B N   1 
ATOM   1420 C CA  . VAL B 1 94 ? 14.322  26.931  -9.305  1.00 98.48  ? 94   VAL B CA  1 
ATOM   1421 C C   . VAL B 1 94 ? 15.373  27.607  -8.426  1.00 99.21  ? 94   VAL B C   1 
ATOM   1422 O O   . VAL B 1 94 ? 15.889  28.685  -8.731  1.00 98.86  ? 94   VAL B O   1 
ATOM   1423 C CB  . VAL B 1 94 ? 13.853  27.889  -10.435 1.00 98.09  ? 94   VAL B CB  1 
ATOM   1424 C CG1 . VAL B 1 94 ? 13.394  29.221  -9.852  1.00 97.47  ? 94   VAL B CG1 1 
ATOM   1425 C CG2 . VAL B 1 94 ? 14.972  28.098  -11.436 1.00 97.51  ? 94   VAL B CG2 1 
ATOM   1426 N N   . LEU B 1 95 ? 15.654  26.943  -7.308  1.00 99.71  ? 95   LEU B N   1 
ATOM   1427 C CA  . LEU B 1 95 ? 16.594  27.412  -6.300  1.00 98.81  ? 95   LEU B CA  1 
ATOM   1428 C C   . LEU B 1 95 ? 15.905  28.557  -5.571  1.00 98.88  ? 95   LEU B C   1 
ATOM   1429 O O   . LEU B 1 95 ? 16.614  29.472  -5.113  1.00 99.54  ? 95   LEU B O   1 
ATOM   1430 C CB  . LEU B 1 95 ? 17.895  27.896  -6.953  1.00 98.73  ? 95   LEU B CB  1 
ATOM   1431 C CG  . LEU B 1 95 ? 18.648  26.858  -7.792  1.00 99.06  ? 95   LEU B CG  1 
ATOM   1432 C CD1 . LEU B 1 95 ? 19.813  27.523  -8.512  1.00 98.47  ? 95   LEU B CD1 1 
ATOM   1433 C CD2 . LEU B 1 95 ? 19.125  25.720  -6.894  1.00 97.72  ? 95   LEU B CD2 1 
ATOM   1434 N N   . THR B 1 96 ? 14.658  28.513  -5.458  1.00 96.86  ? 96   THR B N   1 
HETATM 1435 O O   . HOH C 2 .  ? -9.806  12.491  5.392   1.00 44.31  ? 2001 HOH A O   1 
HETATM 1436 O O   . HOH C 2 .  ? -2.375  -5.506  -6.762  1.00 42.85  ? 2002 HOH A O   1 
HETATM 1437 O O   . HOH C 2 .  ? 5.337   -11.954 11.179  1.00 43.12  ? 2003 HOH A O   1 
HETATM 1438 O O   . HOH C 2 .  ? 3.008   -11.396 7.959   1.00 48.23  ? 2004 HOH A O   1 
HETATM 1439 O O   . HOH C 2 .  ? 5.602   -11.098 2.755   1.00 47.64  ? 2005 HOH A O   1 
HETATM 1440 O O   . HOH C 2 .  ? -7.872  7.385   7.230   1.00 52.76  ? 2006 HOH A O   1 
HETATM 1441 O O   . HOH C 2 .  ? -13.175 4.297   3.904   1.00 54.78  ? 2007 HOH A O   1 
HETATM 1442 O O   . HOH C 2 .  ? -0.869  7.665   10.600  1.00 44.16  ? 2008 HOH A O   1 
HETATM 1443 O O   . HOH C 2 .  ? -4.881  13.306  4.002   1.00 49.92  ? 2009 HOH A O   1 
HETATM 1444 O O   . HOH C 2 .  ? -9.811  12.775  2.357   1.00 43.06  ? 2010 HOH A O   1 
HETATM 1445 O O   . HOH C 2 .  ? -7.134  -0.724  -12.821 1.00 41.98  ? 2011 HOH A O   1 
HETATM 1446 O O   . HOH C 2 .  ? -2.243  -3.213  -17.499 1.00 45.68  ? 2012 HOH A O   1 
HETATM 1447 O O   . HOH C 2 .  ? 5.167   5.392   -14.604 1.00 54.29  ? 2013 HOH A O   1 
HETATM 1448 O O   . HOH C 2 .  ? -0.590  2.147   -13.230 1.00 39.65  ? 2014 HOH A O   1 
HETATM 1449 O O   . HOH D 2 .  ? -1.755  -13.441 17.004  1.00 49.59  ? 2001 HOH B O   1 
HETATM 1450 O O   . HOH D 2 .  ? -2.153  -0.902  8.845   1.00 30.56  ? 2002 HOH B O   1 
HETATM 1451 O O   . HOH D 2 .  ? -11.418 3.198   16.543  1.00 50.10  ? 2003 HOH B O   1 
HETATM 1452 O O   . HOH D 2 .  ? -14.055 -6.476  10.501  1.00 37.95  ? 2004 HOH B O   1 
HETATM 1453 O O   . HOH D 2 .  ? -11.460 0.694   -6.857  1.00 44.28  ? 2005 HOH B O   1 
HETATM 1454 O O   . HOH D 2 .  ? 10.658  -9.580  0.967   1.00 35.05  ? 2006 HOH B O   1 
HETATM 1455 O O   . HOH D 2 .  ? 6.161   -9.185  0.475   1.00 50.81  ? 2007 HOH B O   1 
HETATM 1456 O O   . HOH D 2 .  ? 18.080  -1.925  -2.192  1.00 44.62  ? 2008 HOH B O   1 
HETATM 1457 O O   . HOH D 2 .  ? 8.444   -3.969  13.246  1.00 35.14  ? 2009 HOH B O   1 
HETATM 1458 O O   . HOH D 2 .  ? 5.347   0.702   16.530  1.00 43.73  ? 2010 HOH B O   1 
HETATM 1459 O O   . HOH D 2 .  ? 5.813   5.026   11.165  1.00 48.72  ? 2011 HOH B O   1 
HETATM 1460 O O   . HOH D 2 .  ? 13.928  23.685  -10.430 1.00 55.70  ? 2012 HOH B O   1 
# 
